data_1O4N
# 
_entry.id   1O4N 
# 
_audit_conform.dict_name       mmcif_pdbx.dic 
_audit_conform.dict_version    5.376 
_audit_conform.dict_location   http://mmcif.pdb.org/dictionaries/ascii/mmcif_pdbx.dic 
# 
loop_
_database_2.database_id 
_database_2.database_code 
_database_2.pdbx_database_accession 
_database_2.pdbx_DOI 
PDB   1O4N         pdb_00001o4n 10.2210/pdb1o4n/pdb 
RCSB  RCSB001798   ?            ?                   
WWPDB D_1000001798 ?            ?                   
# 
_pdbx_database_status.status_code                     REL 
_pdbx_database_status.entry_id                        1O4N 
_pdbx_database_status.recvd_initial_deposition_date   2003-06-15 
_pdbx_database_status.deposit_site                    RCSB 
_pdbx_database_status.process_site                    RCSB 
_pdbx_database_status.SG_entry                        . 
_pdbx_database_status.pdb_format_compatible           Y 
_pdbx_database_status.status_code_mr                  ? 
_pdbx_database_status.status_code_sf                  ? 
_pdbx_database_status.status_code_cs                  ? 
_pdbx_database_status.status_code_nmr_data            ? 
_pdbx_database_status.methods_development_category    ? 
# 
loop_
_audit_author.name 
_audit_author.pdbx_ordinal 
'Lange, G.'  1 
'Loenze, P.' 2 
'Liesum, A.' 3 
# 
_citation.id                        primary 
_citation.title                     
;Requirements for specific binding of low affinity inhibitor fragments to the SH2 domain of (pp60)Src are identical to those for high affinity binding of full length inhibitors.
;
_citation.journal_abbrev            J.Med.Chem. 
_citation.journal_volume            46 
_citation.page_first                5184 
_citation.page_last                 5195 
_citation.year                      2003 
_citation.journal_id_ASTM           JMCMAR 
_citation.country                   US 
_citation.journal_id_ISSN           0022-2623 
_citation.journal_id_CSD            0151 
_citation.book_publisher            ? 
_citation.pdbx_database_id_PubMed   14613321 
_citation.pdbx_database_id_DOI      10.1021/jm020970s 
# 
loop_
_citation_author.citation_id 
_citation_author.name 
_citation_author.ordinal 
_citation_author.identifier_ORCID 
primary 'Lange, G.'       1  ? 
primary 'Lesuisse, D.'    2  ? 
primary 'Deprez, P.'      3  ? 
primary 'Schoot, B.'      4  ? 
primary 'Loenze, P.'      5  ? 
primary 'Benard, D.'      6  ? 
primary 'Marquette, J.P.' 7  ? 
primary 'Broto, P.'       8  ? 
primary 'Sarubbi, E.'     9  ? 
primary 'Mandine, E.'     10 ? 
# 
_cell.entry_id           1O4N 
_cell.length_a           26.357 
_cell.length_b           58.280 
_cell.length_c           64.663 
_cell.angle_alpha        90.00 
_cell.angle_beta         90.00 
_cell.angle_gamma        90.00 
_cell.Z_PDB              4 
_cell.pdbx_unique_axis   ? 
# 
_symmetry.entry_id                         1O4N 
_symmetry.space_group_name_H-M             'P 21 21 21' 
_symmetry.pdbx_full_space_group_name_H-M   ? 
_symmetry.cell_setting                     ? 
_symmetry.Int_Tables_number                19 
# 
loop_
_entity.id 
_entity.type 
_entity.src_method 
_entity.pdbx_description 
_entity.formula_weight 
_entity.pdbx_number_of_molecules 
_entity.pdbx_ec 
_entity.pdbx_mutation 
_entity.pdbx_fragment 
_entity.details 
1 polymer     man 'PROTO-ONCOGENE TYROSINE-PROTEIN KINASE SRC' 12374.964 1   2.7.1.112 ? 'SH2 DOMAIN' ? 
2 non-polymer syn 'OXALIC ACID'                                90.035    1   ?         ? ?            ? 
3 water       nat water                                        18.015    161 ?         ? ?            ? 
# 
_entity_name_com.entity_id   1 
_entity_name_com.name        'P60-SRC, C-SRC' 
# 
_entity_poly.entity_id                      1 
_entity_poly.type                           'polypeptide(L)' 
_entity_poly.nstd_linkage                   no 
_entity_poly.nstd_monomer                   no 
_entity_poly.pdbx_seq_one_letter_code       
;SIQAEEWYFGKITRRESERLLLNAENPRGTFLVRESETTKGAYCLSVSDFDNAKGLNVKHYKIRKLDSGGFYITSRTQFN
SLQQLVAYYSKHADGLCHRLTTVCPTSK
;
_entity_poly.pdbx_seq_one_letter_code_can   
;SIQAEEWYFGKITRRESERLLLNAENPRGTFLVRESETTKGAYCLSVSDFDNAKGLNVKHYKIRKLDSGGFYITSRTQFN
SLQQLVAYYSKHADGLCHRLTTVCPTSK
;
_entity_poly.pdbx_strand_id                 A 
_entity_poly.pdbx_target_identifier         ? 
# 
loop_
_entity_poly_seq.entity_id 
_entity_poly_seq.num 
_entity_poly_seq.mon_id 
_entity_poly_seq.hetero 
1 1   SER n 
1 2   ILE n 
1 3   GLN n 
1 4   ALA n 
1 5   GLU n 
1 6   GLU n 
1 7   TRP n 
1 8   TYR n 
1 9   PHE n 
1 10  GLY n 
1 11  LYS n 
1 12  ILE n 
1 13  THR n 
1 14  ARG n 
1 15  ARG n 
1 16  GLU n 
1 17  SER n 
1 18  GLU n 
1 19  ARG n 
1 20  LEU n 
1 21  LEU n 
1 22  LEU n 
1 23  ASN n 
1 24  ALA n 
1 25  GLU n 
1 26  ASN n 
1 27  PRO n 
1 28  ARG n 
1 29  GLY n 
1 30  THR n 
1 31  PHE n 
1 32  LEU n 
1 33  VAL n 
1 34  ARG n 
1 35  GLU n 
1 36  SER n 
1 37  GLU n 
1 38  THR n 
1 39  THR n 
1 40  LYS n 
1 41  GLY n 
1 42  ALA n 
1 43  TYR n 
1 44  CYS n 
1 45  LEU n 
1 46  SER n 
1 47  VAL n 
1 48  SER n 
1 49  ASP n 
1 50  PHE n 
1 51  ASP n 
1 52  ASN n 
1 53  ALA n 
1 54  LYS n 
1 55  GLY n 
1 56  LEU n 
1 57  ASN n 
1 58  VAL n 
1 59  LYS n 
1 60  HIS n 
1 61  TYR n 
1 62  LYS n 
1 63  ILE n 
1 64  ARG n 
1 65  LYS n 
1 66  LEU n 
1 67  ASP n 
1 68  SER n 
1 69  GLY n 
1 70  GLY n 
1 71  PHE n 
1 72  TYR n 
1 73  ILE n 
1 74  THR n 
1 75  SER n 
1 76  ARG n 
1 77  THR n 
1 78  GLN n 
1 79  PHE n 
1 80  ASN n 
1 81  SER n 
1 82  LEU n 
1 83  GLN n 
1 84  GLN n 
1 85  LEU n 
1 86  VAL n 
1 87  ALA n 
1 88  TYR n 
1 89  TYR n 
1 90  SER n 
1 91  LYS n 
1 92  HIS n 
1 93  ALA n 
1 94  ASP n 
1 95  GLY n 
1 96  LEU n 
1 97  CYS n 
1 98  HIS n 
1 99  ARG n 
1 100 LEU n 
1 101 THR n 
1 102 THR n 
1 103 VAL n 
1 104 CYS n 
1 105 PRO n 
1 106 THR n 
1 107 SER n 
1 108 LYS n 
# 
_entity_src_gen.entity_id                          1 
_entity_src_gen.pdbx_src_id                        1 
_entity_src_gen.pdbx_alt_source_flag               sample 
_entity_src_gen.pdbx_seq_type                      ? 
_entity_src_gen.pdbx_beg_seq_num                   ? 
_entity_src_gen.pdbx_end_seq_num                   ? 
_entity_src_gen.gene_src_common_name               human 
_entity_src_gen.gene_src_genus                     Homo 
_entity_src_gen.pdbx_gene_src_gene                 SRC 
_entity_src_gen.gene_src_species                   ? 
_entity_src_gen.gene_src_strain                    ? 
_entity_src_gen.gene_src_tissue                    ? 
_entity_src_gen.gene_src_tissue_fraction           ? 
_entity_src_gen.gene_src_details                   ? 
_entity_src_gen.pdbx_gene_src_fragment             ? 
_entity_src_gen.pdbx_gene_src_scientific_name      'Homo sapiens' 
_entity_src_gen.pdbx_gene_src_ncbi_taxonomy_id     9606 
_entity_src_gen.pdbx_gene_src_variant              ? 
_entity_src_gen.pdbx_gene_src_cell_line            ? 
_entity_src_gen.pdbx_gene_src_atcc                 ? 
_entity_src_gen.pdbx_gene_src_organ                ? 
_entity_src_gen.pdbx_gene_src_organelle            ? 
_entity_src_gen.pdbx_gene_src_cell                 ? 
_entity_src_gen.pdbx_gene_src_cellular_location    ? 
_entity_src_gen.host_org_common_name               ? 
_entity_src_gen.pdbx_host_org_scientific_name      'Escherichia coli' 
_entity_src_gen.pdbx_host_org_ncbi_taxonomy_id     562 
_entity_src_gen.host_org_genus                     Escherichia 
_entity_src_gen.pdbx_host_org_gene                 ? 
_entity_src_gen.pdbx_host_org_organ                ? 
_entity_src_gen.host_org_species                   ? 
_entity_src_gen.pdbx_host_org_tissue               ? 
_entity_src_gen.pdbx_host_org_tissue_fraction      ? 
_entity_src_gen.pdbx_host_org_strain               ? 
_entity_src_gen.pdbx_host_org_variant              ? 
_entity_src_gen.pdbx_host_org_cell_line            ? 
_entity_src_gen.pdbx_host_org_atcc                 ? 
_entity_src_gen.pdbx_host_org_culture_collection   ? 
_entity_src_gen.pdbx_host_org_cell                 ? 
_entity_src_gen.pdbx_host_org_organelle            ? 
_entity_src_gen.pdbx_host_org_cellular_location    ? 
_entity_src_gen.pdbx_host_org_vector_type          ? 
_entity_src_gen.pdbx_host_org_vector               ? 
_entity_src_gen.host_org_details                   ? 
_entity_src_gen.expression_system_id               ? 
_entity_src_gen.plasmid_name                       'BL21 (DE3)' 
_entity_src_gen.plasmid_details                    ? 
_entity_src_gen.pdbx_description                   ? 
# 
_struct_ref.id                         1 
_struct_ref.db_name                    UNP 
_struct_ref.db_code                    SRC_HUMAN 
_struct_ref.pdbx_db_accession          P12931 
_struct_ref.entity_id                  1 
_struct_ref.pdbx_seq_one_letter_code   
;SIQAEEWYFGKITRRESERLLLNAENPRGTFLVRESETTKGAYCLSVSDFDNAKGLNVKHYKIRKLDSGGFYITSRTQFN
SLQQLVAYYSKHADGLCHRLTTVCPTSK
;
_struct_ref.pdbx_align_begin           144 
_struct_ref.pdbx_db_isoform            ? 
# 
_struct_ref_seq.align_id                      1 
_struct_ref_seq.ref_id                        1 
_struct_ref_seq.pdbx_PDB_id_code              1O4N 
_struct_ref_seq.pdbx_strand_id                A 
_struct_ref_seq.seq_align_beg                 1 
_struct_ref_seq.pdbx_seq_align_beg_ins_code   ? 
_struct_ref_seq.seq_align_end                 108 
_struct_ref_seq.pdbx_seq_align_end_ins_code   ? 
_struct_ref_seq.pdbx_db_accession             P12931 
_struct_ref_seq.db_align_beg                  144 
_struct_ref_seq.pdbx_db_align_beg_ins_code    ? 
_struct_ref_seq.db_align_end                  251 
_struct_ref_seq.pdbx_db_align_end_ins_code    ? 
_struct_ref_seq.pdbx_auth_seq_align_beg       1 
_struct_ref_seq.pdbx_auth_seq_align_end       108 
# 
loop_
_chem_comp.id 
_chem_comp.type 
_chem_comp.mon_nstd_flag 
_chem_comp.name 
_chem_comp.pdbx_synonyms 
_chem_comp.formula 
_chem_comp.formula_weight 
ALA 'L-peptide linking' y ALANINE         ? 'C3 H7 N O2'     89.093  
ARG 'L-peptide linking' y ARGININE        ? 'C6 H15 N4 O2 1' 175.209 
ASN 'L-peptide linking' y ASPARAGINE      ? 'C4 H8 N2 O3'    132.118 
ASP 'L-peptide linking' y 'ASPARTIC ACID' ? 'C4 H7 N O4'     133.103 
CYS 'L-peptide linking' y CYSTEINE        ? 'C3 H7 N O2 S'   121.158 
GLN 'L-peptide linking' y GLUTAMINE       ? 'C5 H10 N2 O3'   146.144 
GLU 'L-peptide linking' y 'GLUTAMIC ACID' ? 'C5 H9 N O4'     147.129 
GLY 'peptide linking'   y GLYCINE         ? 'C2 H5 N O2'     75.067  
HIS 'L-peptide linking' y HISTIDINE       ? 'C6 H10 N3 O2 1' 156.162 
HOH non-polymer         . WATER           ? 'H2 O'           18.015  
ILE 'L-peptide linking' y ISOLEUCINE      ? 'C6 H13 N O2'    131.173 
LEU 'L-peptide linking' y LEUCINE         ? 'C6 H13 N O2'    131.173 
LYS 'L-peptide linking' y LYSINE          ? 'C6 H15 N2 O2 1' 147.195 
OXD non-polymer         . 'OXALIC ACID'   ? 'C2 H2 O4'       90.035  
PHE 'L-peptide linking' y PHENYLALANINE   ? 'C9 H11 N O2'    165.189 
PRO 'L-peptide linking' y PROLINE         ? 'C5 H9 N O2'     115.130 
SER 'L-peptide linking' y SERINE          ? 'C3 H7 N O3'     105.093 
THR 'L-peptide linking' y THREONINE       ? 'C4 H9 N O3'     119.119 
TRP 'L-peptide linking' y TRYPTOPHAN      ? 'C11 H12 N2 O2'  204.225 
TYR 'L-peptide linking' y TYROSINE        ? 'C9 H11 N O3'    181.189 
VAL 'L-peptide linking' y VALINE          ? 'C5 H11 N O2'    117.146 
# 
_exptl.entry_id          1O4N 
_exptl.method            'X-RAY DIFFRACTION' 
_exptl.crystals_number   1 
# 
_exptl_crystal.id                    1 
_exptl_crystal.density_meas          ? 
_exptl_crystal.density_Matthews      2.2 
_exptl_crystal.density_percent_sol   41.9 
_exptl_crystal.description           ? 
# 
_exptl_crystal_grow.crystal_id      1 
_exptl_crystal_grow.method          ? 
_exptl_crystal_grow.temp            ? 
_exptl_crystal_grow.temp_details    ? 
_exptl_crystal_grow.pH              5.50 
_exptl_crystal_grow.pdbx_pH_range   ? 
_exptl_crystal_grow.pdbx_details    'pH 5.50' 
# 
_diffrn.id                     1 
_diffrn.ambient_temp           100.0 
_diffrn.ambient_temp_details   ? 
_diffrn.crystal_id             1 
# 
_diffrn_detector.diffrn_id              1 
_diffrn_detector.detector               'IMAGE PLATE' 
_diffrn_detector.type                   'MAR scanner 345 mm plate' 
_diffrn_detector.pdbx_collection_date   1998-03-10 
_diffrn_detector.details                ? 
# 
_diffrn_radiation.diffrn_id                        1 
_diffrn_radiation.wavelength_id                    1 
_diffrn_radiation.pdbx_monochromatic_or_laue_m_l   M 
_diffrn_radiation.monochromator                    GRAPHITE 
_diffrn_radiation.pdbx_diffrn_protocol             'SINGLE WAVELENGTH' 
_diffrn_radiation.pdbx_scattering_type             x-ray 
# 
_diffrn_radiation_wavelength.id           1 
_diffrn_radiation_wavelength.wavelength   1.5418 
_diffrn_radiation_wavelength.wt           1.0 
# 
_diffrn_source.diffrn_id                   1 
_diffrn_source.source                      'ROTATING ANODE' 
_diffrn_source.type                        'ELLIOTT GX-21' 
_diffrn_source.pdbx_synchrotron_site       ? 
_diffrn_source.pdbx_synchrotron_beamline   ? 
_diffrn_source.pdbx_wavelength             1.5418 
_diffrn_source.pdbx_wavelength_list        ? 
# 
_reflns.entry_id                     1O4N 
_reflns.observed_criterion_sigma_I   -3.000 
_reflns.observed_criterion_sigma_F   ? 
_reflns.d_resolution_low             40.000 
_reflns.d_resolution_high            1.60 
_reflns.number_obs                   14661 
_reflns.number_all                   ? 
_reflns.percent_possible_obs         97.2 
_reflns.pdbx_Rmerge_I_obs            0.048 
_reflns.pdbx_Rsym_value              ? 
_reflns.pdbx_netI_over_sigmaI        26 
_reflns.B_iso_Wilson_estimate        ? 
_reflns.pdbx_redundancy              ? 
_reflns.pdbx_diffrn_id               1 
_reflns.pdbx_ordinal                 1 
# 
_reflns_shell.d_res_high             1.60 
_reflns_shell.d_res_low              1.65 
_reflns_shell.percent_possible_all   98.2 
_reflns_shell.Rmerge_I_obs           0.09 
_reflns_shell.pdbx_Rsym_value        ? 
_reflns_shell.meanI_over_sigI_obs    9 
_reflns_shell.pdbx_redundancy        ? 
_reflns_shell.pdbx_diffrn_id         ? 
_reflns_shell.pdbx_ordinal           1 
# 
_refine.entry_id                                 1O4N 
_refine.ls_number_reflns_obs                     14661 
_refine.ls_number_reflns_all                     ? 
_refine.pdbx_ls_sigma_I                          ? 
_refine.pdbx_ls_sigma_F                          ? 
_refine.pdbx_data_cutoff_high_absF               1000000.000 
_refine.pdbx_data_cutoff_low_absF                0.1000 
_refine.pdbx_data_cutoff_high_rms_absF           ? 
_refine.ls_d_res_low                             8.00 
_refine.ls_d_res_high                            1.60 
_refine.ls_percent_reflns_obs                    97.2 
_refine.ls_R_factor_obs                          0.209 
_refine.ls_R_factor_all                          ? 
_refine.ls_R_factor_R_work                       0.209 
_refine.ls_R_factor_R_free                       ? 
_refine.ls_R_factor_R_free_error                 ? 
_refine.ls_R_factor_R_free_error_details         ? 
_refine.ls_percent_reflns_R_free                 ? 
_refine.ls_number_reflns_R_free                  ? 
_refine.ls_number_parameters                     ? 
_refine.ls_number_restraints                     ? 
_refine.occupancy_min                            ? 
_refine.occupancy_max                            ? 
_refine.correlation_coeff_Fo_to_Fc               ? 
_refine.correlation_coeff_Fo_to_Fc_free          ? 
_refine.B_iso_mean                               21.6 
_refine.aniso_B[1][1]                            ? 
_refine.aniso_B[2][2]                            ? 
_refine.aniso_B[3][3]                            ? 
_refine.aniso_B[1][2]                            ? 
_refine.aniso_B[1][3]                            ? 
_refine.aniso_B[2][3]                            ? 
_refine.solvent_model_details                    ? 
_refine.solvent_model_param_ksol                 ? 
_refine.solvent_model_param_bsol                 ? 
_refine.pdbx_solvent_vdw_probe_radii             ? 
_refine.pdbx_solvent_ion_probe_radii             ? 
_refine.pdbx_solvent_shrinkage_radii             ? 
_refine.pdbx_ls_cross_valid_method               ? 
_refine.details                                  ? 
_refine.pdbx_starting_model                      1SHD 
_refine.pdbx_method_to_determine_struct          MR 
_refine.pdbx_isotropic_thermal_model             ? 
_refine.pdbx_stereochemistry_target_values       ? 
_refine.pdbx_stereochem_target_val_spec_case     ? 
_refine.pdbx_R_Free_selection_details            ? 
_refine.pdbx_overall_ESU_R                       ? 
_refine.pdbx_overall_ESU_R_Free                  ? 
_refine.overall_SU_ML                            ? 
_refine.overall_SU_B                             ? 
_refine.pdbx_refine_id                           'X-RAY DIFFRACTION' 
_refine.pdbx_diffrn_id                           1 
_refine.pdbx_TLS_residual_ADP_flag               ? 
_refine.pdbx_overall_phase_error                 ? 
_refine.overall_SU_R_Cruickshank_DPI             ? 
_refine.pdbx_overall_SU_R_free_Cruickshank_DPI   ? 
_refine.pdbx_overall_SU_R_Blow_DPI               ? 
_refine.pdbx_overall_SU_R_free_Blow_DPI          ? 
# 
_refine_hist.pdbx_refine_id                   'X-RAY DIFFRACTION' 
_refine_hist.cycle_id                         LAST 
_refine_hist.pdbx_number_atoms_protein        856 
_refine_hist.pdbx_number_atoms_nucleic_acid   0 
_refine_hist.pdbx_number_atoms_ligand         6 
_refine_hist.number_atoms_solvent             161 
_refine_hist.number_atoms_total               1023 
_refine_hist.d_res_high                       1.60 
_refine_hist.d_res_low                        8.00 
# 
loop_
_refine_ls_restr.type 
_refine_ls_restr.dev_ideal 
_refine_ls_restr.dev_ideal_target 
_refine_ls_restr.weight 
_refine_ls_restr.number 
_refine_ls_restr.pdbx_refine_id 
_refine_ls_restr.pdbx_restraint_function 
x_bond_d                0.013 ? ? ? 'X-RAY DIFFRACTION' ? 
x_bond_d_na             ?     ? ? ? 'X-RAY DIFFRACTION' ? 
x_bond_d_prot           ?     ? ? ? 'X-RAY DIFFRACTION' ? 
x_angle_d               ?     ? ? ? 'X-RAY DIFFRACTION' ? 
x_angle_d_na            ?     ? ? ? 'X-RAY DIFFRACTION' ? 
x_angle_d_prot          ?     ? ? ? 'X-RAY DIFFRACTION' ? 
x_angle_deg             1.1   ? ? ? 'X-RAY DIFFRACTION' ? 
x_angle_deg_na          ?     ? ? ? 'X-RAY DIFFRACTION' ? 
x_angle_deg_prot        ?     ? ? ? 'X-RAY DIFFRACTION' ? 
x_dihedral_angle_d      ?     ? ? ? 'X-RAY DIFFRACTION' ? 
x_dihedral_angle_d_na   ?     ? ? ? 'X-RAY DIFFRACTION' ? 
x_dihedral_angle_d_prot ?     ? ? ? 'X-RAY DIFFRACTION' ? 
x_improper_angle_d      ?     ? ? ? 'X-RAY DIFFRACTION' ? 
x_improper_angle_d_na   ?     ? ? ? 'X-RAY DIFFRACTION' ? 
x_improper_angle_d_prot ?     ? ? ? 'X-RAY DIFFRACTION' ? 
x_mcbond_it             ?     ? ? ? 'X-RAY DIFFRACTION' ? 
x_mcangle_it            ?     ? ? ? 'X-RAY DIFFRACTION' ? 
x_scbond_it             ?     ? ? ? 'X-RAY DIFFRACTION' ? 
x_scangle_it            ?     ? ? ? 'X-RAY DIFFRACTION' ? 
# 
_struct.entry_id                  1O4N 
_struct.title                     'CRYSTAL STRUCTURE OF SH2 IN COMPLEX WITH OXALIC ACID.' 
_struct.pdbx_model_details        ? 
_struct.pdbx_CASP_flag            ? 
_struct.pdbx_model_type_details   ? 
# 
_struct_keywords.entry_id        1O4N 
_struct_keywords.pdbx_keywords   'SIGNALING PROTEIN' 
_struct_keywords.text            'SH2 DOMAIN FRAGMENT APPROACH, SIGNALING PROTEIN' 
# 
loop_
_struct_asym.id 
_struct_asym.pdbx_blank_PDB_chainid_flag 
_struct_asym.pdbx_modified 
_struct_asym.entity_id 
_struct_asym.details 
A N N 1 ? 
B N N 2 ? 
C N N 3 ? 
# 
_struct_biol.id   1 
# 
loop_
_struct_conf.conf_type_id 
_struct_conf.id 
_struct_conf.pdbx_PDB_helix_id 
_struct_conf.beg_label_comp_id 
_struct_conf.beg_label_asym_id 
_struct_conf.beg_label_seq_id 
_struct_conf.pdbx_beg_PDB_ins_code 
_struct_conf.end_label_comp_id 
_struct_conf.end_label_asym_id 
_struct_conf.end_label_seq_id 
_struct_conf.pdbx_end_PDB_ins_code 
_struct_conf.beg_auth_comp_id 
_struct_conf.beg_auth_asym_id 
_struct_conf.beg_auth_seq_id 
_struct_conf.end_auth_comp_id 
_struct_conf.end_auth_asym_id 
_struct_conf.end_auth_seq_id 
_struct_conf.pdbx_PDB_helix_class 
_struct_conf.details 
_struct_conf.pdbx_PDB_helix_length 
HELX_P HELX_P1 1 THR A 13 ? LEU A 22 ? THR A 13 LEU A 22 1 ? 10 
HELX_P HELX_P2 2 SER A 81 ? SER A 90 ? SER A 81 SER A 90 1 ? 10 
# 
_struct_conf_type.id          HELX_P 
_struct_conf_type.criteria    ? 
_struct_conf_type.reference   ? 
# 
_struct_sheet.id               A 
_struct_sheet.type             ? 
_struct_sheet.number_strands   5 
_struct_sheet.details          ? 
# 
loop_
_struct_sheet_order.sheet_id 
_struct_sheet_order.range_id_1 
_struct_sheet_order.range_id_2 
_struct_sheet_order.offset 
_struct_sheet_order.sense 
A 1 2 ? anti-parallel 
A 2 3 ? anti-parallel 
A 3 4 ? anti-parallel 
A 4 5 ? anti-parallel 
# 
loop_
_struct_sheet_range.sheet_id 
_struct_sheet_range.id 
_struct_sheet_range.beg_label_comp_id 
_struct_sheet_range.beg_label_asym_id 
_struct_sheet_range.beg_label_seq_id 
_struct_sheet_range.pdbx_beg_PDB_ins_code 
_struct_sheet_range.end_label_comp_id 
_struct_sheet_range.end_label_asym_id 
_struct_sheet_range.end_label_seq_id 
_struct_sheet_range.pdbx_end_PDB_ins_code 
_struct_sheet_range.beg_auth_comp_id 
_struct_sheet_range.beg_auth_asym_id 
_struct_sheet_range.beg_auth_seq_id 
_struct_sheet_range.end_auth_comp_id 
_struct_sheet_range.end_auth_asym_id 
_struct_sheet_range.end_auth_seq_id 
A 1 PHE A 31 ? GLU A 35 ? PHE A 31 GLU A 35 
A 2 TYR A 43 ? ASP A 51 ? TYR A 43 ASP A 51 
A 3 GLY A 55 ? LYS A 65 ? GLY A 55 LYS A 65 
A 4 PHE A 71 ? TYR A 72 ? PHE A 71 TYR A 72 
A 5 GLN A 78 ? PHE A 79 ? GLN A 78 PHE A 79 
# 
loop_
_pdbx_struct_sheet_hbond.sheet_id 
_pdbx_struct_sheet_hbond.range_id_1 
_pdbx_struct_sheet_hbond.range_id_2 
_pdbx_struct_sheet_hbond.range_1_label_atom_id 
_pdbx_struct_sheet_hbond.range_1_label_comp_id 
_pdbx_struct_sheet_hbond.range_1_label_asym_id 
_pdbx_struct_sheet_hbond.range_1_label_seq_id 
_pdbx_struct_sheet_hbond.range_1_PDB_ins_code 
_pdbx_struct_sheet_hbond.range_1_auth_atom_id 
_pdbx_struct_sheet_hbond.range_1_auth_comp_id 
_pdbx_struct_sheet_hbond.range_1_auth_asym_id 
_pdbx_struct_sheet_hbond.range_1_auth_seq_id 
_pdbx_struct_sheet_hbond.range_2_label_atom_id 
_pdbx_struct_sheet_hbond.range_2_label_comp_id 
_pdbx_struct_sheet_hbond.range_2_label_asym_id 
_pdbx_struct_sheet_hbond.range_2_label_seq_id 
_pdbx_struct_sheet_hbond.range_2_PDB_ins_code 
_pdbx_struct_sheet_hbond.range_2_auth_atom_id 
_pdbx_struct_sheet_hbond.range_2_auth_comp_id 
_pdbx_struct_sheet_hbond.range_2_auth_asym_id 
_pdbx_struct_sheet_hbond.range_2_auth_seq_id 
A 1 2 N LEU A 32 ? N LEU A 32 O SER A 46 ? O SER A 46 
A 2 3 N LEU A 45 ? N LEU A 45 O TYR A 61 ? O TYR A 61 
A 3 4 N ARG A 64 ? N ARG A 64 O TYR A 72 ? O TYR A 72 
A 4 5 N PHE A 71 ? N PHE A 71 O PHE A 79 ? O PHE A 79 
# 
_struct_site.id                   AC1 
_struct_site.pdbx_evidence_code   Software 
_struct_site.pdbx_auth_asym_id    A 
_struct_site.pdbx_auth_comp_id    OXD 
_struct_site.pdbx_auth_seq_id     109 
_struct_site.pdbx_auth_ins_code   ? 
_struct_site.pdbx_num_residues    6 
_struct_site.details              'BINDING SITE FOR RESIDUE OXD A 109' 
# 
loop_
_struct_site_gen.id 
_struct_site_gen.site_id 
_struct_site_gen.pdbx_num_res 
_struct_site_gen.label_comp_id 
_struct_site_gen.label_asym_id 
_struct_site_gen.label_seq_id 
_struct_site_gen.pdbx_auth_ins_code 
_struct_site_gen.auth_comp_id 
_struct_site_gen.auth_asym_id 
_struct_site_gen.auth_seq_id 
_struct_site_gen.label_atom_id 
_struct_site_gen.label_alt_id 
_struct_site_gen.symmetry 
_struct_site_gen.details 
1 AC1 6 ARG A 14 ? ARG A 14 . ? 1_555 ? 
2 AC1 6 ARG A 34 ? ARG A 34 . ? 1_555 ? 
3 AC1 6 SER A 36 ? SER A 36 . ? 1_555 ? 
4 AC1 6 GLU A 37 ? GLU A 37 . ? 1_555 ? 
5 AC1 6 THR A 38 ? THR A 38 . ? 1_555 ? 
6 AC1 6 CYS A 44 ? CYS A 44 . ? 1_555 ? 
# 
_atom_sites.entry_id                    1O4N 
_atom_sites.fract_transf_matrix[1][1]   -0.03384425 
_atom_sites.fract_transf_matrix[1][2]   -0.00342222 
_atom_sites.fract_transf_matrix[1][3]   -0.01680400 
_atom_sites.fract_transf_matrix[2][1]   0.00388669 
_atom_sites.fract_transf_matrix[2][2]   -0.01608087 
_atom_sites.fract_transf_matrix[2][3]   -0.00455307 
_atom_sites.fract_transf_matrix[3][1]   -0.00604893 
_atom_sites.fract_transf_matrix[3][2]   -0.00521195 
_atom_sites.fract_transf_matrix[3][3]   0.01324433 
_atom_sites.fract_transf_vector[1]      0.386776 
_atom_sites.fract_transf_vector[2]      0.328924 
_atom_sites.fract_transf_vector[3]      0.314560 
# 
loop_
_atom_type.symbol 
C 
N 
O 
S 
# 
loop_
_atom_site.group_PDB 
_atom_site.id 
_atom_site.type_symbol 
_atom_site.label_atom_id 
_atom_site.label_alt_id 
_atom_site.label_comp_id 
_atom_site.label_asym_id 
_atom_site.label_entity_id 
_atom_site.label_seq_id 
_atom_site.pdbx_PDB_ins_code 
_atom_site.Cartn_x 
_atom_site.Cartn_y 
_atom_site.Cartn_z 
_atom_site.occupancy 
_atom_site.B_iso_or_equiv 
_atom_site.pdbx_formal_charge 
_atom_site.auth_seq_id 
_atom_site.auth_comp_id 
_atom_site.auth_asym_id 
_atom_site.auth_atom_id 
_atom_site.pdbx_PDB_model_num 
ATOM   1    N N   . SER A 1 1   ? 11.563  10.171  -7.571  1.00 46.96 ? 1   SER A N   1 
ATOM   2    C CA  . SER A 1 1   ? 11.827  8.750   -7.924  1.00 46.78 ? 1   SER A CA  1 
ATOM   3    C C   . SER A 1 1   ? 11.052  7.869   -6.975  1.00 46.08 ? 1   SER A C   1 
ATOM   4    O O   . SER A 1 1   ? 11.352  7.910   -5.791  1.00 46.70 ? 1   SER A O   1 
ATOM   5    C CB  . SER A 1 1   ? 13.307  8.406   -7.764  1.00 47.28 ? 1   SER A CB  1 
ATOM   6    O OG  . SER A 1 1   ? 13.552  7.064   -8.213  1.00 50.01 ? 1   SER A OG  1 
ATOM   7    N N   . ILE A 1 2   ? 10.144  7.013   -7.476  1.00 45.00 ? 2   ILE A N   1 
ATOM   8    C CA  . ILE A 1 2   ? 9.389   6.090   -6.590  1.00 43.45 ? 2   ILE A CA  1 
ATOM   9    C C   . ILE A 1 2   ? 10.395  5.008   -6.144  1.00 42.21 ? 2   ILE A C   1 
ATOM   10   O O   . ILE A 1 2   ? 10.386  4.512   -4.991  1.00 41.21 ? 2   ILE A O   1 
ATOM   11   C CB  . ILE A 1 2   ? 8.195   5.488   -7.264  1.00 42.71 ? 2   ILE A CB  1 
ATOM   12   C CG1 . ILE A 1 2   ? 8.673   4.403   -8.175  1.00 44.50 ? 2   ILE A CG1 1 
ATOM   13   C CG2 . ILE A 1 2   ? 7.331   6.556   -7.945  1.00 40.60 ? 2   ILE A CG2 1 
ATOM   14   C CD1 . ILE A 1 2   ? 8.129   3.204   -7.650  1.00 46.19 ? 2   ILE A CD1 1 
ATOM   15   N N   . GLN A 1 3   ? 11.272  4.596   -7.045  1.00 41.58 ? 3   GLN A N   1 
ATOM   16   C CA  . GLN A 1 3   ? 12.243  3.655   -6.504  1.00 41.18 ? 3   GLN A CA  1 
ATOM   17   C C   . GLN A 1 3   ? 12.987  4.548   -5.380  1.00 39.46 ? 3   GLN A C   1 
ATOM   18   O O   . GLN A 1 3   ? 12.748  5.840   -5.260  1.00 39.24 ? 3   GLN A O   1 
ATOM   19   C CB  . GLN A 1 3   ? 13.180  3.194   -7.638  1.00 45.65 ? 3   GLN A CB  1 
ATOM   20   C CG  . GLN A 1 3   ? 12.549  2.204   -8.774  1.00 53.12 ? 3   GLN A CG  1 
ATOM   21   C CD  . GLN A 1 3   ? 13.033  0.620   -8.762  1.00 58.89 ? 3   GLN A CD  1 
ATOM   22   O OE1 . GLN A 1 3   ? 12.699  -0.265  -7.859  1.00 61.36 ? 3   GLN A OE1 1 
ATOM   23   N NE2 . GLN A 1 3   ? 13.822  0.306   -9.768  1.00 61.16 ? 3   GLN A NE2 1 
ATOM   24   N N   . ALA A 1 4   ? 13.870  3.989   -4.574  1.00 36.95 ? 4   ALA A N   1 
ATOM   25   C CA  . ALA A 1 4   ? 14.511  4.958   -3.550  1.00 34.46 ? 4   ALA A CA  1 
ATOM   26   C C   . ALA A 1 4   ? 13.522  5.284   -2.430  1.00 31.81 ? 4   ALA A C   1 
ATOM   27   O O   . ALA A 1 4   ? 14.027  5.702   -1.363  1.00 31.83 ? 4   ALA A O   1 
ATOM   28   C CB  . ALA A 1 4   ? 14.947  6.389   -4.185  1.00 35.39 ? 4   ALA A CB  1 
ATOM   29   N N   . GLU A 1 5   ? 12.197  5.399   -2.723  1.00 28.12 ? 5   GLU A N   1 
ATOM   30   C CA  . GLU A 1 5   ? 11.286  5.549   -1.576  1.00 24.73 ? 5   GLU A CA  1 
ATOM   31   C C   . GLU A 1 5   ? 11.496  4.293   -0.697  1.00 21.24 ? 5   GLU A C   1 
ATOM   32   O O   . GLU A 1 5   ? 11.477  3.125   -1.130  1.00 20.30 ? 5   GLU A O   1 
ATOM   33   C CB  . GLU A 1 5   ? 9.816   5.685   -2.051  1.00 24.17 ? 5   GLU A CB  1 
ATOM   34   C CG  . GLU A 1 5   ? 9.647   6.893   -2.946  1.00 23.94 ? 5   GLU A CG  1 
ATOM   35   C CD  . GLU A 1 5   ? 10.044  8.108   -2.167  1.00 25.31 ? 5   GLU A CD  1 
ATOM   36   O OE1 . GLU A 1 5   ? 10.252  9.161   -2.750  1.00 24.25 ? 5   GLU A OE1 1 
ATOM   37   O OE2 . GLU A 1 5   ? 10.034  8.032   -0.920  1.00 25.87 ? 5   GLU A OE2 1 
ATOM   38   N N   . GLU A 1 6   ? 11.694  4.491   0.583   1.00 19.14 ? 6   GLU A N   1 
ATOM   39   C CA  . GLU A 1 6   ? 11.919  3.284   1.500   1.00 17.35 ? 6   GLU A CA  1 
ATOM   40   C C   . GLU A 1 6   ? 10.698  2.298   1.603   1.00 15.77 ? 6   GLU A C   1 
ATOM   41   O O   . GLU A 1 6   ? 10.934  1.086   1.931   1.00 15.19 ? 6   GLU A O   1 
ATOM   42   C CB  . GLU A 1 6   ? 12.388  3.653   2.929   1.00 16.28 ? 6   GLU A CB  1 
ATOM   43   C CG  . GLU A 1 6   ? 11.418  4.250   3.782   1.00 14.65 ? 6   GLU A CG  1 
ATOM   44   C CD  . GLU A 1 6   ? 10.967  5.767   3.444   1.00 16.03 ? 6   GLU A CD  1 
ATOM   45   O OE1 . GLU A 1 6   ? 10.027  6.299   4.255   1.00 15.90 ? 6   GLU A OE1 1 
ATOM   46   O OE2 . GLU A 1 6   ? 11.531  6.399   2.450   1.00 15.99 ? 6   GLU A OE2 1 
ATOM   47   N N   . TRP A 1 7   ? 9.468   2.838   1.333   1.00 14.33 ? 7   TRP A N   1 
ATOM   48   C CA  . TRP A 1 7   ? 8.219   1.991   1.391   1.00 13.91 ? 7   TRP A CA  1 
ATOM   49   C C   . TRP A 1 7   ? 7.988   1.304   -0.012  1.00 14.91 ? 7   TRP A C   1 
ATOM   50   O O   . TRP A 1 7   ? 7.002   0.558   -0.176  1.00 14.70 ? 7   TRP A O   1 
ATOM   51   C CB  . TRP A 1 7   ? 6.979   2.793   1.872   1.00 11.29 ? 7   TRP A CB  1 
ATOM   52   C CG  . TRP A 1 7   ? 6.948   4.145   1.242   1.00 12.66 ? 7   TRP A CG  1 
ATOM   53   C CD1 . TRP A 1 7   ? 7.230   5.371   1.902   1.00 14.18 ? 7   TRP A CD1 1 
ATOM   54   C CD2 . TRP A 1 7   ? 6.591   4.516   -0.110  1.00 12.46 ? 7   TRP A CD2 1 
ATOM   55   N NE1 . TRP A 1 7   ? 7.063   6.418   1.035   1.00 13.58 ? 7   TRP A NE1 1 
ATOM   56   C CE2 . TRP A 1 7   ? 6.682   5.945   -0.200  1.00 14.69 ? 7   TRP A CE2 1 
ATOM   57   C CE3 . TRP A 1 7   ? 6.215   3.802   -1.270  1.00 13.78 ? 7   TRP A CE3 1 
ATOM   58   C CZ2 . TRP A 1 7   ? 6.412   6.654   -1.451  1.00 17.98 ? 7   TRP A CZ2 1 
ATOM   59   C CZ3 . TRP A 1 7   ? 5.976   4.489   -2.435  1.00 16.90 ? 7   TRP A CZ3 1 
ATOM   60   C CH2 . TRP A 1 7   ? 6.077   5.887   -2.553  1.00 16.28 ? 7   TRP A CH2 1 
ATOM   61   N N   . TYR A 1 8   ? 8.891   1.569   -0.993  1.00 14.81 ? 8   TYR A N   1 
ATOM   62   C CA  . TYR A 1 8   ? 8.702   0.923   -2.267  1.00 15.33 ? 8   TYR A CA  1 
ATOM   63   C C   . TYR A 1 8   ? 9.486   -0.369  -2.248  1.00 16.16 ? 8   TYR A C   1 
ATOM   64   O O   . TYR A 1 8   ? 10.751  -0.340  -2.265  1.00 17.37 ? 8   TYR A O   1 
ATOM   65   C CB  . TYR A 1 8   ? 9.146   1.818   -3.413  1.00 16.40 ? 8   TYR A CB  1 
ATOM   66   C CG  . TYR A 1 8   ? 8.748   1.256   -4.777  1.00 18.45 ? 8   TYR A CG  1 
ATOM   67   C CD1 . TYR A 1 8   ? 7.338   1.162   -5.153  1.00 18.40 ? 8   TYR A CD1 1 
ATOM   68   C CD2 . TYR A 1 8   ? 9.742   0.704   -5.641  1.00 19.14 ? 8   TYR A CD2 1 
ATOM   69   C CE1 . TYR A 1 8   ? 6.955   0.521   -6.362  1.00 17.90 ? 8   TYR A CE1 1 
ATOM   70   C CE2 . TYR A 1 8   ? 9.383   0.043   -6.858  1.00 17.62 ? 8   TYR A CE2 1 
ATOM   71   C CZ  . TYR A 1 8   ? 7.987   -0.041  -7.191  1.00 21.14 ? 8   TYR A CZ  1 
ATOM   72   O OH  . TYR A 1 8   ? 7.531   -0.697  -8.343  1.00 22.26 ? 8   TYR A OH  1 
ATOM   73   N N   . PHE A 1 9   ? 8.850   -1.533  -2.330  1.00 15.91 ? 9   PHE A N   1 
ATOM   74   C CA  . PHE A 1 9   ? 9.543   -2.836  -2.320  1.00 15.88 ? 9   PHE A CA  1 
ATOM   75   C C   . PHE A 1 9   ? 9.679   -3.399  -3.795  1.00 17.38 ? 9   PHE A C   1 
ATOM   76   O O   . PHE A 1 9   ? 10.092  -4.584  -3.968  1.00 18.63 ? 9   PHE A O   1 
ATOM   77   C CB  . PHE A 1 9   ? 8.802   -3.860  -1.437  1.00 13.69 ? 9   PHE A CB  1 
ATOM   78   C CG  . PHE A 1 9   ? 9.091   -3.695  0.045   1.00 14.59 ? 9   PHE A CG  1 
ATOM   79   C CD1 . PHE A 1 9   ? 8.943   -2.423  0.667   1.00 14.18 ? 9   PHE A CD1 1 
ATOM   80   C CD2 . PHE A 1 9   ? 9.569   -4.760  0.812   1.00 16.19 ? 9   PHE A CD2 1 
ATOM   81   C CE1 . PHE A 1 9   ? 9.264   -2.214  2.060   1.00 12.64 ? 9   PHE A CE1 1 
ATOM   82   C CE2 . PHE A 1 9   ? 9.872   -4.586  2.106   1.00 16.13 ? 9   PHE A CE2 1 
ATOM   83   C CZ  . PHE A 1 9   ? 9.699   -3.272  2.725   1.00 15.05 ? 9   PHE A CZ  1 
ATOM   84   N N   . GLY A 1 10  ? 9.278   -2.608  -4.793  1.00 17.19 ? 10  GLY A N   1 
ATOM   85   C CA  . GLY A 1 10  ? 9.386   -3.075  -6.138  1.00 18.41 ? 10  GLY A CA  1 
ATOM   86   C C   . GLY A 1 10  ? 8.717   -4.384  -6.489  1.00 18.87 ? 10  GLY A C   1 
ATOM   87   O O   . GLY A 1 10  ? 7.550   -4.643  -6.272  1.00 17.25 ? 10  GLY A O   1 
ATOM   88   N N   . LYS A 1 11  ? 9.532   -5.245  -7.119  1.00 20.45 ? 11  LYS A N   1 
ATOM   89   C CA  . LYS A 1 11  ? 8.992   -6.491  -7.670  1.00 21.61 ? 11  LYS A CA  1 
ATOM   90   C C   . LYS A 1 11  ? 8.951   -7.608  -6.728  1.00 21.41 ? 11  LYS A C   1 
ATOM   91   O O   . LYS A 1 11  ? 9.914   -8.412  -6.626  1.00 23.06 ? 11  LYS A O   1 
ATOM   92   C CB  . LYS A 1 11  ? 9.816   -6.841  -8.970  1.00 25.12 ? 11  LYS A CB  1 
ATOM   93   C CG  . LYS A 1 11  ? 9.322   -8.009  -9.813  1.00 28.60 ? 11  LYS A CG  1 
ATOM   94   C CD  . LYS A 1 11  ? 10.315  -8.351  -11.009 1.00 28.97 ? 11  LYS A CD  1 
ATOM   95   C CE  . LYS A 1 11  ? 9.487   -9.144  -12.040 1.00 31.85 ? 11  LYS A CE  1 
ATOM   96   N NZ  . LYS A 1 11  ? 10.571  -9.898  -12.619 1.00 34.34 ? 11  LYS A NZ  1 
ATOM   97   N N   . ILE A 1 12  ? 8.003   -7.554  -5.828  1.00 20.04 ? 12  ILE A N   1 
ATOM   98   C CA  . ILE A 1 12  ? 7.853   -8.634  -4.891  1.00 18.10 ? 12  ILE A CA  1 
ATOM   99   C C   . ILE A 1 12  ? 6.423   -9.041  -5.120  1.00 16.60 ? 12  ILE A C   1 
ATOM   100  O O   . ILE A 1 12  ? 5.618   -8.336  -5.667  1.00 16.40 ? 12  ILE A O   1 
ATOM   101  C CB  . ILE A 1 12  ? 8.147   -8.256  -3.322  1.00 18.28 ? 12  ILE A CB  1 
ATOM   102  C CG1 . ILE A 1 12  ? 7.232   -7.120  -2.849  1.00 15.35 ? 12  ILE A CG1 1 
ATOM   103  C CG2 . ILE A 1 12  ? 9.736   -8.109  -3.079  1.00 21.12 ? 12  ILE A CG2 1 
ATOM   104  C CD1 . ILE A 1 12  ? 7.188   -7.097  -1.444  1.00 14.09 ? 12  ILE A CD1 1 
ATOM   105  N N   . THR A 1 13  ? 6.167   -10.295 -4.875  1.00 15.80 ? 13  THR A N   1 
ATOM   106  C CA  . THR A 1 13  ? 4.848   -10.872 -5.111  1.00 14.78 ? 13  THR A CA  1 
ATOM   107  C C   . THR A 1 13  ? 3.838   -10.572 -3.960  1.00 14.36 ? 13  THR A C   1 
ATOM   108  O O   . THR A 1 13  ? 4.229   -10.201 -2.805  1.00 14.75 ? 13  THR A O   1 
ATOM   109  C CB  . THR A 1 13  ? 4.930   -12.513 -5.198  1.00 14.63 ? 13  THR A CB  1 
ATOM   110  O OG1 . THR A 1 13  ? 5.303   -13.067 -3.914  1.00 13.42 ? 13  THR A OG1 1 
ATOM   111  C CG2 . THR A 1 13  ? 5.930   -12.936 -6.303  1.00 15.04 ? 13  THR A CG2 1 
ATOM   112  N N   . ARG A 1 14  ? 2.565   -10.846 -4.201  1.00 13.80 ? 14  ARG A N   1 
ATOM   113  C CA  . ARG A 1 14  ? 1.542   -10.713 -3.197  1.00 14.83 ? 14  ARG A CA  1 
ATOM   114  C C   . ARG A 1 14  ? 1.868   -11.585 -1.956  1.00 14.84 ? 14  ARG A C   1 
ATOM   115  O O   . ARG A 1 14  ? 1.777   -11.127 -0.764  1.00 13.85 ? 14  ARG A O   1 
ATOM   116  C CB  . ARG A 1 14  ? 0.160   -10.994 -3.709  1.00 13.09 ? 14  ARG A CB  1 
ATOM   117  C CG  . ARG A 1 14  ? -0.851  -11.064 -2.699  1.00 16.27 ? 14  ARG A CG  1 
ATOM   118  C CD  . ARG A 1 14  ? -1.970  -11.344 -3.580  1.00 19.66 ? 14  ARG A CD  1 
ATOM   119  N NE  . ARG A 1 14  ? -3.248  -11.291 -2.978  1.00 24.73 ? 14  ARG A NE  1 
ATOM   120  C CZ  . ARG A 1 14  ? -4.266  -10.391 -3.272  1.00 25.77 ? 14  ARG A CZ  1 
ATOM   121  N NH1 . ARG A 1 14  ? -5.364  -10.527 -2.528  1.00 26.61 ? 14  ARG A NH1 1 
ATOM   122  N NH2 . ARG A 1 14  ? -4.253  -9.301  -4.148  1.00 21.48 ? 14  ARG A NH2 1 
ATOM   123  N N   . ARG A 1 15  ? 2.296   -12.864 -2.197  1.00 14.24 ? 15  ARG A N   1 
ATOM   124  C CA  . ARG A 1 15  ? 2.517   -13.774 -1.041  1.00 13.08 ? 15  ARG A CA  1 
ATOM   125  C C   . ARG A 1 15  ? 3.661   -13.236 -0.230  1.00 13.24 ? 15  ARG A C   1 
ATOM   126  O O   . ARG A 1 15  ? 3.631   -13.326 0.988   1.00 13.84 ? 15  ARG A O   1 
ATOM   127  C CB  . ARG A 1 15  ? 2.989   -15.125 -1.554  1.00 13.86 ? 15  ARG A CB  1 
ATOM   128  C CG  . ARG A 1 15  ? 3.249   -16.104 -0.428  1.00 14.11 ? 15  ARG A CG  1 
ATOM   129  C CD  . ARG A 1 15  ? 3.607   -17.568 -0.996  1.00 16.41 ? 15  ARG A CD  1 
ATOM   130  N NE  . ARG A 1 15  ? 3.924   -18.507 0.062   1.00 18.57 ? 15  ARG A NE  1 
ATOM   131  C CZ  . ARG A 1 15  ? 2.960   -19.044 0.860   1.00 21.87 ? 15  ARG A CZ  1 
ATOM   132  N NH1 . ARG A 1 15  ? 1.644   -18.778 0.664   1.00 20.31 ? 15  ARG A NH1 1 
ATOM   133  N NH2 . ARG A 1 15  ? 3.309   -19.783 1.970   1.00 23.48 ? 15  ARG A NH2 1 
ATOM   134  N N   . GLU A 1 16  ? 4.686   -12.733 -0.917  1.00 12.61 ? 16  GLU A N   1 
ATOM   135  C CA  . GLU A 1 16  ? 5.874   -12.169 -0.165  1.00 14.25 ? 16  GLU A CA  1 
ATOM   136  C C   . GLU A 1 16  ? 5.405   -10.944 0.704   1.00 13.61 ? 16  GLU A C   1 
ATOM   137  O O   . GLU A 1 16  ? 5.853   -10.818 1.856   1.00 13.69 ? 16  GLU A O   1 
ATOM   138  C CB  . GLU A 1 16  ? 6.998   -11.723 -1.128  1.00 14.75 ? 16  GLU A CB  1 
ATOM   139  C CG  . GLU A 1 16  ? 8.288   -11.042 -0.575  1.00 16.71 ? 16  GLU A CG  1 
ATOM   140  C CD  . GLU A 1 16  ? 9.003   -11.943 0.491   1.00 19.65 ? 16  GLU A CD  1 
ATOM   141  O OE1 . GLU A 1 16  ? 9.947   -11.440 1.184   1.00 26.58 ? 16  GLU A OE1 1 
ATOM   142  O OE2 . GLU A 1 16  ? 8.591   -13.091 0.750   1.00 16.70 ? 16  GLU A OE2 1 
ATOM   143  N N   . SER A 1 17  ? 4.627   -10.042 0.067   1.00 13.32 ? 17  SER A N   1 
ATOM   144  C CA  . SER A 1 17  ? 4.146   -8.875  0.853   1.00 12.60 ? 17  SER A CA  1 
ATOM   145  C C   . SER A 1 17  ? 3.457   -9.421  2.102   1.00 11.19 ? 17  SER A C   1 
ATOM   146  O O   . SER A 1 17  ? 3.580   -8.865  3.229   1.00 11.15 ? 17  SER A O   1 
ATOM   147  C CB  . SER A 1 17  ? 3.280   -7.983  -0.037  1.00 11.31 ? 17  SER A CB  1 
ATOM   148  O OG  . SER A 1 17  ? 1.986   -8.500  -0.205  1.00 11.50 ? 17  SER A OG  1 
ATOM   149  N N   . GLU A 1 18  ? 2.649   -10.492 1.997   1.00 10.93 ? 18  GLU A N   1 
ATOM   150  C CA  . GLU A 1 18  ? 1.970   -11.028 3.201   1.00 11.79 ? 18  GLU A CA  1 
ATOM   151  C C   . GLU A 1 18  ? 2.940   -11.607 4.210   1.00 12.20 ? 18  GLU A C   1 
ATOM   152  O O   . GLU A 1 18  ? 2.840   -11.348 5.392   1.00 13.05 ? 18  GLU A O   1 
ATOM   153  C CB  . GLU A 1 18  ? 0.826   -12.018 2.872   1.00 14.05 ? 18  GLU A CB  1 
ATOM   154  C CG  . GLU A 1 18  ? -0.129  -11.315 1.987   1.00 14.38 ? 18  GLU A CG  1 
ATOM   155  C CD  . GLU A 1 18  ? -1.238  -12.144 1.462   1.00 22.79 ? 18  GLU A CD  1 
ATOM   156  O OE1 . GLU A 1 18  ? -2.282  -11.646 0.896   1.00 18.04 ? 18  GLU A OE1 1 
ATOM   157  O OE2 . GLU A 1 18  ? -0.981  -13.347 1.259   1.00 26.75 ? 18  GLU A OE2 1 
ATOM   158  N N   . ARG A 1 19  ? 3.934   -12.364 3.684   1.00 12.21 ? 19  ARG A N   1 
ATOM   159  C CA  . ARG A 1 19  ? 4.942   -12.919 4.594   1.00 13.62 ? 19  ARG A CA  1 
ATOM   160  C C   . ARG A 1 19  ? 5.546   -11.776 5.508   1.00 12.93 ? 19  ARG A C   1 
ATOM   161  O O   . ARG A 1 19  ? 5.769   -11.883 6.690   1.00 13.65 ? 19  ARG A O   1 
ATOM   162  C CB  . ARG A 1 19  ? 6.044   -13.563 3.783   1.00 13.17 ? 19  ARG A CB  1 
ATOM   163  C CG  . ARG A 1 19  ? 6.875   -14.419 4.752   1.00 15.18 ? 19  ARG A CG  1 
ATOM   164  C CD  . ARG A 1 19  ? 8.106   -15.019 4.119   1.00 16.15 ? 19  ARG A CD  1 
ATOM   165  N NE  . ARG A 1 19  ? 8.983   -14.001 3.577   1.00 17.61 ? 19  ARG A NE  1 
ATOM   166  C CZ  . ARG A 1 19  ? 9.898   -13.341 4.280   1.00 18.61 ? 19  ARG A CZ  1 
ATOM   167  N NH1 . ARG A 1 19  ? 10.061  -13.668 5.578   1.00 21.74 ? 19  ARG A NH1 1 
ATOM   168  N NH2 . ARG A 1 19  ? 10.605  -12.343 3.710   1.00 18.86 ? 19  ARG A NH2 1 
ATOM   169  N N   . LEU A 1 20  ? 5.889   -10.695 4.880   1.00 13.08 ? 20  LEU A N   1 
ATOM   170  C CA  . LEU A 1 20  ? 6.480   -9.539  5.577   1.00 14.11 ? 20  LEU A CA  1 
ATOM   171  C C   . LEU A 1 20  ? 5.549   -8.780  6.488   1.00 13.45 ? 20  LEU A C   1 
ATOM   172  O O   . LEU A 1 20  ? 5.925   -8.311  7.549   1.00 14.45 ? 20  LEU A O   1 
ATOM   173  C CB  . LEU A 1 20  ? 7.031   -8.552  4.574   1.00 15.20 ? 20  LEU A CB  1 
ATOM   174  C CG  . LEU A 1 20  ? 8.226   -8.874  3.574   1.00 16.35 ? 20  LEU A CG  1 
ATOM   175  C CD1 . LEU A 1 20  ? 8.390   -7.993  2.258   1.00 17.54 ? 20  LEU A CD1 1 
ATOM   176  C CD2 . LEU A 1 20  ? 9.480   -8.948  4.474   1.00 18.55 ? 20  LEU A CD2 1 
ATOM   177  N N   . LEU A 1 21  ? 4.318   -8.621  6.055   1.00 12.98 ? 21  LEU A N   1 
ATOM   178  C CA  . LEU A 1 21  ? 3.385   -7.825  6.815   1.00 13.26 ? 21  LEU A CA  1 
ATOM   179  C C   . LEU A 1 21  ? 2.697   -8.583  7.978   1.00 14.25 ? 21  LEU A C   1 
ATOM   180  O O   . LEU A 1 21  ? 2.252   -8.003  8.977   1.00 13.94 ? 21  LEU A O   1 
ATOM   181  C CB  . LEU A 1 21  ? 2.336   -7.249  5.799   1.00 12.84 ? 21  LEU A CB  1 
ATOM   182  C CG  . LEU A 1 21  ? 2.830   -6.157  4.909   1.00 10.87 ? 21  LEU A CG  1 
ATOM   183  C CD1 . LEU A 1 21  ? 1.784   -5.929  3.694   1.00 12.44 ? 21  LEU A CD1 1 
ATOM   184  C CD2 . LEU A 1 21  ? 3.003   -4.889  5.745   1.00 12.17 ? 21  LEU A CD2 1 
ATOM   185  N N   . LEU A 1 22  ? 2.648   -9.935  7.861   1.00 15.23 ? 22  LEU A N   1 
ATOM   186  C CA  . LEU A 1 22  ? 2.051   -10.773 8.917   1.00 17.50 ? 22  LEU A CA  1 
ATOM   187  C C   . LEU A 1 22  ? 3.007   -10.990 10.118  1.00 18.26 ? 22  LEU A C   1 
ATOM   188  O O   . LEU A 1 22  ? 3.284   -12.092 10.430  1.00 21.49 ? 22  LEU A O   1 
ATOM   189  C CB  . LEU A 1 22  ? 1.583   -12.154 8.295   1.00 17.25 ? 22  LEU A CB  1 
ATOM   190  C CG  . LEU A 1 22  ? 0.397   -11.922 7.372   1.00 16.28 ? 22  LEU A CG  1 
ATOM   191  C CD1 . LEU A 1 22  ? 0.166   -13.181 6.487   1.00 16.81 ? 22  LEU A CD1 1 
ATOM   192  C CD2 . LEU A 1 22  ? -0.774  -11.565 8.228   1.00 19.25 ? 22  LEU A CD2 1 
ATOM   193  N N   . ASN A 1 23  ? 3.697   -10.009 10.619  1.00 19.51 ? 23  ASN A N   1 
ATOM   194  C CA  . ASN A 1 23  ? 4.616   -10.200 11.754  1.00 17.71 ? 23  ASN A CA  1 
ATOM   195  C C   . ASN A 1 23  ? 3.925   -9.572  12.954  1.00 17.72 ? 23  ASN A C   1 
ATOM   196  O O   . ASN A 1 23  ? 3.321   -8.461  12.809  1.00 16.38 ? 23  ASN A O   1 
ATOM   197  C CB  . ASN A 1 23  ? 5.862   -9.568  11.365  1.00 20.60 ? 23  ASN A CB  1 
ATOM   198  C CG  . ASN A 1 23  ? 6.924   -9.666  12.454  1.00 23.57 ? 23  ASN A CG  1 
ATOM   199  O OD1 . ASN A 1 23  ? 6.711   -9.294  13.626  1.00 22.77 ? 23  ASN A OD1 1 
ATOM   200  N ND2 . ASN A 1 23  ? 8.109   -10.160 12.035  1.00 25.45 ? 23  ASN A ND2 1 
ATOM   201  N N   . ALA A 1 24  ? 3.826   -10.311 14.058  1.00 16.32 ? 24  ALA A N   1 
ATOM   202  C CA  . ALA A 1 24  ? 3.061   -9.842  15.231  1.00 16.71 ? 24  ALA A CA  1 
ATOM   203  C C   . ALA A 1 24  ? 3.453   -8.473  15.789  1.00 16.30 ? 24  ALA A C   1 
ATOM   204  O O   . ALA A 1 24  ? 2.639   -7.852  16.517  1.00 17.95 ? 24  ALA A O   1 
ATOM   205  C CB  . ALA A 1 24  ? 3.005   -10.809 16.319  1.00 16.84 ? 24  ALA A CB  1 
ATOM   206  N N   . GLU A 1 25  ? 4.653   -8.038  15.440  1.00 15.96 ? 25  GLU A N   1 
ATOM   207  C CA  . GLU A 1 25  ? 5.181   -6.786  15.896  1.00 16.36 ? 25  GLU A CA  1 
ATOM   208  C C   . GLU A 1 25  ? 4.666   -5.661  15.077  1.00 15.73 ? 25  GLU A C   1 
ATOM   209  O O   . GLU A 1 25  ? 4.844   -4.481  15.469  1.00 15.64 ? 25  GLU A O   1 
ATOM   210  C CB  . GLU A 1 25  ? 6.655   -6.759  15.693  1.00 19.15 ? 25  GLU A CB  1 
ATOM   211  C CG  . GLU A 1 25  ? 7.211   -7.617  16.778  1.00 25.84 ? 25  GLU A CG  1 
ATOM   212  C CD  . GLU A 1 25  ? 8.784   -7.606  16.788  1.00 30.93 ? 25  GLU A CD  1 
ATOM   213  O OE1 . GLU A 1 25  ? 9.263   -8.402  17.619  1.00 34.32 ? 25  GLU A OE1 1 
ATOM   214  O OE2 . GLU A 1 25  ? 9.504   -6.820  16.030  1.00 34.87 ? 25  GLU A OE2 1 
ATOM   215  N N   . ASN A 1 26  ? 4.229   -5.954  13.861  1.00 14.19 ? 26  ASN A N   1 
ATOM   216  C CA  . ASN A 1 26  ? 3.658   -4.897  13.040  1.00 12.96 ? 26  ASN A CA  1 
ATOM   217  C C   . ASN A 1 26  ? 2.255   -4.327  13.564  1.00 12.21 ? 26  ASN A C   1 
ATOM   218  O O   . ASN A 1 26  ? 1.229   -5.059  13.701  1.00 11.97 ? 26  ASN A O   1 
ATOM   219  C CB  . ASN A 1 26  ? 3.377   -5.417  11.676  1.00 13.30 ? 26  ASN A CB  1 
ATOM   220  C CG  . ASN A 1 26  ? 4.645   -5.630  10.887  1.00 14.04 ? 26  ASN A CG  1 
ATOM   221  O OD1 . ASN A 1 26  ? 5.728   -5.085  11.265  1.00 14.62 ? 26  ASN A OD1 1 
ATOM   222  N ND2 . ASN A 1 26  ? 4.501   -6.354  9.718   1.00 13.01 ? 26  ASN A ND2 1 
ATOM   223  N N   . PRO A 1 27  ? 2.196   -2.983  13.774  1.00 12.60 ? 27  PRO A N   1 
ATOM   224  C CA  . PRO A 1 27  ? 0.866   -2.411  14.265  1.00 11.68 ? 27  PRO A CA  1 
ATOM   225  C C   . PRO A 1 27  ? -0.038  -2.308  13.053  1.00 10.40 ? 27  PRO A C   1 
ATOM   226  O O   . PRO A 1 27  ? 0.491   -2.388  11.852  1.00 9.48  ? 27  PRO A O   1 
ATOM   227  C CB  . PRO A 1 27  ? 1.214   -0.944  14.798  1.00 10.89 ? 27  PRO A CB  1 
ATOM   228  C CG  . PRO A 1 27  ? 2.698   -0.756  14.635  1.00 13.74 ? 27  PRO A CG  1 
ATOM   229  C CD  . PRO A 1 27  ? 3.322   -1.963  13.875  1.00 13.70 ? 27  PRO A CD  1 
ATOM   230  N N   . ARG A 1 28  ? -1.311  -1.963  13.330  1.00 8.85  ? 28  ARG A N   1 
ATOM   231  C CA  . ARG A 1 28  ? -2.202  -1.728  12.211  1.00 9.31  ? 28  ARG A CA  1 
ATOM   232  C C   . ARG A 1 28  ? -1.656  -0.612  11.270  1.00 8.76  ? 28  ARG A C   1 
ATOM   233  O O   . ARG A 1 28  ? -1.151  0.443   11.761  1.00 9.19  ? 28  ARG A O   1 
ATOM   234  C CB  . ARG A 1 28  ? -3.616  -1.252  12.623  1.00 10.10 ? 28  ARG A CB  1 
ATOM   235  C CG  . ARG A 1 28  ? -4.289  -2.217  13.580  1.00 13.82 ? 28  ARG A CG  1 
ATOM   236  C CD  . ARG A 1 28  ? -5.543  -1.617  14.040  1.00 20.55 ? 28  ARG A CD  1 
ATOM   237  N NE  . ARG A 1 28  ? -6.316  -2.564  14.821  1.00 30.95 ? 28  ARG A NE  1 
ATOM   238  C CZ  . ARG A 1 28  ? -6.959  -2.278  16.036  1.00 32.71 ? 28  ARG A CZ  1 
ATOM   239  N NH1 . ARG A 1 28  ? -6.895  -1.002  16.591  1.00 31.57 ? 28  ARG A NH1 1 
ATOM   240  N NH2 . ARG A 1 28  ? -7.693  -3.243  16.700  1.00 32.45 ? 28  ARG A NH2 1 
ATOM   241  N N   . GLY A 1 29  ? -1.874  -0.749  9.965   1.00 6.95  ? 29  GLY A N   1 
ATOM   242  C CA  . GLY A 1 29  ? -1.406  0.271   9.079   1.00 8.38  ? 29  GLY A CA  1 
ATOM   243  C C   . GLY A 1 29  ? 0.095   0.166   8.600   1.00 7.78  ? 29  GLY A C   1 
ATOM   244  O O   . GLY A 1 29  ? 0.576   1.007   7.865   1.00 8.74  ? 29  GLY A O   1 
ATOM   245  N N   . THR A 1 30  ? 0.803   -0.897  9.060   1.00 7.55  ? 30  THR A N   1 
ATOM   246  C CA  . THR A 1 30  ? 2.156   -1.137  8.530   1.00 8.52  ? 30  THR A CA  1 
ATOM   247  C C   . THR A 1 30  ? 1.944   -1.367  7.030   1.00 8.77  ? 30  THR A C   1 
ATOM   248  O O   . THR A 1 30  ? 1.017   -2.075  6.571   1.00 8.02  ? 30  THR A O   1 
ATOM   249  C CB  . THR A 1 30  ? 2.751   -2.351  9.228   1.00 8.09  ? 30  THR A CB  1 
ATOM   250  O OG1 . THR A 1 30  ? 2.818   -2.053  10.611  1.00 7.92  ? 30  THR A OG1 1 
ATOM   251  C CG2 . THR A 1 30  ? 4.125   -2.577  8.666   1.00 8.17  ? 30  THR A CG2 1 
ATOM   252  N N   . PHE A 1 31  ? 2.835   -0.871  6.212   1.00 8.59  ? 31  PHE A N   1 
ATOM   253  C CA  . PHE A 1 31  ? 2.522   -0.978  4.780   1.00 7.83  ? 31  PHE A CA  1 
ATOM   254  C C   . PHE A 1 31  ? 3.780   -0.947  3.903   1.00 9.21  ? 31  PHE A C   1 
ATOM   255  O O   . PHE A 1 31  ? 4.868   -0.615  4.326   1.00 9.21  ? 31  PHE A O   1 
ATOM   256  C CB  . PHE A 1 31  ? 1.620   0.239   4.413   1.00 8.67  ? 31  PHE A CB  1 
ATOM   257  C CG  . PHE A 1 31  ? 2.443   1.526   4.254   1.00 10.23 ? 31  PHE A CG  1 
ATOM   258  C CD1 . PHE A 1 31  ? 2.896   1.970   2.964   1.00 10.51 ? 31  PHE A CD1 1 
ATOM   259  C CD2 . PHE A 1 31  ? 2.770   2.298   5.393   1.00 10.50 ? 31  PHE A CD2 1 
ATOM   260  C CE1 . PHE A 1 31  ? 3.702   3.211   2.786   1.00 9.77  ? 31  PHE A CE1 1 
ATOM   261  C CE2 . PHE A 1 31  ? 3.559   3.514   5.202   1.00 9.71  ? 31  PHE A CE2 1 
ATOM   262  C CZ  . PHE A 1 31  ? 3.992   3.915   3.942   1.00 11.42 ? 31  PHE A CZ  1 
ATOM   263  N N   . LEU A 1 32  ? 3.590   -1.266  2.614   1.00 8.72  ? 32  LEU A N   1 
ATOM   264  C CA  . LEU A 1 32  ? 4.618   -1.138  1.576   1.00 8.80  ? 32  LEU A CA  1 
ATOM   265  C C   . LEU A 1 32  ? 3.832   -0.968  0.213   1.00 9.58  ? 32  LEU A C   1 
ATOM   266  O O   . LEU A 1 32  ? 2.579   -1.304  0.193   1.00 8.19  ? 32  LEU A O   1 
ATOM   267  C CB  . LEU A 1 32  ? 5.410   -2.446  1.567   1.00 10.00 ? 32  LEU A CB  1 
ATOM   268  C CG  . LEU A 1 32  ? 4.710   -3.812  1.367   1.00 9.65  ? 32  LEU A CG  1 
ATOM   269  C CD1 . LEU A 1 32  ? 4.587   -4.039  -0.280  1.00 10.68 ? 32  LEU A CD1 1 
ATOM   270  C CD2 . LEU A 1 32  ? 5.560   -4.924  2.032   1.00 12.28 ? 32  LEU A CD2 1 
ATOM   271  N N   . VAL A 1 33  ? 4.564   -0.566  -0.832  1.00 8.97  ? 33  VAL A N   1 
ATOM   272  C CA  . VAL A 1 33  ? 4.042   -0.421  -2.174  1.00 10.28 ? 33  VAL A CA  1 
ATOM   273  C C   . VAL A 1 33  ? 4.920   -1.350  -3.039  1.00 11.14 ? 33  VAL A C   1 
ATOM   274  O O   . VAL A 1 33  ? 6.094   -1.389  -2.883  1.00 10.81 ? 33  VAL A O   1 
ATOM   275  C CB  . VAL A 1 33  ? 4.063   1.002   -2.706  1.00 9.39  ? 33  VAL A CB  1 
ATOM   276  C CG1 . VAL A 1 33  ? 3.571   1.087   -4.153  1.00 8.55  ? 33  VAL A CG1 1 
ATOM   277  C CG2 . VAL A 1 33  ? 3.190   1.862   -1.783  1.00 10.07 ? 33  VAL A CG2 1 
ATOM   278  N N   . ARG A 1 34  ? 4.329   -2.099  -3.942  1.00 10.68 ? 34  ARG A N   1 
ATOM   279  C CA  . ARG A 1 34  ? 5.088   -3.120  -4.752  1.00 11.59 ? 34  ARG A CA  1 
ATOM   280  C C   . ARG A 1 34  ? 4.453   -3.082  -6.171  1.00 12.49 ? 34  ARG A C   1 
ATOM   281  O O   . ARG A 1 34  ? 3.494   -2.396  -6.407  1.00 12.12 ? 34  ARG A O   1 
ATOM   282  C CB  . ARG A 1 34  ? 4.885   -4.463  -4.189  1.00 10.38 ? 34  ARG A CB  1 
ATOM   283  C CG  . ARG A 1 34  ? 3.489   -4.861  -4.052  1.00 10.63 ? 34  ARG A CG  1 
ATOM   284  C CD  . ARG A 1 34  ? 3.427   -6.202  -3.419  1.00 10.92 ? 34  ARG A CD  1 
ATOM   285  N NE  . ARG A 1 34  ? 2.063   -6.620  -3.051  1.00 10.13 ? 34  ARG A NE  1 
ATOM   286  C CZ  . ARG A 1 34  ? 1.167   -7.179  -3.892  1.00 10.43 ? 34  ARG A CZ  1 
ATOM   287  N NH1 . ARG A 1 34  ? -0.086  -7.490  -3.434  1.00 10.48 ? 34  ARG A NH1 1 
ATOM   288  N NH2 . ARG A 1 34  ? 1.555   -7.389  -5.137  1.00 13.40 ? 34  ARG A NH2 1 
ATOM   289  N N   . GLU A 1 35  ? 5.047   -3.768  -7.152  1.00 13.17 ? 35  GLU A N   1 
ATOM   290  C CA  . GLU A 1 35  ? 4.440   -3.847  -8.433  1.00 13.59 ? 35  GLU A CA  1 
ATOM   291  C C   . GLU A 1 35  ? 3.194   -4.765  -8.324  1.00 14.48 ? 35  GLU A C   1 
ATOM   292  O O   . GLU A 1 35  ? 3.179   -5.661  -7.506  1.00 14.62 ? 35  GLU A O   1 
ATOM   293  C CB  . GLU A 1 35  ? 5.465   -4.565  -9.360  1.00 16.11 ? 35  GLU A CB  1 
ATOM   294  C CG  . GLU A 1 35  ? 6.493   -3.667  -9.880  1.00 18.83 ? 35  GLU A CG  1 
ATOM   295  C CD  . GLU A 1 35  ? 7.477   -4.445  -10.776 1.00 25.04 ? 35  GLU A CD  1 
ATOM   296  O OE1 . GLU A 1 35  ? 8.488   -3.843  -11.106 1.00 26.21 ? 35  GLU A OE1 1 
ATOM   297  O OE2 . GLU A 1 35  ? 7.283   -5.656  -11.158 1.00 27.88 ? 35  GLU A OE2 1 
ATOM   298  N N   . SER A 1 36  ? 2.155   -4.543  -9.161  1.00 14.68 ? 36  SER A N   1 
ATOM   299  C CA  . SER A 1 36  ? 1.005   -5.415  -9.241  1.00 15.72 ? 36  SER A CA  1 
ATOM   300  C C   . SER A 1 36  ? 1.328   -6.736  -9.984  1.00 17.17 ? 36  SER A C   1 
ATOM   301  O O   . SER A 1 36  ? 2.008   -6.659  -10.982 1.00 18.24 ? 36  SER A O   1 
ATOM   302  C CB  . SER A 1 36  ? -0.060  -4.749  -10.151 1.00 15.37 ? 36  SER A CB  1 
ATOM   303  O OG  . SER A 1 36  ? -1.179  -5.574  -10.261 1.00 14.60 ? 36  SER A OG  1 
ATOM   304  N N   . GLU A 1 37  ? 0.894   -7.880  -9.534  1.00 17.59 ? 37  GLU A N   1 
ATOM   305  C CA  . GLU A 1 37  ? 1.148   -9.133  -10.313 1.00 20.51 ? 37  GLU A CA  1 
ATOM   306  C C   . GLU A 1 37  ? 0.198   -9.145  -11.580 1.00 22.78 ? 37  GLU A C   1 
ATOM   307  O O   . GLU A 1 37  ? 0.560   -9.698  -12.616 1.00 24.50 ? 37  GLU A O   1 
ATOM   308  C CB  . GLU A 1 37  ? 0.747   -10.328 -9.493  1.00 16.98 ? 37  GLU A CB  1 
ATOM   309  C CG  . GLU A 1 37  ? 1.667   -10.608 -8.272  1.00 16.46 ? 37  GLU A CG  1 
ATOM   310  C CD  . GLU A 1 37  ? 1.339   -11.908 -7.668  1.00 16.64 ? 37  GLU A CD  1 
ATOM   311  O OE1 . GLU A 1 37  ? 0.463   -12.650 -8.157  1.00 16.90 ? 37  GLU A OE1 1 
ATOM   312  O OE2 . GLU A 1 37  ? 1.795   -12.185 -6.539  1.00 18.93 ? 37  GLU A OE2 1 
ATOM   313  N N   . THR A 1 38  ? -1.073  -8.727  -11.399 1.00 23.79 ? 38  THR A N   1 
ATOM   314  C CA  . THR A 1 38  ? -2.091  -8.774  -12.431 1.00 25.21 ? 38  THR A CA  1 
ATOM   315  C C   . THR A 1 38  ? -2.168  -7.592  -13.456 1.00 26.65 ? 38  THR A C   1 
ATOM   316  O O   . THR A 1 38  ? -2.671  -7.861  -14.604 1.00 27.21 ? 38  THR A O   1 
ATOM   317  C CB  . THR A 1 38  ? -3.510  -8.960  -11.753 1.00 24.53 ? 38  THR A CB  1 
ATOM   318  O OG1 . THR A 1 38  ? -3.828  -7.808  -10.896 1.00 24.67 ? 38  THR A OG1 1 
ATOM   319  C CG2 . THR A 1 38  ? -3.523  -10.148 -10.891 1.00 23.31 ? 38  THR A CG2 1 
ATOM   320  N N   . THR A 1 39  ? -1.731  -6.333  -13.099 1.00 26.64 ? 39  THR A N   1 
ATOM   321  C CA  . THR A 1 39  ? -1.803  -5.139  -13.968 1.00 26.45 ? 39  THR A CA  1 
ATOM   322  C C   . THR A 1 39  ? -0.535  -4.456  -14.215 1.00 27.12 ? 39  THR A C   1 
ATOM   323  O O   . THR A 1 39  ? 0.031   -3.825  -13.311 1.00 26.65 ? 39  THR A O   1 
ATOM   324  C CB  . THR A 1 39  ? -2.745  -4.081  -13.431 1.00 26.53 ? 39  THR A CB  1 
ATOM   325  O OG1 . THR A 1 39  ? -4.005  -4.698  -13.161 1.00 29.34 ? 39  THR A OG1 1 
ATOM   326  C CG2 . THR A 1 39  ? -2.993  -2.950  -14.446 1.00 24.57 ? 39  THR A CG2 1 
ATOM   327  N N   . LYS A 1 40  ? -0.132  -4.508  -15.497 1.00 28.25 ? 40  LYS A N   1 
ATOM   328  C CA  . LYS A 1 40  ? 1.092   -3.877  -15.985 1.00 29.92 ? 40  LYS A CA  1 
ATOM   329  C C   . LYS A 1 40  ? 0.862   -2.402  -15.777 1.00 29.47 ? 40  LYS A C   1 
ATOM   330  O O   . LYS A 1 40  ? -0.293  -1.793  -15.975 1.00 30.01 ? 40  LYS A O   1 
ATOM   331  C CB  . LYS A 1 40  ? 1.393   -4.129  -17.483 1.00 36.47 ? 40  LYS A CB  1 
ATOM   332  C CG  . LYS A 1 40  ? 0.421   -3.318  -18.602 1.00 44.04 ? 40  LYS A CG  1 
ATOM   333  C CD  . LYS A 1 40  ? -1.152  -3.851  -18.784 1.00 50.52 ? 40  LYS A CD  1 
ATOM   334  C CE  . LYS A 1 40  ? -2.384  -3.041  -18.055 1.00 54.17 ? 40  LYS A CE  1 
ATOM   335  N NZ  . LYS A 1 40  ? -3.394  -4.009  -17.353 1.00 54.97 ? 40  LYS A NZ  1 
ATOM   336  N N   . GLY A 1 41  ? 1.961   -1.841  -15.294 1.00 28.72 ? 41  GLY A N   1 
ATOM   337  C CA  . GLY A 1 41  ? 1.971   -0.434  -14.943 1.00 27.86 ? 41  GLY A CA  1 
ATOM   338  C C   . GLY A 1 41  ? 1.364   0.014   -13.608 1.00 26.32 ? 41  GLY A C   1 
ATOM   339  O O   . GLY A 1 41  ? 1.531   1.232   -13.207 1.00 27.26 ? 41  GLY A O   1 
ATOM   340  N N   . ALA A 1 42  ? 0.689   -0.931  -12.924 1.00 23.52 ? 42  ALA A N   1 
ATOM   341  C CA  . ALA A 1 42  ? -0.002  -0.587  -11.715 1.00 19.60 ? 42  ALA A CA  1 
ATOM   342  C C   . ALA A 1 42  ? 0.833   -1.080  -10.559 1.00 18.02 ? 42  ALA A C   1 
ATOM   343  O O   . ALA A 1 42  ? 1.749   -1.898  -10.715 1.00 16.98 ? 42  ALA A O   1 
ATOM   344  C CB  . ALA A 1 42  ? -1.411  -1.252  -11.683 1.00 16.59 ? 42  ALA A CB  1 
ATOM   345  N N   . TYR A 1 43  ? 0.436   -0.645  -9.362  1.00 15.05 ? 43  TYR A N   1 
ATOM   346  C CA  . TYR A 1 43  ? 1.168   -0.989  -8.127  1.00 13.54 ? 43  TYR A CA  1 
ATOM   347  C C   . TYR A 1 43  ? 0.185   -1.529  -7.176  1.00 12.18 ? 43  TYR A C   1 
ATOM   348  O O   . TYR A 1 43  ? -1.020  -1.356  -7.457  1.00 12.91 ? 43  TYR A O   1 
ATOM   349  C CB  . TYR A 1 43  ? 1.810   0.295   -7.422  1.00 12.32 ? 43  TYR A CB  1 
ATOM   350  C CG  . TYR A 1 43  ? 2.727   1.045   -8.288  1.00 15.66 ? 43  TYR A CG  1 
ATOM   351  C CD1 . TYR A 1 43  ? 2.256   2.122   -9.054  1.00 18.54 ? 43  TYR A CD1 1 
ATOM   352  C CD2 . TYR A 1 43  ? 4.059   0.661   -8.409  1.00 17.51 ? 43  TYR A CD2 1 
ATOM   353  C CE1 . TYR A 1 43  ? 3.095   2.792   -9.900  1.00 21.54 ? 43  TYR A CE1 1 
ATOM   354  C CE2 . TYR A 1 43  ? 4.919   1.316   -9.273  1.00 18.47 ? 43  TYR A CE2 1 
ATOM   355  C CZ  . TYR A 1 43  ? 4.456   2.340   -9.995  1.00 20.56 ? 43  TYR A CZ  1 
ATOM   356  O OH  . TYR A 1 43  ? 5.324   2.941   -10.863 1.00 25.41 ? 43  TYR A OH  1 
ATOM   357  N N   . CYS A 1 44  ? 0.639   -2.153  -6.107  1.00 10.42 ? 44  CYS A N   1 
ATOM   358  C CA  . CYS A 1 44  ? -0.270  -2.573  -5.077  1.00 10.02 ? 44  CYS A CA  1 
ATOM   359  C C   . CYS A 1 44  ? 0.185   -1.930  -3.813  1.00 10.32 ? 44  CYS A C   1 
ATOM   360  O O   . CYS A 1 44  ? 1.420   -1.902  -3.604  1.00 10.19 ? 44  CYS A O   1 
ATOM   361  C CB  . CYS A 1 44  ? -0.369  -4.120  -4.790  1.00 13.60 ? 44  CYS A CB  1 
ATOM   362  S SG  . CYS A 1 44  ? -1.298  -4.836  -6.242  1.00 18.41 ? 44  CYS A SG  1 
ATOM   363  N N   . LEU A 1 45  ? -0.757  -1.369  -3.033  1.00 8.33  ? 45  LEU A N   1 
ATOM   364  C CA  . LEU A 1 45  ? -0.476  -0.870  -1.682  1.00 8.81  ? 45  LEU A CA  1 
ATOM   365  C C   . LEU A 1 45  ? -0.881  -2.046  -0.780  1.00 9.55  ? 45  LEU A C   1 
ATOM   366  O O   . LEU A 1 45  ? -2.073  -2.390  -0.741  1.00 8.33  ? 45  LEU A O   1 
ATOM   367  C CB  . LEU A 1 45  ? -1.295  0.398   -1.437  1.00 8.59  ? 45  LEU A CB  1 
ATOM   368  C CG  . LEU A 1 45  ? -1.408  0.890   0.031   1.00 8.78  ? 45  LEU A CG  1 
ATOM   369  C CD1 . LEU A 1 45  ? 0.133   1.343   0.503   1.00 9.63  ? 45  LEU A CD1 1 
ATOM   370  C CD2 . LEU A 1 45  ? -2.342  2.182   -0.016  1.00 9.51  ? 45  LEU A CD2 1 
ATOM   371  N N   . SER A 1 46  ? 0.017   -2.660  0.026   1.00 8.01  ? 46  SER A N   1 
ATOM   372  C CA  . SER A 1 46  ? -0.267  -3.836  0.885   1.00 8.60  ? 46  SER A CA  1 
ATOM   373  C C   . SER A 1 46  ? -0.204  -3.310  2.324   1.00 8.43  ? 46  SER A C   1 
ATOM   374  O O   . SER A 1 46  ? 0.795   -2.594  2.690   1.00 8.09  ? 46  SER A O   1 
ATOM   375  C CB  . SER A 1 46  ? 0.756   -4.988  0.655   1.00 7.48  ? 46  SER A CB  1 
ATOM   376  O OG  . SER A 1 46  ? 0.462   -5.423  -0.642  1.00 8.22  ? 46  SER A OG  1 
ATOM   377  N N   . VAL A 1 47  ? -1.279  -3.573  3.075   1.00 7.05  ? 47  VAL A N   1 
ATOM   378  C CA  . VAL A 1 47  ? -1.452  -2.907  4.421   1.00 8.39  ? 47  VAL A CA  1 
ATOM   379  C C   . VAL A 1 47  ? -1.890  -3.904  5.482   1.00 8.72  ? 47  VAL A C   1 
ATOM   380  O O   . VAL A 1 47  ? -2.746  -4.776  5.189   1.00 9.27  ? 47  VAL A O   1 
ATOM   381  C CB  . VAL A 1 47  ? -2.564  -1.674  4.341   1.00 7.31  ? 47  VAL A CB  1 
ATOM   382  C CG1 . VAL A 1 47  ? -2.695  -0.958  5.681   1.00 7.17  ? 47  VAL A CG1 1 
ATOM   383  C CG2 . VAL A 1 47  ? -2.274  -0.764  3.228   1.00 8.58  ? 47  VAL A CG2 1 
ATOM   384  N N   . SER A 1 48  ? -1.207  -3.867  6.621   1.00 8.35  ? 48  SER A N   1 
ATOM   385  C CA  . SER A 1 48  ? -1.552  -4.787  7.719   1.00 11.25 ? 48  SER A CA  1 
ATOM   386  C C   . SER A 1 48  ? -2.737  -4.147  8.513   1.00 11.85 ? 48  SER A C   1 
ATOM   387  O O   . SER A 1 48  ? -2.946  -2.878  8.552   1.00 10.75 ? 48  SER A O   1 
ATOM   388  C CB  . SER A 1 48  ? -0.376  -5.101  8.753   1.00 10.35 ? 48  SER A CB  1 
ATOM   389  O OG  . SER A 1 48  ? -0.077  -3.981  9.546   1.00 10.71 ? 48  SER A OG  1 
ATOM   390  N N   . ASP A 1 49  ? -3.532  -5.091  9.063   1.00 13.60 ? 49  ASP A N   1 
ATOM   391  C CA  . ASP A 1 49  ? -4.659  -4.713  9.885   1.00 14.04 ? 49  ASP A CA  1 
ATOM   392  C C   . ASP A 1 49  ? -4.674  -5.753  11.035  1.00 14.84 ? 49  ASP A C   1 
ATOM   393  O O   . ASP A 1 49  ? -3.890  -6.725  11.029  1.00 13.95 ? 49  ASP A O   1 
ATOM   394  C CB  . ASP A 1 49  ? -5.991  -4.797  9.119   1.00 16.26 ? 49  ASP A CB  1 
ATOM   395  C CG  . ASP A 1 49  ? -7.127  -4.068  9.855   1.00 19.97 ? 49  ASP A CG  1 
ATOM   396  O OD1 . ASP A 1 49  ? -6.934  -3.119  10.747  1.00 21.46 ? 49  ASP A OD1 1 
ATOM   397  O OD2 . ASP A 1 49  ? -8.243  -4.072  9.313   1.00 19.98 ? 49  ASP A OD2 1 
ATOM   398  N N   . PHE A 1 50  ? -5.565  -5.508  12.000  1.00 15.18 ? 50  PHE A N   1 
ATOM   399  C CA  . PHE A 1 50  ? -5.718  -6.477  13.110  1.00 16.19 ? 50  PHE A CA  1 
ATOM   400  C C   . PHE A 1 50  ? -7.108  -6.195  13.801  1.00 17.15 ? 50  PHE A C   1 
ATOM   401  O O   . PHE A 1 50  ? -7.477  -5.028  14.024  1.00 18.72 ? 50  PHE A O   1 
ATOM   402  C CB  . PHE A 1 50  ? -4.604  -6.216  14.151  1.00 15.73 ? 50  PHE A CB  1 
ATOM   403  C CG  . PHE A 1 50  ? -4.786  -7.038  15.460  1.00 16.35 ? 50  PHE A CG  1 
ATOM   404  C CD1 . PHE A 1 50  ? -5.755  -6.614  16.457  1.00 18.73 ? 50  PHE A CD1 1 
ATOM   405  C CD2 . PHE A 1 50  ? -4.062  -8.266  15.648  1.00 17.04 ? 50  PHE A CD2 1 
ATOM   406  C CE1 . PHE A 1 50  ? -5.995  -7.427  17.626  1.00 20.22 ? 50  PHE A CE1 1 
ATOM   407  C CE2 . PHE A 1 50  ? -4.328  -9.074  16.864  1.00 19.44 ? 50  PHE A CE2 1 
ATOM   408  C CZ  . PHE A 1 50  ? -5.320  -8.602  17.825  1.00 19.98 ? 50  PHE A CZ  1 
ATOM   409  N N   . ASP A 1 51  ? -7.908  -7.202  14.017  1.00 19.55 ? 51  ASP A N   1 
ATOM   410  C CA  . ASP A 1 51  ? -9.163  -7.001  14.770  1.00 21.15 ? 51  ASP A CA  1 
ATOM   411  C C   . ASP A 1 51  ? -9.332  -8.306  15.488  1.00 21.68 ? 51  ASP A C   1 
ATOM   412  O O   . ASP A 1 51  ? -8.454  -9.250  15.375  1.00 21.54 ? 51  ASP A O   1 
ATOM   413  C CB  . ASP A 1 51  ? -10.429 -6.442  14.024  1.00 23.14 ? 51  ASP A CB  1 
ATOM   414  C CG  . ASP A 1 51  ? -10.936 -7.336  12.974  1.00 26.65 ? 51  ASP A CG  1 
ATOM   415  O OD1 . ASP A 1 51  ? -11.173 -6.830  11.865  1.00 29.25 ? 51  ASP A OD1 1 
ATOM   416  O OD2 . ASP A 1 51  ? -10.996 -8.546  13.259  1.00 29.13 ? 51  ASP A OD2 1 
ATOM   417  N N   . ASN A 1 52  ? -10.246 -8.208  16.479  1.00 22.98 ? 52  ASN A N   1 
ATOM   418  C CA  . ASN A 1 52  ? -10.482 -9.406  17.327  1.00 24.55 ? 52  ASN A CA  1 
ATOM   419  C C   . ASN A 1 52  ? -11.178 -10.564 16.549  1.00 24.95 ? 52  ASN A C   1 
ATOM   420  O O   . ASN A 1 52  ? -10.854 -11.782 16.932  1.00 25.61 ? 52  ASN A O   1 
ATOM   421  C CB  . ASN A 1 52  ? -11.324 -9.068  18.616  1.00 27.50 ? 52  ASN A CB  1 
ATOM   422  C CG  . ASN A 1 52  ? -10.546 -8.204  19.658  1.00 28.75 ? 52  ASN A CG  1 
ATOM   423  O OD1 . ASN A 1 52  ? -9.238  -8.080  19.650  1.00 25.09 ? 52  ASN A OD1 1 
ATOM   424  N ND2 . ASN A 1 52  ? -11.366 -7.489  20.471  1.00 28.47 ? 52  ASN A ND2 1 
ATOM   425  N N   . ALA A 1 53  ? -11.972 -10.191 15.467  1.00 24.33 ? 53  ALA A N   1 
ATOM   426  C CA  . ALA A 1 53  ? -12.672 -11.179 14.505  1.00 25.27 ? 53  ALA A CA  1 
ATOM   427  C C   . ALA A 1 53  ? -11.527 -11.853 13.711  1.00 25.51 ? 53  ALA A C   1 
ATOM   428  O O   . ALA A 1 53  ? -11.358 -13.076 13.789  1.00 25.56 ? 53  ALA A O   1 
ATOM   429  C CB  . ALA A 1 53  ? -13.660 -10.510 13.434  1.00 23.32 ? 53  ALA A CB  1 
ATOM   430  N N   . LYS A 1 54  ? -10.713 -11.048 12.996  1.00 25.32 ? 54  LYS A N   1 
ATOM   431  C CA  . LYS A 1 54  ? -9.648  -11.572 12.096  1.00 25.78 ? 54  LYS A CA  1 
ATOM   432  C C   . LYS A 1 54  ? -8.182  -11.712 12.654  1.00 24.84 ? 54  LYS A C   1 
ATOM   433  O O   . LYS A 1 54  ? -7.312  -12.377 11.965  1.00 25.29 ? 54  LYS A O   1 
ATOM   434  C CB  . LYS A 1 54  ? -9.589  -10.726 10.809  1.00 25.78 ? 54  LYS A CB  1 
ATOM   435  C CG  . LYS A 1 54  ? -10.798 -10.870 9.942   1.00 27.34 ? 54  LYS A CG  1 
ATOM   436  C CD  . LYS A 1 54  ? -10.493 -10.099 8.633   1.00 31.73 ? 54  LYS A CD  1 
ATOM   437  C CE  . LYS A 1 54  ? -11.496 -10.199 7.468   1.00 35.53 ? 54  LYS A CE  1 
ATOM   438  N NZ  . LYS A 1 54  ? -11.014 -9.292  6.270   1.00 40.05 ? 54  LYS A NZ  1 
ATOM   439  N N   . GLY A 1 55  ? -7.897  -11.085 13.809  1.00 23.38 ? 55  GLY A N   1 
ATOM   440  C CA  . GLY A 1 55  ? -6.495  -11.124 14.280  1.00 21.03 ? 55  GLY A CA  1 
ATOM   441  C C   . GLY A 1 55  ? -5.775  -10.287 13.200  1.00 19.05 ? 55  GLY A C   1 
ATOM   442  O O   . GLY A 1 55  ? -6.432  -9.444  12.467  1.00 18.66 ? 55  GLY A O   1 
ATOM   443  N N   . LEU A 1 56  ? -4.499  -10.655 13.012  1.00 16.10 ? 56  LEU A N   1 
ATOM   444  C CA  . LEU A 1 56  ? -3.601  -9.955  12.041  1.00 17.06 ? 56  LEU A CA  1 
ATOM   445  C C   . LEU A 1 56  ? -3.940  -10.401 10.574  1.00 16.69 ? 56  LEU A C   1 
ATOM   446  O O   . LEU A 1 56  ? -3.959  -11.601 10.315  1.00 16.99 ? 56  LEU A O   1 
ATOM   447  C CB  . LEU A 1 56  ? -2.108  -10.224 12.349  1.00 17.06 ? 56  LEU A CB  1 
ATOM   448  C CG  . LEU A 1 56  ? -0.910  -9.407  11.730  1.00 17.95 ? 56  LEU A CG  1 
ATOM   449  C CD1 . LEU A 1 56  ? -0.980  -7.961  11.953  1.00 18.32 ? 56  LEU A CD1 1 
ATOM   450  C CD2 . LEU A 1 56  ? 0.365   -9.706  12.391  1.00 21.22 ? 56  LEU A CD2 1 
ATOM   451  N N   . ASN A 1 57  ? -4.107  -9.472  9.624   1.00 15.19 ? 57  ASN A N   1 
ATOM   452  C CA  . ASN A 1 57  ? -4.370  -9.858  8.287   1.00 13.73 ? 57  ASN A CA  1 
ATOM   453  C C   . ASN A 1 57  ? -3.838  -8.725  7.380   1.00 13.83 ? 57  ASN A C   1 
ATOM   454  O O   . ASN A 1 57  ? -3.468  -7.618  7.890   1.00 13.59 ? 57  ASN A O   1 
ATOM   455  C CB  . ASN A 1 57  ? -5.922  -10.052 8.092   1.00 15.02 ? 57  ASN A CB  1 
ATOM   456  C CG  . ASN A 1 57  ? -6.715  -8.840  8.456   1.00 15.94 ? 57  ASN A CG  1 
ATOM   457  O OD1 . ASN A 1 57  ? -7.154  -8.068  7.572   1.00 18.74 ? 57  ASN A OD1 1 
ATOM   458  N ND2 . ASN A 1 57  ? -6.900  -8.609  9.791   1.00 19.37 ? 57  ASN A ND2 1 
ATOM   459  N N   . VAL A 1 58  ? -3.907  -8.945  6.063   1.00 12.43 ? 58  VAL A N   1 
ATOM   460  C CA  . VAL A 1 58  ? -3.382  -7.963  5.129   1.00 11.61 ? 58  VAL A CA  1 
ATOM   461  C C   . VAL A 1 58  ? -4.444  -7.718  4.014   1.00 12.40 ? 58  VAL A C   1 
ATOM   462  O O   . VAL A 1 58  ? -5.100  -8.674  3.551   1.00 11.19 ? 58  VAL A O   1 
ATOM   463  C CB  . VAL A 1 58  ? -2.028  -8.519  4.395   1.00 10.41 ? 58  VAL A CB  1 
ATOM   464  C CG1 . VAL A 1 58  ? -1.410  -7.524  3.357   1.00 8.68  ? 58  VAL A CG1 1 
ATOM   465  C CG2 . VAL A 1 58  ? -1.070  -8.943  5.498   1.00 9.72  ? 58  VAL A CG2 1 
ATOM   466  N N   . LYS A 1 59  ? -4.482  -6.479  3.557   1.00 11.07 ? 59  LYS A N   1 
ATOM   467  C CA  . LYS A 1 59  ? -5.321  -6.011  2.448   1.00 11.33 ? 59  LYS A CA  1 
ATOM   468  C C   . LYS A 1 59  ? -4.418  -5.484  1.402   1.00 11.22 ? 59  LYS A C   1 
ATOM   469  O O   . LYS A 1 59  ? -3.343  -4.924  1.707   1.00 11.16 ? 59  LYS A O   1 
ATOM   470  C CB  . LYS A 1 59  ? -6.299  -4.952  2.899   1.00 11.53 ? 59  LYS A CB  1 
ATOM   471  C CG  . LYS A 1 59  ? -7.335  -5.516  3.916   1.00 12.78 ? 59  LYS A CG  1 
ATOM   472  C CD  . LYS A 1 59  ? -8.209  -6.585  3.314   1.00 20.28 ? 59  LYS A CD  1 
ATOM   473  C CE  . LYS A 1 59  ? -9.490  -6.751  4.182   1.00 24.72 ? 59  LYS A CE  1 
ATOM   474  N NZ  . LYS A 1 59  ? -10.233 -8.157  3.996   1.00 29.66 ? 59  LYS A NZ  1 
ATOM   475  N N   . HIS A 1 60  ? -4.839  -5.591  0.138   1.00 10.35 ? 60  HIS A N   1 
ATOM   476  C CA  . HIS A 1 60  ? -4.077  -5.053  -0.955  1.00 9.90  ? 60  HIS A CA  1 
ATOM   477  C C   . HIS A 1 60  ? -4.989  -4.123  -1.753  1.00 10.72 ? 60  HIS A C   1 
ATOM   478  O O   . HIS A 1 60  ? -6.157  -4.549  -2.078  1.00 11.37 ? 60  HIS A O   1 
ATOM   479  C CB  . HIS A 1 60  ? -3.634  -6.228  -1.884  1.00 9.47  ? 60  HIS A CB  1 
ATOM   480  C CG  . HIS A 1 60  ? -2.915  -7.324  -1.117  1.00 9.20  ? 60  HIS A CG  1 
ATOM   481  N ND1 . HIS A 1 60  ? -1.612  -7.220  -0.769  1.00 11.86 ? 60  HIS A ND1 1 
ATOM   482  C CD2 . HIS A 1 60  ? -3.344  -8.495  -0.623  1.00 10.48 ? 60  HIS A CD2 1 
ATOM   483  C CE1 . HIS A 1 60  ? -1.243  -8.287  -0.068  1.00 10.78 ? 60  HIS A CE1 1 
ATOM   484  N NE2 . HIS A 1 60  ? -2.289  -9.075  0.070   1.00 8.51  ? 60  HIS A NE2 1 
ATOM   485  N N   . TYR A 1 61  ? -4.441  -3.007  -2.212  1.00 9.36  ? 61  TYR A N   1 
ATOM   486  C CA  . TYR A 1 61  ? -5.215  -2.033  -2.975  1.00 8.66  ? 61  TYR A CA  1 
ATOM   487  C C   . TYR A 1 61  ? -4.425  -1.700  -4.175  1.00 9.78  ? 61  TYR A C   1 
ATOM   488  O O   . TYR A 1 61  ? -3.282  -1.351  -4.123  1.00 9.80  ? 61  TYR A O   1 
ATOM   489  C CB  . TYR A 1 61  ? -5.445  -0.718  -2.179  1.00 8.48  ? 61  TYR A CB  1 
ATOM   490  C CG  . TYR A 1 61  ? -6.082  -1.000  -0.834  1.00 6.86  ? 61  TYR A CG  1 
ATOM   491  C CD1 . TYR A 1 61  ? -5.304  -1.235  0.393   1.00 8.63  ? 61  TYR A CD1 1 
ATOM   492  C CD2 . TYR A 1 61  ? -7.454  -1.138  -0.684  1.00 8.55  ? 61  TYR A CD2 1 
ATOM   493  C CE1 . TYR A 1 61  ? -5.886  -1.558  1.562   1.00 8.93  ? 61  TYR A CE1 1 
ATOM   494  C CE2 . TYR A 1 61  ? -8.028  -1.457  0.533   1.00 9.95  ? 61  TYR A CE2 1 
ATOM   495  C CZ  . TYR A 1 61  ? -7.286  -1.679  1.690   1.00 10.29 ? 61  TYR A CZ  1 
ATOM   496  O OH  . TYR A 1 61  ? -7.888  -1.945  2.904   1.00 11.42 ? 61  TYR A OH  1 
ATOM   497  N N   . LYS A 1 62  ? -5.071  -1.697  -5.326  1.00 9.66  ? 62  LYS A N   1 
ATOM   498  C CA  . LYS A 1 62  ? -4.374  -1.369  -6.579  1.00 10.19 ? 62  LYS A CA  1 
ATOM   499  C C   . LYS A 1 62  ? -4.286  0.099   -6.727  1.00 10.25 ? 62  LYS A C   1 
ATOM   500  O O   . LYS A 1 62  ? -5.300  0.794   -6.621  1.00 10.60 ? 62  LYS A O   1 
ATOM   501  C CB  . LYS A 1 62  ? -5.123  -2.060  -7.815  1.00 13.89 ? 62  LYS A CB  1 
ATOM   502  C CG  . LYS A 1 62  ? -4.357  -1.909  -9.100  1.00 19.61 ? 62  LYS A CG  1 
ATOM   503  C CD  . LYS A 1 62  ? -4.840  -2.805  -10.232 1.00 25.45 ? 62  LYS A CD  1 
ATOM   504  C CE  . LYS A 1 62  ? -4.662  -4.273  -9.771  1.00 27.30 ? 62  LYS A CE  1 
ATOM   505  N NZ  . LYS A 1 62  ? -5.193  -5.243  -10.896 1.00 32.18 ? 62  LYS A NZ  1 
ATOM   506  N N   . ILE A 1 63  ? -3.106  0.547   -7.100  1.00 11.72 ? 63  ILE A N   1 
ATOM   507  C CA  . ILE A 1 63  ? -2.870  1.912   -7.415  1.00 13.38 ? 63  ILE A CA  1 
ATOM   508  C C   . ILE A 1 63  ? -2.632  2.056   -8.960  1.00 15.07 ? 63  ILE A C   1 
ATOM   509  O O   . ILE A 1 63  ? -1.692  1.475   -9.513  1.00 14.63 ? 63  ILE A O   1 
ATOM   510  C CB  . ILE A 1 63  ? -1.638  2.468   -6.723  1.00 12.95 ? 63  ILE A CB  1 
ATOM   511  C CG1 . ILE A 1 63  ? -1.815  2.438   -5.195  1.00 10.37 ? 63  ILE A CG1 1 
ATOM   512  C CG2 . ILE A 1 63  ? -1.275  3.847   -7.310  1.00 12.92 ? 63  ILE A CG2 1 
ATOM   513  C CD1 . ILE A 1 63  ? -0.607  2.832   -4.442  1.00 10.02 ? 63  ILE A CD1 1 
ATOM   514  N N   . ARG A 1 64  ? -3.490  2.784   -9.693  1.00 16.49 ? 64  ARG A N   1 
ATOM   515  C CA  . ARG A 1 64  ? -3.249  3.011   -11.104 1.00 18.18 ? 64  ARG A CA  1 
ATOM   516  C C   . ARG A 1 64  ? -2.656  4.376   -11.256 1.00 18.09 ? 64  ARG A C   1 
ATOM   517  O O   . ARG A 1 64  ? -2.884  5.282   -10.488 1.00 15.04 ? 64  ARG A O   1 
ATOM   518  C CB  . ARG A 1 64  ? -4.522  2.968   -11.924 1.00 23.06 ? 64  ARG A CB  1 
ATOM   519  C CG  . ARG A 1 64  ? -5.881  2.786   -11.201 1.00 32.20 ? 64  ARG A CG  1 
ATOM   520  C CD  . ARG A 1 64  ? -6.314  1.341   -11.067 1.00 38.48 ? 64  ARG A CD  1 
ATOM   521  N NE  . ARG A 1 64  ? -5.928  0.651   -12.288 1.00 45.98 ? 64  ARG A NE  1 
ATOM   522  C CZ  . ARG A 1 64  ? -6.739  -0.197  -12.896 1.00 50.61 ? 64  ARG A CZ  1 
ATOM   523  N NH1 . ARG A 1 64  ? -7.959  -0.415  -12.380 1.00 50.85 ? 64  ARG A NH1 1 
ATOM   524  N NH2 . ARG A 1 64  ? -6.293  -0.923  -13.943 1.00 52.97 ? 64  ARG A NH2 1 
ATOM   525  N N   . LYS A 1 65  ? -1.998  4.525   -12.395 1.00 20.67 ? 65  LYS A N   1 
ATOM   526  C CA  . LYS A 1 65  ? -1.364  5.781   -12.797 1.00 23.23 ? 65  LYS A CA  1 
ATOM   527  C C   . LYS A 1 65  ? -1.905  5.987   -14.257 1.00 25.89 ? 65  LYS A C   1 
ATOM   528  O O   . LYS A 1 65  ? -1.697  5.097   -15.131 1.00 25.11 ? 65  LYS A O   1 
ATOM   529  C CB  . LYS A 1 65  ? 0.110   5.573   -12.815 1.00 23.77 ? 65  LYS A CB  1 
ATOM   530  C CG  . LYS A 1 65  ? 0.819   6.602   -13.725 1.00 28.97 ? 65  LYS A CG  1 
ATOM   531  C CD  . LYS A 1 65  ? 0.365   8.083   -13.569 1.00 30.78 ? 65  LYS A CD  1 
ATOM   532  C CE  . LYS A 1 65  ? 1.442   8.961   -14.214 1.00 33.49 ? 65  LYS A CE  1 
ATOM   533  N NZ  . LYS A 1 65  ? 1.772   8.327   -15.474 1.00 38.69 ? 65  LYS A NZ  1 
ATOM   534  N N   . LEU A 1 66  ? -2.591  7.098   -14.517 1.00 27.53 ? 66  LEU A N   1 
ATOM   535  C CA  . LEU A 1 66  ? -3.075  7.398   -15.845 1.00 30.19 ? 66  LEU A CA  1 
ATOM   536  C C   . LEU A 1 66  ? -1.912  7.965   -16.698 1.00 31.90 ? 66  LEU A C   1 
ATOM   537  O O   . LEU A 1 66  ? -0.896  8.500   -16.256 1.00 30.81 ? 66  LEU A O   1 
ATOM   538  C CB  . LEU A 1 66  ? -4.165  8.455   -15.765 1.00 30.62 ? 66  LEU A CB  1 
ATOM   539  C CG  . LEU A 1 66  ? -5.225  8.030   -14.749 1.00 32.05 ? 66  LEU A CG  1 
ATOM   540  C CD1 . LEU A 1 66  ? -6.211  9.057   -14.526 1.00 29.92 ? 66  LEU A CD1 1 
ATOM   541  C CD2 . LEU A 1 66  ? -5.929  6.751   -15.137 1.00 33.56 ? 66  LEU A CD2 1 
ATOM   542  N N   . ASP A 1 67  ? -2.097  7.812   -17.988 1.00 34.19 ? 67  ASP A N   1 
ATOM   543  C CA  . ASP A 1 67  ? -1.169  8.416   -18.908 1.00 35.52 ? 67  ASP A CA  1 
ATOM   544  C C   . ASP A 1 67  ? -1.540  9.915   -18.742 1.00 34.49 ? 67  ASP A C   1 
ATOM   545  O O   . ASP A 1 67  ? -0.695  10.697  -18.895 1.00 35.31 ? 67  ASP A O   1 
ATOM   546  C CB  . ASP A 1 67  ? -1.416  7.930   -20.333 1.00 42.44 ? 67  ASP A CB  1 
ATOM   547  C CG  . ASP A 1 67  ? -2.909  7.488   -20.586 1.00 51.33 ? 67  ASP A CG  1 
ATOM   548  O OD1 . ASP A 1 67  ? -3.922  7.902   -19.786 1.00 54.30 ? 67  ASP A OD1 1 
ATOM   549  O OD2 . ASP A 1 67  ? -2.990  6.684   -21.649 1.00 56.85 ? 67  ASP A OD2 1 
ATOM   550  N N   . SER A 1 68  ? -2.787  10.323  -18.476 1.00 33.91 ? 68  SER A N   1 
ATOM   551  C CA  . SER A 1 68  ? -3.016  11.741  -18.241 1.00 32.98 ? 68  SER A CA  1 
ATOM   552  C C   . SER A 1 68  ? -2.272  12.185  -16.895 1.00 32.23 ? 68  SER A C   1 
ATOM   553  O O   . SER A 1 68  ? -2.201  13.430  -16.521 1.00 32.75 ? 68  SER A O   1 
ATOM   554  C CB  . SER A 1 68  ? -4.483  12.026  -18.155 1.00 34.61 ? 68  SER A CB  1 
ATOM   555  O OG  . SER A 1 68  ? -5.000  11.236  -17.085 1.00 36.84 ? 68  SER A OG  1 
ATOM   556  N N   . GLY A 1 69  ? -1.794  11.205  -16.111 1.00 30.29 ? 69  GLY A N   1 
ATOM   557  C CA  . GLY A 1 69  ? -0.960  11.631  -15.008 1.00 27.88 ? 69  GLY A CA  1 
ATOM   558  C C   . GLY A 1 69  ? -1.366  11.366  -13.598 1.00 26.08 ? 69  GLY A C   1 
ATOM   559  O O   . GLY A 1 69  ? -0.501  11.101  -12.754 1.00 25.87 ? 69  GLY A O   1 
ATOM   560  N N   . GLY A 1 70  ? -2.628  11.231  -13.332 1.00 23.96 ? 70  GLY A N   1 
ATOM   561  C CA  . GLY A 1 70  ? -2.827  11.086  -11.902 1.00 22.37 ? 70  GLY A CA  1 
ATOM   562  C C   . GLY A 1 70  ? -2.597  9.647   -11.445 1.00 20.77 ? 70  GLY A C   1 
ATOM   563  O O   . GLY A 1 70  ? -2.721  8.644   -12.219 1.00 21.05 ? 70  GLY A O   1 
ATOM   564  N N   . PHE A 1 71  ? -2.257  9.556   -10.151 1.00 18.64 ? 71  PHE A N   1 
ATOM   565  C CA  . PHE A 1 71  ? -2.138  8.273   -9.378  1.00 16.18 ? 71  PHE A CA  1 
ATOM   566  C C   . PHE A 1 71  ? -3.420  8.153   -8.503  1.00 14.02 ? 71  PHE A C   1 
ATOM   567  O O   . PHE A 1 71  ? -3.862  9.160   -7.869  1.00 12.65 ? 71  PHE A O   1 
ATOM   568  C CB  . PHE A 1 71  ? -0.955  8.301   -8.455  1.00 16.05 ? 71  PHE A CB  1 
ATOM   569  C CG  . PHE A 1 71  ? 0.261   8.130   -9.154  1.00 17.72 ? 71  PHE A CG  1 
ATOM   570  C CD1 . PHE A 1 71  ? 0.879   9.267   -9.616  1.00 20.98 ? 71  PHE A CD1 1 
ATOM   571  C CD2 . PHE A 1 71  ? 0.883   6.860   -9.279  1.00 18.52 ? 71  PHE A CD2 1 
ATOM   572  C CE1 . PHE A 1 71  ? 2.209   9.113   -10.209 1.00 21.62 ? 71  PHE A CE1 1 
ATOM   573  C CE2 . PHE A 1 71  ? 2.139   6.713   -9.852  1.00 17.98 ? 71  PHE A CE2 1 
ATOM   574  C CZ  . PHE A 1 71  ? 2.775   7.826   -10.298 1.00 19.60 ? 71  PHE A CZ  1 
ATOM   575  N N   . TYR A 1 72  ? -3.994  6.931   -8.412  1.00 12.10 ? 72  TYR A N   1 
ATOM   576  C CA  . TYR A 1 72  ? -5.181  6.779   -7.544  1.00 10.76 ? 72  TYR A CA  1 
ATOM   577  C C   . TYR A 1 72  ? -5.495  5.325   -7.216  1.00 9.80  ? 72  TYR A C   1 
ATOM   578  O O   . TYR A 1 72  ? -5.043  4.432   -7.997  1.00 9.24  ? 72  TYR A O   1 
ATOM   579  C CB  . TYR A 1 72  ? -6.397  7.482   -8.154  1.00 11.33 ? 72  TYR A CB  1 
ATOM   580  C CG  . TYR A 1 72  ? -6.889  6.850   -9.395  1.00 13.51 ? 72  TYR A CG  1 
ATOM   581  C CD1 . TYR A 1 72  ? -7.671  5.702   -9.377  1.00 14.54 ? 72  TYR A CD1 1 
ATOM   582  C CD2 . TYR A 1 72  ? -6.533  7.394   -10.617 1.00 20.54 ? 72  TYR A CD2 1 
ATOM   583  C CE1 . TYR A 1 72  ? -8.099  5.085   -10.589 1.00 17.80 ? 72  TYR A CE1 1 
ATOM   584  C CE2 . TYR A 1 72  ? -6.987  6.787   -11.860 1.00 24.34 ? 72  TYR A CE2 1 
ATOM   585  C CZ  . TYR A 1 72  ? -7.748  5.652   -11.768 1.00 23.00 ? 72  TYR A CZ  1 
ATOM   586  O OH  . TYR A 1 72  ? -8.165  5.108   -12.957 1.00 28.17 ? 72  TYR A OH  1 
ATOM   587  N N   . ILE A 1 73  ? -6.216  5.181   -6.102  1.00 9.32  ? 73  ILE A N   1 
ATOM   588  C CA  . ILE A 1 73  ? -6.824  3.900   -5.720  1.00 10.22 ? 73  ILE A CA  1 
ATOM   589  C C   . ILE A 1 73  ? -8.317  4.007   -6.260  1.00 11.45 ? 73  ILE A C   1 
ATOM   590  O O   . ILE A 1 73  ? -8.753  3.096   -6.949  1.00 11.77 ? 73  ILE A O   1 
ATOM   591  C CB  . ILE A 1 73  ? -6.855  3.635   -4.222  1.00 9.98  ? 73  ILE A CB  1 
ATOM   592  C CG1 . ILE A 1 73  ? -5.425  3.372   -3.762  1.00 11.26 ? 73  ILE A CG1 1 
ATOM   593  C CG2 . ILE A 1 73  ? -7.608  2.376   -3.930  1.00 11.40 ? 73  ILE A CG2 1 
ATOM   594  C CD1 . ILE A 1 73  ? -5.276  3.218   -2.327  1.00 11.92 ? 73  ILE A CD1 1 
ATOM   595  N N   . THR A 1 74  ? -9.015  5.132   -5.993  1.00 11.81 ? 74  THR A N   1 
ATOM   596  C CA  . THR A 1 74  ? -10.371 5.380   -6.551  1.00 11.28 ? 74  THR A CA  1 
ATOM   597  C C   . THR A 1 74  ? -10.201 6.587   -7.423  1.00 12.32 ? 74  THR A C   1 
ATOM   598  O O   . THR A 1 74  ? -9.510  7.544   -7.095  1.00 11.45 ? 74  THR A O   1 
ATOM   599  C CB  . THR A 1 74  ? -11.421 5.641   -5.513  1.00 12.09 ? 74  THR A CB  1 
ATOM   600  O OG1 . THR A 1 74  ? -12.581 6.142   -6.204  1.00 11.70 ? 74  THR A OG1 1 
ATOM   601  C CG2 . THR A 1 74  ? -10.909 6.695   -4.434  1.00 11.17 ? 74  THR A CG2 1 
ATOM   602  N N   . SER A 1 75  ? -10.753 6.551   -8.601  1.00 12.94 ? 75  SER A N   1 
ATOM   603  C CA  . SER A 1 75  ? -10.593 7.606   -9.570  1.00 14.32 ? 75  SER A CA  1 
ATOM   604  C C   . SER A 1 75  ? -11.202 8.919   -9.057  1.00 15.18 ? 75  SER A C   1 
ATOM   605  O O   . SER A 1 75  ? -10.808 9.992   -9.610  1.00 15.16 ? 75  SER A O   1 
ATOM   606  C CB  . SER A 1 75  ? -11.254 7.231   -10.978 1.00 15.18 ? 75  SER A CB  1 
ATOM   607  O OG  . SER A 1 75  ? -12.680 7.112   -10.771 1.00 16.00 ? 75  SER A OG  1 
ATOM   608  N N   . ARG A 1 76  ? -12.053 8.835   -7.990  1.00 16.28 ? 76  ARG A N   1 
ATOM   609  C CA  . ARG A 1 76  ? -12.617 10.039  -7.375  1.00 17.75 ? 76  ARG A CA  1 
ATOM   610  C C   . ARG A 1 76  ? -11.565 10.822  -6.551  1.00 18.61 ? 76  ARG A C   1 
ATOM   611  O O   . ARG A 1 76  ? -11.830 12.083  -6.358  1.00 19.72 ? 76  ARG A O   1 
ATOM   612  C CB  . ARG A 1 76  ? -13.759 9.687   -6.447  1.00 22.49 ? 76  ARG A CB  1 
ATOM   613  C CG  . ARG A 1 76  ? -14.886 9.002   -7.337  1.00 32.21 ? 76  ARG A CG  1 
ATOM   614  C CD  . ARG A 1 76  ? -15.988 9.990   -7.795  1.00 43.35 ? 76  ARG A CD  1 
ATOM   615  N NE  . ARG A 1 76  ? -17.114 10.128  -6.779  1.00 52.18 ? 76  ARG A NE  1 
ATOM   616  C CZ  . ARG A 1 76  ? -18.211 10.915  -6.917  1.00 55.45 ? 76  ARG A CZ  1 
ATOM   617  N NH1 . ARG A 1 76  ? -18.373 11.669  -8.000  1.00 56.93 ? 76  ARG A NH1 1 
ATOM   618  N NH2 . ARG A 1 76  ? -19.168 10.943  -5.959  1.00 56.99 ? 76  ARG A NH2 1 
ATOM   619  N N   . THR A 1 77  ? -10.335 10.242  -6.304  1.00 16.16 ? 77  THR A N   1 
ATOM   620  C CA  . THR A 1 77  ? -9.325  10.864  -5.433  1.00 14.94 ? 77  THR A CA  1 
ATOM   621  C C   . THR A 1 77  ? -7.954  10.661  -5.965  1.00 14.00 ? 77  THR A C   1 
ATOM   622  O O   . THR A 1 77  ? -7.291  9.599   -5.690  1.00 13.74 ? 77  THR A O   1 
ATOM   623  C CB  . THR A 1 77  ? -9.546  10.286  -3.983  1.00 15.33 ? 77  THR A CB  1 
ATOM   624  O OG1 . THR A 1 77  ? -10.962 10.422  -3.636  1.00 14.71 ? 77  THR A OG1 1 
ATOM   625  C CG2 . THR A 1 77  ? -8.554  10.832  -2.818  1.00 14.14 ? 77  THR A CG2 1 
ATOM   626  N N   . GLN A 1 78  ? -7.508  11.593  -6.779  1.00 13.65 ? 78  GLN A N   1 
ATOM   627  C CA  . GLN A 1 78  ? -6.207  11.447  -7.497  1.00 14.14 ? 78  GLN A CA  1 
ATOM   628  C C   . GLN A 1 78  ? -5.162  12.376  -6.998  1.00 13.84 ? 78  GLN A C   1 
ATOM   629  O O   . GLN A 1 78  ? -5.531  13.407  -6.374  1.00 14.26 ? 78  GLN A O   1 
ATOM   630  C CB  . GLN A 1 78  ? -6.393  11.706  -8.974  1.00 15.64 ? 78  GLN A CB  1 
ATOM   631  C CG  . GLN A 1 78  ? -7.522  10.739  -9.504  1.00 18.31 ? 78  GLN A CG  1 
ATOM   632  C CD  . GLN A 1 78  ? -7.772  10.870  -11.053 1.00 22.94 ? 78  GLN A CD  1 
ATOM   633  O OE1 . GLN A 1 78  ? -8.927  10.621  -11.490 1.00 25.11 ? 78  GLN A OE1 1 
ATOM   634  N NE2 . GLN A 1 78  ? -6.719  11.168  -11.857 1.00 18.49 ? 78  GLN A NE2 1 
ATOM   635  N N   . PHE A 1 79  ? -3.915  11.960  -7.232  1.00 13.72 ? 79  PHE A N   1 
ATOM   636  C CA  . PHE A 1 79  ? -2.659  12.632  -6.825  1.00 14.37 ? 79  PHE A CA  1 
ATOM   637  C C   . PHE A 1 79  ? -1.684  12.851  -7.918  1.00 15.69 ? 79  PHE A C   1 
ATOM   638  O O   . PHE A 1 79  ? -1.695  12.108  -8.903  1.00 16.26 ? 79  PHE A O   1 
ATOM   639  C CB  . PHE A 1 79  ? -2.022  11.833  -5.689  1.00 14.62 ? 79  PHE A CB  1 
ATOM   640  C CG  . PHE A 1 79  ? -3.003  11.672  -4.551  1.00 12.86 ? 79  PHE A CG  1 
ATOM   641  C CD1 . PHE A 1 79  ? -3.872  10.552  -4.537  1.00 11.88 ? 79  PHE A CD1 1 
ATOM   642  C CD2 . PHE A 1 79  ? -3.196  12.666  -3.520  1.00 10.80 ? 79  PHE A CD2 1 
ATOM   643  C CE1 . PHE A 1 79  ? -4.911  10.383  -3.561  1.00 8.61  ? 79  PHE A CE1 1 
ATOM   644  C CE2 . PHE A 1 79  ? -4.179  12.501  -2.562  1.00 9.44  ? 79  PHE A CE2 1 
ATOM   645  C CZ  . PHE A 1 79  ? -5.069  11.342  -2.556  1.00 10.35 ? 79  PHE A CZ  1 
ATOM   646  N N   . ASN A 1 80  ? -0.867  13.889  -7.787  1.00 16.38 ? 80  ASN A N   1 
ATOM   647  C CA  . ASN A 1 80  ? 0.097   14.203  -8.806  1.00 19.03 ? 80  ASN A CA  1 
ATOM   648  C C   . ASN A 1 80  ? 1.289   13.249  -8.688  1.00 19.58 ? 80  ASN A C   1 
ATOM   649  O O   . ASN A 1 80  ? 2.090   13.082  -9.603  1.00 20.06 ? 80  ASN A O   1 
ATOM   650  C CB  . ASN A 1 80  ? 0.553   15.699  -8.760  1.00 21.65 ? 80  ASN A CB  1 
ATOM   651  C CG  . ASN A 1 80  ? -0.607  16.642  -9.085  1.00 23.81 ? 80  ASN A CG  1 
ATOM   652  O OD1 . ASN A 1 80  ? -1.525  16.185  -9.818  1.00 23.63 ? 80  ASN A OD1 1 
ATOM   653  N ND2 . ASN A 1 80  ? -0.716  17.879  -8.402  1.00 24.47 ? 80  ASN A ND2 1 
ATOM   654  N N   . SER A 1 81  ? 1.448   12.576  -7.566  1.00 18.57 ? 81  SER A N   1 
ATOM   655  C CA  . SER A 1 81  ? 2.553   11.619  -7.470  1.00 18.92 ? 81  SER A CA  1 
ATOM   656  C C   . SER A 1 81  ? 2.122   10.454  -6.477  1.00 18.69 ? 81  SER A C   1 
ATOM   657  O O   . SER A 1 81  ? 1.200   10.588  -5.643  1.00 18.67 ? 81  SER A O   1 
ATOM   658  C CB  . SER A 1 81  ? 3.813   12.255  -6.859  1.00 17.49 ? 81  SER A CB  1 
ATOM   659  O OG  . SER A 1 81  ? 3.504   12.669  -5.575  1.00 18.82 ? 81  SER A OG  1 
ATOM   660  N N   . LEU A 1 82  ? 2.914   9.385   -6.482  1.00 18.99 ? 82  LEU A N   1 
ATOM   661  C CA  . LEU A 1 82  ? 2.700   8.249   -5.613  1.00 18.75 ? 82  LEU A CA  1 
ATOM   662  C C   . LEU A 1 82  ? 2.971   8.656   -4.164  1.00 17.66 ? 82  LEU A C   1 
ATOM   663  O O   . LEU A 1 82  ? 2.295   8.265   -3.202  1.00 16.71 ? 82  LEU A O   1 
ATOM   664  C CB  . LEU A 1 82  ? 3.589   7.133   -6.099  1.00 19.56 ? 82  LEU A CB  1 
ATOM   665  C CG  . LEU A 1 82  ? 3.552   5.785   -5.542  1.00 22.80 ? 82  LEU A CG  1 
ATOM   666  C CD1 . LEU A 1 82  ? 2.159   5.171   -5.778  1.00 22.18 ? 82  LEU A CD1 1 
ATOM   667  C CD2 . LEU A 1 82  ? 4.546   5.066   -6.470  1.00 25.67 ? 82  LEU A CD2 1 
ATOM   668  N N   . GLN A 1 83  ? 3.937   9.568   -4.034  1.00 17.81 ? 83  GLN A N   1 
ATOM   669  C CA  . GLN A 1 83  ? 4.259   10.128  -2.745  1.00 18.06 ? 83  GLN A CA  1 
ATOM   670  C C   . GLN A 1 83  ? 3.160   10.890  -2.133  1.00 16.89 ? 83  GLN A C   1 
ATOM   671  O O   . GLN A 1 83  ? 2.903   10.827  -0.957  1.00 17.47 ? 83  GLN A O   1 
ATOM   672  C CB  . GLN A 1 83  ? 5.534   11.047  -2.828  1.00 21.97 ? 83  GLN A CB  1 
ATOM   673  C CG  . GLN A 1 83  ? 6.769   10.201  -3.393  1.00 24.68 ? 83  GLN A CG  1 
ATOM   674  C CD  . GLN A 1 83  ? 7.072   9.924   -4.993  1.00 27.73 ? 83  GLN A CD  1 
ATOM   675  O OE1 . GLN A 1 83  ? 8.306   9.566   -5.354  1.00 29.93 ? 83  GLN A OE1 1 
ATOM   676  N NE2 . GLN A 1 83  ? 6.099   10.062  -5.875  1.00 24.33 ? 83  GLN A NE2 1 
ATOM   677  N N   . GLN A 1 84  ? 2.551   11.792  -2.908  1.00 17.17 ? 84  GLN A N   1 
ATOM   678  C CA  . GLN A 1 84  ? 1.410   12.505  -2.306  1.00 15.57 ? 84  GLN A CA  1 
ATOM   679  C C   . GLN A 1 84  ? 0.236   11.537  -1.959  1.00 13.98 ? 84  GLN A C   1 
ATOM   680  O O   . GLN A 1 84  ? -0.581  11.756  -1.058  1.00 15.56 ? 84  GLN A O   1 
ATOM   681  C CB  . GLN A 1 84  ? 0.954   13.595  -3.300  1.00 18.29 ? 84  GLN A CB  1 
ATOM   682  C CG  . GLN A 1 84  ? 2.140   14.619  -3.525  1.00 22.02 ? 84  GLN A CG  1 
ATOM   683  C CD  . GLN A 1 84  ? 1.927   15.486  -4.762  1.00 25.54 ? 84  GLN A CD  1 
ATOM   684  O OE1 . GLN A 1 84  ? 2.116   15.042  -5.933  1.00 28.48 ? 84  GLN A OE1 1 
ATOM   685  N NE2 . GLN A 1 84  ? 1.643   16.750  -4.505  1.00 28.56 ? 84  GLN A NE2 1 
ATOM   686  N N   . LEU A 1 85  ? 0.084   10.504  -2.780  1.00 13.71 ? 85  LEU A N   1 
ATOM   687  C CA  . LEU A 1 85  ? -0.934  9.434   -2.493  1.00 12.76 ? 85  LEU A CA  1 
ATOM   688  C C   . LEU A 1 85  ? -0.628  8.796   -1.132  1.00 11.30 ? 85  LEU A C   1 
ATOM   689  O O   . LEU A 1 85  ? -1.503  8.704   -0.260  1.00 10.49 ? 85  LEU A O   1 
ATOM   690  C CB  . LEU A 1 85  ? -1.016  8.388   -3.682  1.00 12.09 ? 85  LEU A CB  1 
ATOM   691  C CG  . LEU A 1 85  ? -2.082  7.270   -3.405  1.00 13.49 ? 85  LEU A CG  1 
ATOM   692  C CD1 . LEU A 1 85  ? -2.532  6.870   -4.782  1.00 11.47 ? 85  LEU A CD1 1 
ATOM   693  C CD2 . LEU A 1 85  ? -1.570  6.136   -2.540  1.00 9.01  ? 85  LEU A CD2 1 
ATOM   694  N N   . VAL A 1 86  ? 0.618   8.344   -0.974  1.00 11.83 ? 86  VAL A N   1 
ATOM   695  C CA  . VAL A 1 86  ? 1.049   7.759   0.275   1.00 13.12 ? 86  VAL A CA  1 
ATOM   696  C C   . VAL A 1 86  ? 0.919   8.760   1.385   1.00 13.39 ? 86  VAL A C   1 
ATOM   697  O O   . VAL A 1 86  ? 0.347   8.387   2.475   1.00 13.49 ? 86  VAL A O   1 
ATOM   698  C CB  . VAL A 1 86  ? 2.513   7.177   0.194   1.00 12.59 ? 86  VAL A CB  1 
ATOM   699  C CG1 . VAL A 1 86  ? 3.080   6.816   1.630   1.00 13.36 ? 86  VAL A CG1 1 
ATOM   700  C CG2 . VAL A 1 86  ? 2.480   5.964   -0.626  1.00 15.17 ? 86  VAL A CG2 1 
ATOM   701  N N   . ALA A 1 87  ? 1.347   10.031  1.142   1.00 14.93 ? 87  ALA A N   1 
ATOM   702  C CA  . ALA A 1 87  ? 1.174   11.053  2.152   1.00 13.63 ? 87  ALA A CA  1 
ATOM   703  C C   . ALA A 1 87  ? -0.287  11.219  2.574   1.00 12.95 ? 87  ALA A C   1 
ATOM   704  O O   . ALA A 1 87  ? -0.605  11.206  3.780   1.00 13.53 ? 87  ALA A O   1 
ATOM   705  C CB  . ALA A 1 87  ? 1.836   12.391  1.763   1.00 15.15 ? 87  ALA A CB  1 
ATOM   706  N N   . TYR A 1 88  ? -1.253  11.276  1.627   1.00 12.61 ? 88  TYR A N   1 
ATOM   707  C CA  . TYR A 1 88  ? -2.705  11.456  1.948   1.00 11.89 ? 88  TYR A CA  1 
ATOM   708  C C   . TYR A 1 88  ? -3.303  10.313  2.798   1.00 11.10 ? 88  TYR A C   1 
ATOM   709  O O   . TYR A 1 88  ? -4.072  10.499  3.714   1.00 11.29 ? 88  TYR A O   1 
ATOM   710  C CB  . TYR A 1 88  ? -3.468  11.628  0.614   1.00 9.70  ? 88  TYR A CB  1 
ATOM   711  C CG  . TYR A 1 88  ? -4.846  11.732  0.774   1.00 11.20 ? 88  TYR A CG  1 
ATOM   712  C CD1 . TYR A 1 88  ? -5.478  13.021  0.949   1.00 14.34 ? 88  TYR A CD1 1 
ATOM   713  C CD2 . TYR A 1 88  ? -5.670  10.576  0.728   1.00 13.50 ? 88  TYR A CD2 1 
ATOM   714  C CE1 . TYR A 1 88  ? -6.916  13.099  1.090   1.00 16.02 ? 88  TYR A CE1 1 
ATOM   715  C CE2 . TYR A 1 88  ? -7.055  10.613  0.835   1.00 16.46 ? 88  TYR A CE2 1 
ATOM   716  C CZ  . TYR A 1 88  ? -7.715  11.892  1.033   1.00 17.94 ? 88  TYR A CZ  1 
ATOM   717  O OH  . TYR A 1 88  ? -9.060  11.909  1.268   1.00 20.90 ? 88  TYR A OH  1 
ATOM   718  N N   . TYR A 1 89  ? -2.939  9.047   2.433   1.00 10.90 ? 89  TYR A N   1 
ATOM   719  C CA  . TYR A 1 89  ? -3.541  7.864   3.135   1.00 10.88 ? 89  TYR A CA  1 
ATOM   720  C C   . TYR A 1 89  ? -2.931  7.563   4.510   1.00 10.44 ? 89  TYR A C   1 
ATOM   721  O O   . TYR A 1 89  ? -3.421  6.772   5.215   1.00 10.62 ? 89  TYR A O   1 
ATOM   722  C CB  . TYR A 1 89  ? -3.569  6.681   2.175   1.00 9.85  ? 89  TYR A CB  1 
ATOM   723  C CG  . TYR A 1 89  ? -4.640  6.853   1.068   1.00 8.91  ? 89  TYR A CG  1 
ATOM   724  C CD1 . TYR A 1 89  ? -4.337  6.961   -0.271  1.00 8.73  ? 89  TYR A CD1 1 
ATOM   725  C CD2 . TYR A 1 89  ? -5.975  6.835   1.447   1.00 10.38 ? 89  TYR A CD2 1 
ATOM   726  C CE1 . TYR A 1 89  ? -5.380  7.045   -1.254  1.00 8.32  ? 89  TYR A CE1 1 
ATOM   727  C CE2 . TYR A 1 89  ? -7.041  6.925   0.513   1.00 9.92  ? 89  TYR A CE2 1 
ATOM   728  C CZ  . TYR A 1 89  ? -6.671  7.023   -0.809  1.00 10.34 ? 89  TYR A CZ  1 
ATOM   729  O OH  . TYR A 1 89  ? -7.589  7.233   -1.740  1.00 10.76 ? 89  TYR A OH  1 
ATOM   730  N N   . SER A 1 90  ? -1.805  8.242   4.765   1.00 13.21 ? 90  SER A N   1 
ATOM   731  C CA  . SER A 1 90  ? -1.121  8.216   6.086   1.00 15.82 ? 90  SER A CA  1 
ATOM   732  C C   . SER A 1 90  ? -1.877  9.150   7.020   1.00 17.50 ? 90  SER A C   1 
ATOM   733  O O   . SER A 1 90  ? -1.630  9.090   8.251   1.00 19.62 ? 90  SER A O   1 
ATOM   734  C CB  . SER A 1 90  ? 0.205   8.779   5.980   1.00 13.56 ? 90  SER A CB  1 
ATOM   735  O OG  . SER A 1 90  ? 1.029   7.987   5.189   1.00 18.29 ? 90  SER A OG  1 
ATOM   736  N N   . LYS A 1 91  ? -2.806  9.973   6.490   1.00 17.83 ? 91  LYS A N   1 
ATOM   737  C CA  . LYS A 1 91  ? -3.702  10.912  7.249   1.00 18.29 ? 91  LYS A CA  1 
ATOM   738  C C   . LYS A 1 91  ? -5.212  10.596  7.173   1.00 18.32 ? 91  LYS A C   1 
ATOM   739  O O   . LYS A 1 91  ? -6.003  10.842  8.081   1.00 18.55 ? 91  LYS A O   1 
ATOM   740  C CB  . LYS A 1 91  ? -3.353  12.389  6.835   1.00 21.69 ? 91  LYS A CB  1 
ATOM   741  C CG  . LYS A 1 91  ? -1.890  12.851  7.307   1.00 22.68 ? 91  LYS A CG  1 
ATOM   742  C CD  . LYS A 1 91  ? -1.280  14.064  6.644   1.00 26.74 ? 91  LYS A CD  1 
ATOM   743  C CE  . LYS A 1 91  ? 0.057   14.485  7.443   1.00 30.58 ? 91  LYS A CE  1 
ATOM   744  N NZ  . LYS A 1 91  ? 0.877   15.724  6.962   1.00 29.87 ? 91  LYS A NZ  1 
ATOM   745  N N   . HIS A 1 92  ? -5.639  9.926   6.127   1.00 16.31 ? 92  HIS A N   1 
ATOM   746  C CA  . HIS A 1 92  ? -7.024  9.630   6.023   1.00 15.82 ? 92  HIS A CA  1 
ATOM   747  C C   . HIS A 1 92  ? -7.134  8.139   5.767   1.00 14.84 ? 92  HIS A C   1 
ATOM   748  O O   . HIS A 1 92  ? -6.499  7.661   4.812   1.00 14.70 ? 92  HIS A O   1 
ATOM   749  C CB  . HIS A 1 92  ? -7.643  10.417  4.850   1.00 17.61 ? 92  HIS A CB  1 
ATOM   750  C CG  . HIS A 1 92  ? -7.143  11.853  4.717   1.00 16.64 ? 92  HIS A CG  1 
ATOM   751  N ND1 . HIS A 1 92  ? -7.919  12.939  5.056   1.00 21.14 ? 92  HIS A ND1 1 
ATOM   752  C CD2 . HIS A 1 92  ? -5.933  12.347  4.344   1.00 15.46 ? 92  HIS A CD2 1 
ATOM   753  C CE1 . HIS A 1 92  ? -7.175  14.038  4.961   1.00 18.18 ? 92  HIS A CE1 1 
ATOM   754  N NE2 . HIS A 1 92  ? -5.962  13.715  4.522   1.00 19.77 ? 92  HIS A NE2 1 
ATOM   755  N N   . ALA A 1 93  ? -7.949  7.461   6.548   1.00 14.62 ? 93  ALA A N   1 
ATOM   756  C CA  . ALA A 1 93  ? -8.181  6.051   6.343   1.00 13.61 ? 93  ALA A CA  1 
ATOM   757  C C   . ALA A 1 93  ? -9.081  5.953   5.068   1.00 14.48 ? 93  ALA A C   1 
ATOM   758  O O   . ALA A 1 93  ? -8.880  5.011   4.302   1.00 14.79 ? 93  ALA A O   1 
ATOM   759  C CB  . ALA A 1 93  ? -8.918  5.406   7.503   1.00 12.91 ? 93  ALA A CB  1 
ATOM   760  N N   . ASP A 1 94  ? -10.158 6.811   4.933   1.00 14.07 ? 94  ASP A N   1 
ATOM   761  C CA  . ASP A 1 94  ? -11.102 6.632   3.830   1.00 13.34 ? 94  ASP A CA  1 
ATOM   762  C C   . ASP A 1 94  ? -11.586 5.195   3.744   1.00 12.54 ? 94  ASP A C   1 
ATOM   763  O O   . ASP A 1 94  ? -12.163 4.630   4.709   1.00 13.48 ? 94  ASP A O   1 
ATOM   764  C CB  . ASP A 1 94  ? -10.556 7.157   2.454   1.00 13.44 ? 94  ASP A CB  1 
ATOM   765  C CG  . ASP A 1 94  ? -10.424 8.729   2.396   1.00 14.31 ? 94  ASP A CG  1 
ATOM   766  O OD1 . ASP A 1 94  ? -10.676 9.430   3.513   1.00 18.50 ? 94  ASP A OD1 1 
ATOM   767  O OD2 . ASP A 1 94  ? -10.023 9.248   1.336   1.00 13.37 ? 94  ASP A OD2 1 
ATOM   768  N N   . GLY A 1 95  ? -11.460 4.560   2.595   1.00 12.13 ? 95  GLY A N   1 
ATOM   769  C CA  . GLY A 1 95  ? -11.946 3.188   2.476   1.00 12.12 ? 95  GLY A CA  1 
ATOM   770  C C   . GLY A 1 95  ? -10.901 2.138   2.818   1.00 11.26 ? 95  GLY A C   1 
ATOM   771  O O   . GLY A 1 95  ? -11.122 0.947   2.637   1.00 12.83 ? 95  GLY A O   1 
ATOM   772  N N   . LEU A 1 96  ? -9.710  2.558   3.253   1.00 11.11 ? 96  LEU A N   1 
ATOM   773  C CA  . LEU A 1 96  ? -8.718  1.567   3.526   1.00 9.95  ? 96  LEU A CA  1 
ATOM   774  C C   . LEU A 1 96  ? -8.999  0.891   4.893   1.00 10.17 ? 96  LEU A C   1 
ATOM   775  O O   . LEU A 1 96  ? -9.692  1.432   5.815   1.00 10.34 ? 96  LEU A O   1 
ATOM   776  C CB  . LEU A 1 96  ? -7.331  2.290   3.608   1.00 9.75  ? 96  LEU A CB  1 
ATOM   777  C CG  . LEU A 1 96  ? -6.800  2.978   2.311   1.00 10.33 ? 96  LEU A CG  1 
ATOM   778  C CD1 . LEU A 1 96  ? -5.326  3.489   2.607   1.00 11.79 ? 96  LEU A CD1 1 
ATOM   779  C CD2 . LEU A 1 96  ? -6.924  2.048   1.060   1.00 12.30 ? 96  LEU A CD2 1 
ATOM   780  N N   . CYS A 1 97  ? -8.366  -0.243  5.089   1.00 10.50 ? 97  CYS A N   1 
ATOM   781  C CA  . CYS A 1 97  ? -8.479  -0.954  6.352   1.00 11.04 ? 97  CYS A CA  1 
ATOM   782  C C   . CYS A 1 97  ? -7.955  -0.154  7.551   1.00 10.41 ? 97  CYS A C   1 
ATOM   783  O O   . CYS A 1 97  ? -8.383  -0.384  8.695   1.00 11.94 ? 97  CYS A O   1 
ATOM   784  C CB  . CYS A 1 97  ? -7.902  -2.367  6.248   1.00 11.04 ? 97  CYS A CB  1 
ATOM   785  S SG  . CYS A 1 97  ? -6.099  -2.419  5.928   1.00 13.01 ? 97  CYS A SG  1 
ATOM   786  N N   . HIS A 1 98  ? -6.962  0.711   7.309   1.00 10.75 ? 98  HIS A N   1 
ATOM   787  C CA  . HIS A 1 98  ? -6.364  1.533   8.314   1.00 10.45 ? 98  HIS A CA  1 
ATOM   788  C C   . HIS A 1 98  ? -5.590  2.610   7.653   1.00 10.15 ? 98  HIS A C   1 
ATOM   789  O O   . HIS A 1 98  ? -5.116  2.446   6.507   1.00 10.74 ? 98  HIS A O   1 
ATOM   790  C CB  . HIS A 1 98  ? -5.452  0.636   9.185   1.00 10.92 ? 98  HIS A CB  1 
ATOM   791  C CG  . HIS A 1 98  ? -5.135  1.290   10.540  1.00 12.76 ? 98  HIS A CG  1 
ATOM   792  N ND1 . HIS A 1 98  ? -4.134  2.237   10.689  1.00 11.38 ? 98  HIS A ND1 1 
ATOM   793  C CD2 . HIS A 1 98  ? -5.724  1.162   11.739  1.00 13.13 ? 98  HIS A CD2 1 
ATOM   794  C CE1 . HIS A 1 98  ? -4.098  2.644   11.937  1.00 13.14 ? 98  HIS A CE1 1 
ATOM   795  N NE2 . HIS A 1 98  ? -5.049  2.003   12.607  1.00 13.13 ? 98  HIS A NE2 1 
ATOM   796  N N   . ARG A 1 99  ? -5.409  3.761   8.300   1.00 11.36 ? 99  ARG A N   1 
ATOM   797  C CA  . ARG A 1 99  ? -4.537  4.772   7.718   1.00 11.62 ? 99  ARG A CA  1 
ATOM   798  C C   . ARG A 1 99  ? -3.061  4.187   7.706   1.00 11.16 ? 99  ARG A C   1 
ATOM   799  O O   . ARG A 1 99  ? -2.756  3.307   8.551   1.00 11.08 ? 99  ARG A O   1 
ATOM   800  C CB  . ARG A 1 99  ? -4.614  6.172   8.416   1.00 12.83 ? 99  ARG A CB  1 
ATOM   801  C CG  . ARG A 1 99  ? -4.021  6.319   9.692   1.00 16.72 ? 99  ARG A CG  1 
ATOM   802  C CD  . ARG A 1 99  ? -3.536  7.770   10.139  1.00 19.73 ? 99  ARG A CD  1 
ATOM   803  N NE  . ARG A 1 99  ? -2.703  7.605   11.363  1.00 19.69 ? 99  ARG A NE  1 
ATOM   804  C CZ  . ARG A 1 99  ? -1.363  7.710   11.428  1.00 20.17 ? 99  ARG A CZ  1 
ATOM   805  N NH1 . ARG A 1 99  ? -0.559  8.036   10.350  1.00 19.47 ? 99  ARG A NH1 1 
ATOM   806  N NH2 . ARG A 1 99  ? -0.770  7.336   12.581  1.00 21.03 ? 99  ARG A NH2 1 
ATOM   807  N N   . LEU A 1 100 ? -2.233  4.659   6.753   1.00 11.27 ? 100 LEU A N   1 
ATOM   808  C CA  . LEU A 1 100 ? -0.825  4.167   6.635   1.00 11.63 ? 100 LEU A CA  1 
ATOM   809  C C   . LEU A 1 100 ? -0.085  4.702   7.886   1.00 12.75 ? 100 LEU A C   1 
ATOM   810  O O   . LEU A 1 100 ? -0.133  5.932   8.134   1.00 13.44 ? 100 LEU A O   1 
ATOM   811  C CB  . LEU A 1 100 ? -0.198  4.623   5.291   1.00 10.41 ? 100 LEU A CB  1 
ATOM   812  C CG  . LEU A 1 100 ? -1.051  4.190   4.046   1.00 9.19  ? 100 LEU A CG  1 
ATOM   813  C CD1 . LEU A 1 100 ? -0.457  4.632   2.793   1.00 7.19  ? 100 LEU A CD1 1 
ATOM   814  C CD2 . LEU A 1 100 ? -1.377  2.676   4.172   1.00 7.01  ? 100 LEU A CD2 1 
ATOM   815  N N   . THR A 1 101 ? 0.655   3.821   8.572   1.00 12.17 ? 101 THR A N   1 
ATOM   816  C CA  . THR A 1 101 ? 1.431   4.203   9.757   1.00 13.39 ? 101 THR A CA  1 
ATOM   817  C C   . THR A 1 101 ? 2.908   4.075   9.613   1.00 15.27 ? 101 THR A C   1 
ATOM   818  O O   . THR A 1 101 ? 3.528   5.046   9.194   1.00 18.93 ? 101 THR A O   1 
ATOM   819  C CB  . THR A 1 101 ? 0.906   3.435   11.077  1.00 13.07 ? 101 THR A CB  1 
ATOM   820  O OG1 . THR A 1 101 ? 1.004   1.983   10.855  1.00 11.99 ? 101 THR A OG1 1 
ATOM   821  C CG2 . THR A 1 101 ? -0.553  3.780   11.354  1.00 11.04 ? 101 THR A CG2 1 
ATOM   822  N N   . THR A 1 102 ? 3.406   2.867   9.611   1.00 14.33 ? 102 THR A N   1 
ATOM   823  C CA  . THR A 1 102 ? 4.810   2.529   9.646   1.00 14.45 ? 102 THR A CA  1 
ATOM   824  C C   . THR A 1 102 ? 5.182   1.772   8.325   1.00 12.69 ? 102 THR A C   1 
ATOM   825  O O   . THR A 1 102 ? 4.441   0.875   7.878   1.00 10.90 ? 102 THR A O   1 
ATOM   826  C CB  . THR A 1 102 ? 4.921   1.321   10.804  1.00 18.40 ? 102 THR A CB  1 
ATOM   827  O OG1 . THR A 1 102 ? 3.922   1.403   11.898  1.00 26.39 ? 102 THR A OG1 1 
ATOM   828  C CG2 . THR A 1 102 ? 6.336   1.099   11.090  1.00 25.82 ? 102 THR A CG2 1 
ATOM   829  N N   . VAL A 1 103 ? 6.386   2.013   7.815   1.00 12.75 ? 103 VAL A N   1 
ATOM   830  C CA  . VAL A 1 103 ? 6.893   1.248   6.633   1.00 12.47 ? 103 VAL A CA  1 
ATOM   831  C C   . VAL A 1 103 ? 7.208   -0.176  7.115   1.00 12.52 ? 103 VAL A C   1 
ATOM   832  O O   . VAL A 1 103 ? 7.757   -0.341  8.215   1.00 12.13 ? 103 VAL A O   1 
ATOM   833  C CB  . VAL A 1 103 ? 8.229   1.906   5.946   1.00 13.15 ? 103 VAL A CB  1 
ATOM   834  C CG1 . VAL A 1 103 ? 8.714   1.063   4.792   1.00 13.34 ? 103 VAL A CG1 1 
ATOM   835  C CG2 . VAL A 1 103 ? 7.900   3.440   5.596   1.00 16.59 ? 103 VAL A CG2 1 
ATOM   836  N N   . CYS A 1 104 ? 6.794   -1.182  6.354   1.00 11.46 ? 104 CYS A N   1 
ATOM   837  C CA  . CYS A 1 104 ? 7.068   -2.550  6.686   1.00 12.61 ? 104 CYS A CA  1 
ATOM   838  C C   . CYS A 1 104 ? 8.568   -2.887  6.889   1.00 12.70 ? 104 CYS A C   1 
ATOM   839  O O   . CYS A 1 104 ? 9.352   -2.536  6.022   1.00 13.04 ? 104 CYS A O   1 
ATOM   840  C CB  . CYS A 1 104 ? 6.577   -3.447  5.523   1.00 12.92 ? 104 CYS A CB  1 
ATOM   841  S SG  . CYS A 1 104 ? 6.500   -5.170  6.114   1.00 15.28 ? 104 CYS A SG  1 
ATOM   842  N N   . PRO A 1 105 ? 8.919   -3.416  8.086   1.00 14.02 ? 105 PRO A N   1 
ATOM   843  C CA  . PRO A 1 105 ? 10.364  -3.776  8.169   1.00 17.64 ? 105 PRO A CA  1 
ATOM   844  C C   . PRO A 1 105 ? 10.595  -4.836  7.122   1.00 20.06 ? 105 PRO A C   1 
ATOM   845  O O   . PRO A 1 105 ? 9.775   -5.721  6.886   1.00 19.23 ? 105 PRO A O   1 
ATOM   846  C CB  . PRO A 1 105 ? 10.482  -4.583  9.408   1.00 17.52 ? 105 PRO A CB  1 
ATOM   847  C CG  . PRO A 1 105 ? 9.357   -4.022  10.335  1.00 18.40 ? 105 PRO A CG  1 
ATOM   848  C CD  . PRO A 1 105 ? 8.201   -3.690  9.328   1.00 16.36 ? 105 PRO A CD  1 
ATOM   849  N N   . THR A 1 106 ? 11.823  -4.879  6.687   1.00 23.33 ? 106 THR A N   1 
ATOM   850  C CA  . THR A 1 106 ? 12.253  -5.938  5.770   1.00 27.46 ? 106 THR A CA  1 
ATOM   851  C C   . THR A 1 106 ? 12.789  -7.146  6.590   1.00 29.14 ? 106 THR A C   1 
ATOM   852  O O   . THR A 1 106 ? 13.079  -7.047  7.858   1.00 32.67 ? 106 THR A O   1 
ATOM   853  C CB  . THR A 1 106 ? 13.447  -5.474  4.922   1.00 30.86 ? 106 THR A CB  1 
ATOM   854  O OG1 . THR A 1 106 ? 14.474  -5.089  5.857   1.00 33.37 ? 106 THR A OG1 1 
ATOM   855  C CG2 . THR A 1 106 ? 13.067  -4.216  3.981   1.00 31.07 ? 106 THR A CG2 1 
HETATM 856  C C1  . OXD B 2 .   ? -1.374  -8.387  -6.730  1.00 17.55 ? 109 OXD A C1  1 
HETATM 857  C C2  . OXD B 2 .   ? -2.530  -8.187  -7.701  1.00 21.08 ? 109 OXD A C2  1 
HETATM 858  O O3  . OXD B 2 .   ? -1.838  -8.431  -5.519  1.00 16.21 ? 109 OXD A O3  1 
HETATM 859  O O4  . OXD B 2 .   ? -3.693  -8.505  -7.313  1.00 27.73 ? 109 OXD A O4  1 
HETATM 860  O O5  . OXD B 2 .   ? -0.215  -8.227  -7.185  1.00 17.72 ? 109 OXD A O5  1 
HETATM 861  O O6  . OXD B 2 .   ? -2.397  -7.575  -8.701  1.00 20.64 ? 109 OXD A O6  1 
HETATM 862  O O   . HOH C 3 .   ? -10.533 -1.951  9.357   1.00 16.78 ? 110 HOH A O   1 
HETATM 863  O O   . HOH C 3 .   ? -10.147 7.737   -0.667  1.00 11.50 ? 111 HOH A O   1 
HETATM 864  O O   . HOH C 3 .   ? 8.593   -11.988 -4.064  1.00 17.25 ? 112 HOH A O   1 
HETATM 865  O O   . HOH C 3 .   ? -1.545  -4.878  11.666  1.00 13.99 ? 113 HOH A O   1 
HETATM 866  O O   . HOH C 3 .   ? -1.078  -5.935  14.547  1.00 21.30 ? 114 HOH A O   1 
HETATM 867  O O   . HOH C 3 .   ? 9.065   8.273   2.620   1.00 23.21 ? 115 HOH A O   1 
HETATM 868  O O   . HOH C 3 .   ? -1.381  -13.728 -6.516  1.00 21.15 ? 116 HOH A O   1 
HETATM 869  O O   . HOH C 3 .   ? -7.721  0.746   -7.656  1.00 14.06 ? 117 HOH A O   1 
HETATM 870  O O   . HOH C 3 .   ? -0.673  -13.695 -10.274 1.00 15.30 ? 118 HOH A O   1 
HETATM 871  O O   . HOH C 3 .   ? -11.406 13.218  -3.093  1.00 18.69 ? 119 HOH A O   1 
HETATM 872  O O   . HOH C 3 .   ? -10.438 13.610  -0.702  1.00 28.99 ? 120 HOH A O   1 
HETATM 873  O O   . HOH C 3 .   ? 1.274   12.428  5.518   1.00 23.99 ? 121 HOH A O   1 
HETATM 874  O O   . HOH C 3 .   ? -12.418 8.876   -1.996  1.00 15.52 ? 122 HOH A O   1 
HETATM 875  O O   . HOH C 3 .   ? -12.073 -0.676  4.889   1.00 17.70 ? 123 HOH A O   1 
HETATM 876  O O   . HOH C 3 .   ? 4.867   -13.925 8.117   1.00 20.12 ? 124 HOH A O   1 
HETATM 877  O O   . HOH C 3 .   ? 3.516   7.105   6.910   1.00 40.41 ? 125 HOH A O   1 
HETATM 878  O O   . HOH C 3 .   ? -4.397  -11.900 5.488   1.00 20.49 ? 126 HOH A O   1 
HETATM 879  O O   . HOH C 3 .   ? 0.343   -15.460 1.887   1.00 27.17 ? 127 HOH A O   1 
HETATM 880  O O   . HOH C 3 .   ? 2.740   -15.577 3.370   1.00 25.98 ? 128 HOH A O   1 
HETATM 881  O O   . HOH C 3 .   ? 4.143   -8.545  -7.655  1.00 29.17 ? 129 HOH A O   1 
HETATM 882  O O   . HOH C 3 .   ? 1.904   7.483   9.057   1.00 35.69 ? 130 HOH A O   1 
HETATM 883  O O   . HOH C 3 .   ? -3.338  -13.946 -9.894  1.00 26.78 ? 131 HOH A O   1 
HETATM 884  O O   . HOH C 3 .   ? 5.818   -8.756  -9.193  1.00 31.06 ? 132 HOH A O   1 
HETATM 885  O O   . HOH C 3 .   ? 6.012   -5.085  -16.126 1.00 80.84 ? 133 HOH A O   1 
HETATM 886  O O   . HOH C 3 .   ? -10.468 -4.428  10.985  1.00 51.64 ? 134 HOH A O   1 
HETATM 887  O O   . HOH C 3 .   ? -4.206  -12.714 -0.781  1.00 36.00 ? 135 HOH A O   1 
HETATM 888  O O   . HOH C 3 .   ? 9.833   7.157   9.059   1.00 42.58 ? 136 HOH A O   1 
HETATM 889  O O   . HOH C 3 .   ? 6.824   -15.214 -0.529  1.00 35.11 ? 137 HOH A O   1 
HETATM 890  O O   . HOH C 3 .   ? 8.353   -7.773  8.423   1.00 20.31 ? 138 HOH A O   1 
HETATM 891  O O   . HOH C 3 .   ? 7.739   -11.997 9.091   1.00 30.63 ? 139 HOH A O   1 
HETATM 892  O O   . HOH C 3 .   ? -4.358  -13.449 8.351   1.00 39.46 ? 140 HOH A O   1 
HETATM 893  O O   . HOH C 3 .   ? 7.309   9.732   0.365   1.00 29.37 ? 141 HOH A O   1 
HETATM 894  O O   . HOH C 3 .   ? 4.588   16.114  -8.203  1.00 52.39 ? 142 HOH A O   1 
HETATM 895  O O   . HOH C 3 .   ? -8.850  -6.108  7.384   1.00 18.70 ? 143 HOH A O   1 
HETATM 896  O O   . HOH C 3 .   ? 11.769  -1.196  5.980   1.00 22.15 ? 144 HOH A O   1 
HETATM 897  O O   . HOH C 3 .   ? -5.008  6.029   13.083  1.00 24.83 ? 145 HOH A O   1 
HETATM 898  O O   . HOH C 3 .   ? -8.011  -0.559  -9.952  1.00 19.81 ? 146 HOH A O   1 
HETATM 899  O O   . HOH C 3 .   ? -6.407  -9.821  1.329   1.00 23.39 ? 147 HOH A O   1 
HETATM 900  O O   . HOH C 3 .   ? 9.865   -6.324  13.245  1.00 34.89 ? 148 HOH A O   1 
HETATM 901  O O   . HOH C 3 .   ? 4.994   10.305  1.097   1.00 33.66 ? 149 HOH A O   1 
HETATM 902  O O   . HOH C 3 .   ? 7.854   4.403   8.805   1.00 40.84 ? 150 HOH A O   1 
HETATM 903  O O   . HOH C 3 .   ? 4.980   -13.052 14.281  1.00 30.79 ? 151 HOH A O   1 
HETATM 904  O O   . HOH C 3 .   ? -7.572  -9.372  5.272   1.00 22.39 ? 152 HOH A O   1 
HETATM 905  O O   . HOH C 3 .   ? 12.112  3.113   7.009   1.00 30.41 ? 153 HOH A O   1 
HETATM 906  O O   . HOH C 3 .   ? 12.439  -0.150  3.716   1.00 31.34 ? 154 HOH A O   1 
HETATM 907  O O   . HOH C 3 .   ? -16.916 5.806   -7.523  1.00 35.88 ? 155 HOH A O   1 
HETATM 908  O O   . HOH C 3 .   ? -2.560  6.384   15.035  1.00 51.86 ? 156 HOH A O   1 
HETATM 909  O O   . HOH C 3 .   ? 4.570   10.007  3.629   1.00 39.22 ? 157 HOH A O   1 
HETATM 910  O O   . HOH C 3 .   ? -6.419  -5.763  -4.643  1.00 29.43 ? 158 HOH A O   1 
HETATM 911  O O   . HOH C 3 .   ? 10.905  0.217   8.612   1.00 52.29 ? 159 HOH A O   1 
HETATM 912  O O   . HOH C 3 .   ? -11.093 1.029   -1.631  1.00 61.53 ? 160 HOH A O   1 
HETATM 913  O O   . HOH C 3 .   ? -14.480 9.636   -11.050 1.00 47.51 ? 161 HOH A O   1 
HETATM 914  O O   . HOH C 3 .   ? 13.355  -1.761  -4.383  1.00 41.64 ? 162 HOH A O   1 
HETATM 915  O O   . HOH C 3 .   ? -7.729  3.128   13.330  1.00 34.15 ? 163 HOH A O   1 
HETATM 916  O O   . HOH C 3 .   ? -8.865  -4.688  -0.977  1.00 33.02 ? 164 HOH A O   1 
HETATM 917  O O   . HOH C 3 .   ? -14.625 13.073  -4.346  1.00 47.44 ? 165 HOH A O   1 
HETATM 918  O O   . HOH C 3 .   ? -11.130 3.347   -1.496  1.00 39.60 ? 166 HOH A O   1 
HETATM 919  O O   . HOH C 3 .   ? -11.727 12.634  -9.162  1.00 32.78 ? 167 HOH A O   1 
HETATM 920  O O   . HOH C 3 .   ? -12.753 14.451  -7.209  1.00 33.64 ? 168 HOH A O   1 
HETATM 921  O O   . HOH C 3 .   ? 8.121   -6.811  11.429  1.00 35.37 ? 169 HOH A O   1 
HETATM 922  O O   . HOH C 3 .   ? 11.845  -9.234  0.738   1.00 34.12 ? 170 HOH A O   1 
HETATM 923  O O   . HOH C 3 .   ? 7.510   -6.489  -13.788 1.00 39.63 ? 171 HOH A O   1 
HETATM 924  O O   . HOH C 3 .   ? 10.855  -9.708  13.503  1.00 61.40 ? 172 HOH A O   1 
HETATM 925  O O   . HOH C 3 .   ? 13.961  -2.837  7.602   1.00 35.56 ? 173 HOH A O   1 
HETATM 926  O O   . HOH C 3 .   ? 6.648   -17.324 1.211   1.00 29.25 ? 174 HOH A O   1 
HETATM 927  O O   . HOH C 3 .   ? -4.969  -13.132 -12.257 1.00 30.34 ? 175 HOH A O   1 
HETATM 928  O O   . HOH C 3 .   ? -11.000 -4.050  0.279   1.00 40.89 ? 176 HOH A O   1 
HETATM 929  O O   . HOH C 3 .   ? 7.621   -11.238 15.269  1.00 24.93 ? 177 HOH A O   1 
HETATM 930  O O   . HOH C 3 .   ? -18.085 10.859  -10.601 1.00 50.94 ? 178 HOH A O   1 
HETATM 931  O O   . HOH C 3 .   ? -9.368  13.478  -7.563  1.00 15.38 ? 179 HOH A O   1 
HETATM 932  O O   . HOH C 3 .   ? -6.805  -14.312 -3.240  1.00 46.15 ? 180 HOH A O   1 
HETATM 933  O O   . HOH C 3 .   ? -12.269 -5.906  2.319   1.00 56.85 ? 181 HOH A O   1 
HETATM 934  O O   . HOH C 3 .   ? -10.426 -2.317  2.901   1.00 23.70 ? 182 HOH A O   1 
HETATM 935  O O   . HOH C 3 .   ? -11.711 10.787  5.804   1.00 35.48 ? 183 HOH A O   1 
HETATM 936  O O   . HOH C 3 .   ? 0.083   -7.783  16.046  1.00 22.57 ? 184 HOH A O   1 
HETATM 937  O O   . HOH C 3 .   ? 6.821   -3.061  12.808  1.00 42.23 ? 185 HOH A O   1 
HETATM 938  O O   . HOH C 3 .   ? -7.186  -8.631  -10.323 1.00 48.84 ? 186 HOH A O   1 
HETATM 939  O O   . HOH C 3 .   ? 8.933   -15.820 7.288   1.00 33.84 ? 187 HOH A O   1 
HETATM 940  O O   . HOH C 3 .   ? -7.847  -2.325  -5.340  1.00 23.97 ? 188 HOH A O   1 
HETATM 941  O O   . HOH C 3 .   ? -5.717  1.555   15.281  1.00 25.97 ? 189 HOH A O   1 
HETATM 942  O O   . HOH C 3 .   ? 12.135  -3.624  -8.207  1.00 45.90 ? 190 HOH A O   1 
HETATM 943  O O   . HOH C 3 .   ? 9.530   -1.716  -9.797  1.00 33.04 ? 191 HOH A O   1 
HETATM 944  O O   . HOH C 3 .   ? 12.012  -11.332 -9.806  1.00 27.90 ? 192 HOH A O   1 
HETATM 945  O O   . HOH C 3 .   ? -3.525  -12.206 15.003  1.00 28.65 ? 193 HOH A O   1 
HETATM 946  O O   . HOH C 3 .   ? -3.879  15.610  -5.308  1.00 16.13 ? 194 HOH A O   1 
HETATM 947  O O   . HOH C 3 .   ? 10.023  -9.930  8.191   1.00 46.39 ? 195 HOH A O   1 
HETATM 948  O O   . HOH C 3 .   ? 5.677   -2.914  17.492  1.00 19.57 ? 196 HOH A O   1 
HETATM 949  O O   . HOH C 3 .   ? -8.920  -6.600  10.449  1.00 28.88 ? 197 HOH A O   1 
HETATM 950  O O   . HOH C 3 .   ? -11.561 -5.441  17.198  1.00 27.64 ? 198 HOH A O   1 
HETATM 951  O O   . HOH C 3 .   ? -7.116  -7.505  -0.303  1.00 16.01 ? 199 HOH A O   1 
HETATM 952  O O   . HOH C 3 .   ? -7.371  7.281   -4.589  1.00 7.85  ? 200 HOH A O   1 
HETATM 953  O O   . HOH C 3 .   ? 5.263   9.497   -8.323  1.00 22.32 ? 201 HOH A O   1 
HETATM 954  O O   . HOH C 3 .   ? 0.690   18.548  -1.757  1.00 31.37 ? 202 HOH A O   1 
HETATM 955  O O   . HOH C 3 .   ? -12.122 2.101   5.696   1.00 13.96 ? 203 HOH A O   1 
HETATM 956  O O   . HOH C 3 .   ? 5.933   -0.418  -12.952 1.00 44.49 ? 204 HOH A O   1 
HETATM 957  O O   . HOH C 3 .   ? 12.107  -5.670  -2.197  1.00 30.83 ? 205 HOH A O   1 
HETATM 958  O O   . HOH C 3 .   ? 12.586  -6.186  -6.218  1.00 56.60 ? 206 HOH A O   1 
HETATM 959  O O   . HOH C 3 .   ? 5.100   -16.970 3.329   1.00 26.25 ? 207 HOH A O   1 
HETATM 960  O O   . HOH C 3 .   ? 4.000   -1.809  -12.184 1.00 29.98 ? 208 HOH A O   1 
HETATM 961  O O   . HOH C 3 .   ? -1.324  1.990   -13.746 1.00 27.50 ? 209 HOH A O   1 
HETATM 962  O O   . HOH C 3 .   ? -7.052  -13.710 9.694   1.00 40.00 ? 210 HOH A O   1 
HETATM 963  O O   . HOH C 3 .   ? -1.372  15.872  -5.834  1.00 17.57 ? 211 HOH A O   1 
HETATM 964  O O   . HOH C 3 .   ? -8.017  2.567   16.495  1.00 30.05 ? 212 HOH A O   1 
HETATM 965  O O   . HOH C 3 .   ? 12.563  -10.956 6.075   1.00 31.37 ? 213 HOH A O   1 
HETATM 966  O O   . HOH C 3 .   ? -8.530  -1.119  11.801  1.00 31.06 ? 214 HOH A O   1 
HETATM 967  O O   . HOH C 3 .   ? 5.334   14.169  -3.116  1.00 63.86 ? 215 HOH A O   1 
HETATM 968  O O   . HOH C 3 .   ? -3.505  -12.188 -14.119 1.00 26.42 ? 216 HOH A O   1 
HETATM 969  O O   . HOH C 3 .   ? -13.124 12.920  6.309   1.00 29.11 ? 217 HOH A O   1 
HETATM 970  O O   . HOH C 3 .   ? -7.897  -12.019 5.738   1.00 39.35 ? 218 HOH A O   1 
HETATM 971  O O   . HOH C 3 .   ? 14.489  -10.355 -9.034  1.00 43.37 ? 219 HOH A O   1 
HETATM 972  O O   . HOH C 3 .   ? 13.198  -1.250  0.362   1.00 43.23 ? 220 HOH A O   1 
HETATM 973  O O   . HOH C 3 .   ? 12.638  -7.033  1.888   1.00 75.70 ? 221 HOH A O   1 
HETATM 974  O O   . HOH C 3 .   ? 8.358   -14.361 14.741  1.00 51.46 ? 222 HOH A O   1 
HETATM 975  O O   . HOH C 3 .   ? -9.069  -10.191 2.604   1.00 40.80 ? 223 HOH A O   1 
HETATM 976  O O   . HOH C 3 .   ? -9.489  -6.887  -0.260  1.00 39.39 ? 224 HOH A O   1 
HETATM 977  O O   . HOH C 3 .   ? 6.476   1.691   14.247  1.00 30.53 ? 225 HOH A O   1 
HETATM 978  O O   . HOH C 3 .   ? -9.737  -3.160  15.008  1.00 42.53 ? 226 HOH A O   1 
HETATM 979  O O   . HOH C 3 .   ? -1.419  14.485  3.140   1.00 26.88 ? 227 HOH A O   1 
HETATM 980  O O   . HOH C 3 .   ? -7.480  -8.334  -2.970  1.00 37.40 ? 228 HOH A O   1 
HETATM 981  O O   . HOH C 3 .   ? 1.459   12.570  -12.547 1.00 41.45 ? 229 HOH A O   1 
HETATM 982  O O   . HOH C 3 .   ? -8.641  -2.913  -8.645  1.00 89.84 ? 230 HOH A O   1 
HETATM 983  O O   . HOH C 3 .   ? -6.321  -6.961  -13.812 1.00 67.74 ? 231 HOH A O   1 
HETATM 984  O O   . HOH C 3 .   ? -9.995  9.817   -14.616 1.00 49.92 ? 232 HOH A O   1 
HETATM 985  O O   . HOH C 3 .   ? -5.033  12.004  -14.450 1.00 42.03 ? 233 HOH A O   1 
HETATM 986  O O   . HOH C 3 .   ? -6.793  -14.526 15.096  1.00 53.79 ? 234 HOH A O   1 
HETATM 987  O O   . HOH C 3 .   ? 0.653   4.806   -16.717 1.00 40.53 ? 235 HOH A O   1 
HETATM 988  O O   . HOH C 3 .   ? -10.540 5.033   -0.011  1.00 18.96 ? 236 HOH A O   1 
HETATM 989  O O   . HOH C 3 .   ? 10.256  4.883   7.012   1.00 33.83 ? 237 HOH A O   1 
HETATM 990  O O   . HOH C 3 .   ? -11.950 13.917  -11.825 1.00 56.08 ? 238 HOH A O   1 
HETATM 991  O O   . HOH C 3 .   ? -7.336  5.502   15.200  1.00 50.36 ? 239 HOH A O   1 
HETATM 992  O O   . HOH C 3 .   ? 3.740   4.875   -12.445 1.00 39.84 ? 240 HOH A O   1 
HETATM 993  O O   . HOH C 3 .   ? 7.813   1.626   -11.711 1.00 51.69 ? 241 HOH A O   1 
HETATM 994  O O   . HOH C 3 .   ? -4.058  -15.125 -2.628  1.00 35.12 ? 242 HOH A O   1 
HETATM 995  O O   . HOH C 3 .   ? -2.665  3.962   14.816  1.00 63.10 ? 243 HOH A O   1 
HETATM 996  O O   . HOH C 3 .   ? 2.602   3.535   -14.371 1.00 47.34 ? 244 HOH A O   1 
HETATM 997  O O   . HOH C 3 .   ? 2.704   -16.079 5.846   1.00 51.02 ? 245 HOH A O   1 
HETATM 998  O O   . HOH C 3 .   ? -9.404  -0.725  -6.348  1.00 48.35 ? 246 HOH A O   1 
HETATM 999  O O   . HOH C 3 .   ? 6.761   3.228   -14.207 1.00 59.47 ? 247 HOH A O   1 
HETATM 1000 O O   . HOH C 3 .   ? 9.409   7.912   -10.096 1.00 51.72 ? 248 HOH A O   1 
HETATM 1001 O O   . HOH C 3 .   ? -8.220  -5.126  -10.249 1.00 85.19 ? 249 HOH A O   1 
HETATM 1002 O O   . HOH C 3 .   ? -8.078  -12.045 -2.324  1.00 55.94 ? 250 HOH A O   1 
HETATM 1003 O O   . HOH C 3 .   ? 5.597   -7.604  -11.091 1.00 45.13 ? 251 HOH A O   1 
HETATM 1004 O O   . HOH C 3 .   ? 5.718   6.813   5.791   1.00 50.96 ? 252 HOH A O   1 
HETATM 1005 O O   . HOH C 3 .   ? 13.585  1.218   8.165   1.00 59.13 ? 253 HOH A O   1 
HETATM 1006 O O   . HOH C 3 .   ? -10.072 6.487   -15.280 1.00 57.78 ? 254 HOH A O   1 
HETATM 1007 O O   . HOH C 3 .   ? 12.450  -10.144 -2.016  1.00 63.02 ? 255 HOH A O   1 
HETATM 1008 O O   . HOH C 3 .   ? 10.592  2.031   -10.563 1.00 56.28 ? 256 HOH A O   1 
HETATM 1009 O O   . HOH C 3 .   ? 6.158   -14.069 11.690  1.00 52.42 ? 257 HOH A O   1 
HETATM 1010 O O   . HOH C 3 .   ? -3.635  -14.995 1.898   1.00 60.61 ? 258 HOH A O   1 
HETATM 1011 O O   . HOH C 3 .   ? 5.439   -18.306 5.599   1.00 59.56 ? 259 HOH A O   1 
HETATM 1012 O O   . HOH C 3 .   ? -5.571  -15.674 -0.521  1.00 68.64 ? 260 HOH A O   1 
HETATM 1013 O O   . HOH C 3 .   ? 3.188   -5.967  -13.338 1.00 56.66 ? 261 HOH A O   1 
HETATM 1014 O O   . HOH C 3 .   ? 8.528   -2.918  -13.767 1.00 69.96 ? 262 HOH A O   1 
HETATM 1015 O O   . HOH C 3 .   ? -0.326  -20.319 2.175   1.00 51.72 ? 263 HOH A O   1 
HETATM 1016 O O   . HOH C 3 .   ? -10.643 -9.666  -0.574  1.00 58.86 ? 264 HOH A O   1 
HETATM 1017 O O   . HOH C 3 .   ? 11.409  -0.772  -13.504 1.00 61.18 ? 265 HOH A O   1 
HETATM 1018 O O   . HOH C 3 .   ? -8.561  -1.153  18.874  1.00 59.65 ? 266 HOH A O   1 
HETATM 1019 O O   . HOH C 3 .   ? 1.469   11.571  -17.641 1.00 52.61 ? 267 HOH A O   1 
HETATM 1020 O O   . HOH C 3 .   ? 3.427   10.989  5.863   1.00 55.55 ? 268 HOH A O   1 
HETATM 1021 O O   . HOH C 3 .   ? -11.427 -7.632  0.906   1.00 57.53 ? 269 HOH A O   1 
HETATM 1022 O O   . HOH C 3 .   ? -1.351  1.558   14.306  1.00 11.26 ? 270 HOH A O   1 
# 
loop_
_pdbx_poly_seq_scheme.asym_id 
_pdbx_poly_seq_scheme.entity_id 
_pdbx_poly_seq_scheme.seq_id 
_pdbx_poly_seq_scheme.mon_id 
_pdbx_poly_seq_scheme.ndb_seq_num 
_pdbx_poly_seq_scheme.pdb_seq_num 
_pdbx_poly_seq_scheme.auth_seq_num 
_pdbx_poly_seq_scheme.pdb_mon_id 
_pdbx_poly_seq_scheme.auth_mon_id 
_pdbx_poly_seq_scheme.pdb_strand_id 
_pdbx_poly_seq_scheme.pdb_ins_code 
_pdbx_poly_seq_scheme.hetero 
A 1 1   SER 1   1   1   SER SER A . n 
A 1 2   ILE 2   2   2   ILE ILE A . n 
A 1 3   GLN 3   3   3   GLN GLN A . n 
A 1 4   ALA 4   4   4   ALA ALA A . n 
A 1 5   GLU 5   5   5   GLU GLU A . n 
A 1 6   GLU 6   6   6   GLU GLU A . n 
A 1 7   TRP 7   7   7   TRP TRP A . n 
A 1 8   TYR 8   8   8   TYR TYR A . n 
A 1 9   PHE 9   9   9   PHE PHE A . n 
A 1 10  GLY 10  10  10  GLY GLY A . n 
A 1 11  LYS 11  11  11  LYS LYS A . n 
A 1 12  ILE 12  12  12  ILE ILE A . n 
A 1 13  THR 13  13  13  THR THR A . n 
A 1 14  ARG 14  14  14  ARG ARG A . n 
A 1 15  ARG 15  15  15  ARG ARG A . n 
A 1 16  GLU 16  16  16  GLU GLU A . n 
A 1 17  SER 17  17  17  SER SER A . n 
A 1 18  GLU 18  18  18  GLU GLU A . n 
A 1 19  ARG 19  19  19  ARG ARG A . n 
A 1 20  LEU 20  20  20  LEU LEU A . n 
A 1 21  LEU 21  21  21  LEU LEU A . n 
A 1 22  LEU 22  22  22  LEU LEU A . n 
A 1 23  ASN 23  23  23  ASN ASN A . n 
A 1 24  ALA 24  24  24  ALA ALA A . n 
A 1 25  GLU 25  25  25  GLU GLU A . n 
A 1 26  ASN 26  26  26  ASN ASN A . n 
A 1 27  PRO 27  27  27  PRO PRO A . n 
A 1 28  ARG 28  28  28  ARG ARG A . n 
A 1 29  GLY 29  29  29  GLY GLY A . n 
A 1 30  THR 30  30  30  THR THR A . n 
A 1 31  PHE 31  31  31  PHE PHE A . n 
A 1 32  LEU 32  32  32  LEU LEU A . n 
A 1 33  VAL 33  33  33  VAL VAL A . n 
A 1 34  ARG 34  34  34  ARG ARG A . n 
A 1 35  GLU 35  35  35  GLU GLU A . n 
A 1 36  SER 36  36  36  SER SER A . n 
A 1 37  GLU 37  37  37  GLU GLU A . n 
A 1 38  THR 38  38  38  THR THR A . n 
A 1 39  THR 39  39  39  THR THR A . n 
A 1 40  LYS 40  40  40  LYS LYS A . n 
A 1 41  GLY 41  41  41  GLY GLY A . n 
A 1 42  ALA 42  42  42  ALA ALA A . n 
A 1 43  TYR 43  43  43  TYR TYR A . n 
A 1 44  CYS 44  44  44  CYS CYS A . n 
A 1 45  LEU 45  45  45  LEU LEU A . n 
A 1 46  SER 46  46  46  SER SER A . n 
A 1 47  VAL 47  47  47  VAL VAL A . n 
A 1 48  SER 48  48  48  SER SER A . n 
A 1 49  ASP 49  49  49  ASP ASP A . n 
A 1 50  PHE 50  50  50  PHE PHE A . n 
A 1 51  ASP 51  51  51  ASP ASP A . n 
A 1 52  ASN 52  52  52  ASN ASN A . n 
A 1 53  ALA 53  53  53  ALA ALA A . n 
A 1 54  LYS 54  54  54  LYS LYS A . n 
A 1 55  GLY 55  55  55  GLY GLY A . n 
A 1 56  LEU 56  56  56  LEU LEU A . n 
A 1 57  ASN 57  57  57  ASN ASN A . n 
A 1 58  VAL 58  58  58  VAL VAL A . n 
A 1 59  LYS 59  59  59  LYS LYS A . n 
A 1 60  HIS 60  60  60  HIS HIS A . n 
A 1 61  TYR 61  61  61  TYR TYR A . n 
A 1 62  LYS 62  62  62  LYS LYS A . n 
A 1 63  ILE 63  63  63  ILE ILE A . n 
A 1 64  ARG 64  64  64  ARG ARG A . n 
A 1 65  LYS 65  65  65  LYS LYS A . n 
A 1 66  LEU 66  66  66  LEU LEU A . n 
A 1 67  ASP 67  67  67  ASP ASP A . n 
A 1 68  SER 68  68  68  SER SER A . n 
A 1 69  GLY 69  69  69  GLY GLY A . n 
A 1 70  GLY 70  70  70  GLY GLY A . n 
A 1 71  PHE 71  71  71  PHE PHE A . n 
A 1 72  TYR 72  72  72  TYR TYR A . n 
A 1 73  ILE 73  73  73  ILE ILE A . n 
A 1 74  THR 74  74  74  THR THR A . n 
A 1 75  SER 75  75  75  SER SER A . n 
A 1 76  ARG 76  76  76  ARG ARG A . n 
A 1 77  THR 77  77  77  THR THR A . n 
A 1 78  GLN 78  78  78  GLN GLN A . n 
A 1 79  PHE 79  79  79  PHE PHE A . n 
A 1 80  ASN 80  80  80  ASN ASN A . n 
A 1 81  SER 81  81  81  SER SER A . n 
A 1 82  LEU 82  82  82  LEU LEU A . n 
A 1 83  GLN 83  83  83  GLN GLN A . n 
A 1 84  GLN 84  84  84  GLN GLN A . n 
A 1 85  LEU 85  85  85  LEU LEU A . n 
A 1 86  VAL 86  86  86  VAL VAL A . n 
A 1 87  ALA 87  87  87  ALA ALA A . n 
A 1 88  TYR 88  88  88  TYR TYR A . n 
A 1 89  TYR 89  89  89  TYR TYR A . n 
A 1 90  SER 90  90  90  SER SER A . n 
A 1 91  LYS 91  91  91  LYS LYS A . n 
A 1 92  HIS 92  92  92  HIS HIS A . n 
A 1 93  ALA 93  93  93  ALA ALA A . n 
A 1 94  ASP 94  94  94  ASP ASP A . n 
A 1 95  GLY 95  95  95  GLY GLY A . n 
A 1 96  LEU 96  96  96  LEU LEU A . n 
A 1 97  CYS 97  97  97  CYS CYS A . n 
A 1 98  HIS 98  98  98  HIS HIS A . n 
A 1 99  ARG 99  99  99  ARG ARG A . n 
A 1 100 LEU 100 100 100 LEU LEU A . n 
A 1 101 THR 101 101 101 THR THR A . n 
A 1 102 THR 102 102 102 THR THR A . n 
A 1 103 VAL 103 103 103 VAL VAL A . n 
A 1 104 CYS 104 104 104 CYS CYS A . n 
A 1 105 PRO 105 105 105 PRO PRO A . n 
A 1 106 THR 106 106 106 THR THR A . n 
A 1 107 SER 107 107 ?   ?   ?   A . n 
A 1 108 LYS 108 108 ?   ?   ?   A . n 
# 
loop_
_pdbx_nonpoly_scheme.asym_id 
_pdbx_nonpoly_scheme.entity_id 
_pdbx_nonpoly_scheme.mon_id 
_pdbx_nonpoly_scheme.ndb_seq_num 
_pdbx_nonpoly_scheme.pdb_seq_num 
_pdbx_nonpoly_scheme.auth_seq_num 
_pdbx_nonpoly_scheme.pdb_mon_id 
_pdbx_nonpoly_scheme.auth_mon_id 
_pdbx_nonpoly_scheme.pdb_strand_id 
_pdbx_nonpoly_scheme.pdb_ins_code 
B 2 OXD 1   109 1   OXD INH A . 
C 3 HOH 1   110 2   HOH HOH A . 
C 3 HOH 2   111 3   HOH HOH A . 
C 3 HOH 3   112 4   HOH HOH A . 
C 3 HOH 4   113 5   HOH HOH A . 
C 3 HOH 5   114 6   HOH HOH A . 
C 3 HOH 6   115 7   HOH HOH A . 
C 3 HOH 7   116 8   HOH HOH A . 
C 3 HOH 8   117 9   HOH HOH A . 
C 3 HOH 9   118 10  HOH HOH A . 
C 3 HOH 10  119 11  HOH HOH A . 
C 3 HOH 11  120 12  HOH HOH A . 
C 3 HOH 12  121 13  HOH HOH A . 
C 3 HOH 13  122 14  HOH HOH A . 
C 3 HOH 14  123 15  HOH HOH A . 
C 3 HOH 15  124 16  HOH HOH A . 
C 3 HOH 16  125 17  HOH HOH A . 
C 3 HOH 17  126 18  HOH HOH A . 
C 3 HOH 18  127 19  HOH HOH A . 
C 3 HOH 19  128 20  HOH HOH A . 
C 3 HOH 20  129 21  HOH HOH A . 
C 3 HOH 21  130 22  HOH HOH A . 
C 3 HOH 22  131 23  HOH HOH A . 
C 3 HOH 23  132 24  HOH HOH A . 
C 3 HOH 24  133 25  HOH HOH A . 
C 3 HOH 25  134 26  HOH HOH A . 
C 3 HOH 26  135 27  HOH HOH A . 
C 3 HOH 27  136 28  HOH HOH A . 
C 3 HOH 28  137 30  HOH HOH A . 
C 3 HOH 29  138 31  HOH HOH A . 
C 3 HOH 30  139 32  HOH HOH A . 
C 3 HOH 31  140 33  HOH HOH A . 
C 3 HOH 32  141 34  HOH HOH A . 
C 3 HOH 33  142 36  HOH HOH A . 
C 3 HOH 34  143 37  HOH HOH A . 
C 3 HOH 35  144 38  HOH HOH A . 
C 3 HOH 36  145 39  HOH HOH A . 
C 3 HOH 37  146 40  HOH HOH A . 
C 3 HOH 38  147 41  HOH HOH A . 
C 3 HOH 39  148 42  HOH HOH A . 
C 3 HOH 40  149 43  HOH HOH A . 
C 3 HOH 41  150 45  HOH HOH A . 
C 3 HOH 42  151 46  HOH HOH A . 
C 3 HOH 43  152 47  HOH HOH A . 
C 3 HOH 44  153 48  HOH HOH A . 
C 3 HOH 45  154 49  HOH HOH A . 
C 3 HOH 46  155 50  HOH HOH A . 
C 3 HOH 47  156 51  HOH HOH A . 
C 3 HOH 48  157 52  HOH HOH A . 
C 3 HOH 49  158 53  HOH HOH A . 
C 3 HOH 50  159 54  HOH HOH A . 
C 3 HOH 51  160 56  HOH HOH A . 
C 3 HOH 52  161 58  HOH HOH A . 
C 3 HOH 53  162 59  HOH HOH A . 
C 3 HOH 54  163 60  HOH HOH A . 
C 3 HOH 55  164 61  HOH HOH A . 
C 3 HOH 56  165 62  HOH HOH A . 
C 3 HOH 57  166 65  HOH HOH A . 
C 3 HOH 58  167 66  HOH HOH A . 
C 3 HOH 59  168 68  HOH HOH A . 
C 3 HOH 60  169 70  HOH HOH A . 
C 3 HOH 61  170 72  HOH HOH A . 
C 3 HOH 62  171 74  HOH HOH A . 
C 3 HOH 63  172 75  HOH HOH A . 
C 3 HOH 64  173 76  HOH HOH A . 
C 3 HOH 65  174 78  HOH HOH A . 
C 3 HOH 66  175 79  HOH HOH A . 
C 3 HOH 67  176 84  HOH HOH A . 
C 3 HOH 68  177 85  HOH HOH A . 
C 3 HOH 69  178 86  HOH HOH A . 
C 3 HOH 70  179 89  HOH HOH A . 
C 3 HOH 71  180 90  HOH HOH A . 
C 3 HOH 72  181 91  HOH HOH A . 
C 3 HOH 73  182 92  HOH HOH A . 
C 3 HOH 74  183 93  HOH HOH A . 
C 3 HOH 75  184 94  HOH HOH A . 
C 3 HOH 76  185 96  HOH HOH A . 
C 3 HOH 77  186 97  HOH HOH A . 
C 3 HOH 78  187 98  HOH HOH A . 
C 3 HOH 79  188 99  HOH HOH A . 
C 3 HOH 80  189 100 HOH HOH A . 
C 3 HOH 81  190 101 HOH HOH A . 
C 3 HOH 82  191 102 HOH HOH A . 
C 3 HOH 83  192 103 HOH HOH A . 
C 3 HOH 84  193 104 HOH HOH A . 
C 3 HOH 85  194 105 HOH HOH A . 
C 3 HOH 86  195 106 HOH HOH A . 
C 3 HOH 87  196 107 HOH HOH A . 
C 3 HOH 88  197 108 HOH HOH A . 
C 3 HOH 89  198 109 HOH HOH A . 
C 3 HOH 90  199 110 HOH HOH A . 
C 3 HOH 91  200 111 HOH HOH A . 
C 3 HOH 92  201 112 HOH HOH A . 
C 3 HOH 93  202 113 HOH HOH A . 
C 3 HOH 94  203 114 HOH HOH A . 
C 3 HOH 95  204 115 HOH HOH A . 
C 3 HOH 96  205 116 HOH HOH A . 
C 3 HOH 97  206 117 HOH HOH A . 
C 3 HOH 98  207 118 HOH HOH A . 
C 3 HOH 99  208 122 HOH HOH A . 
C 3 HOH 100 209 123 HOH HOH A . 
C 3 HOH 101 210 124 HOH HOH A . 
C 3 HOH 102 211 128 HOH HOH A . 
C 3 HOH 103 212 132 HOH HOH A . 
C 3 HOH 104 213 133 HOH HOH A . 
C 3 HOH 105 214 134 HOH HOH A . 
C 3 HOH 106 215 137 HOH HOH A . 
C 3 HOH 107 216 150 HOH HOH A . 
C 3 HOH 108 217 151 HOH HOH A . 
C 3 HOH 109 218 152 HOH HOH A . 
C 3 HOH 110 219 154 HOH HOH A . 
C 3 HOH 111 220 160 HOH HOH A . 
C 3 HOH 112 221 164 HOH HOH A . 
C 3 HOH 113 222 174 HOH HOH A . 
C 3 HOH 114 223 178 HOH HOH A . 
C 3 HOH 115 224 179 HOH HOH A . 
C 3 HOH 116 225 184 HOH HOH A . 
C 3 HOH 117 226 185 HOH HOH A . 
C 3 HOH 118 227 186 HOH HOH A . 
C 3 HOH 119 228 187 HOH HOH A . 
C 3 HOH 120 229 188 HOH HOH A . 
C 3 HOH 121 230 189 HOH HOH A . 
C 3 HOH 122 231 190 HOH HOH A . 
C 3 HOH 123 232 191 HOH HOH A . 
C 3 HOH 124 233 192 HOH HOH A . 
C 3 HOH 125 234 195 HOH HOH A . 
C 3 HOH 126 235 196 HOH HOH A . 
C 3 HOH 127 236 197 HOH HOH A . 
C 3 HOH 128 237 198 HOH HOH A . 
C 3 HOH 129 238 199 HOH HOH A . 
C 3 HOH 130 239 202 HOH HOH A . 
C 3 HOH 131 240 203 HOH HOH A . 
C 3 HOH 132 241 204 HOH HOH A . 
C 3 HOH 133 242 205 HOH HOH A . 
C 3 HOH 134 243 206 HOH HOH A . 
C 3 HOH 135 244 207 HOH HOH A . 
C 3 HOH 136 245 208 HOH HOH A . 
C 3 HOH 137 246 209 HOH HOH A . 
C 3 HOH 138 247 210 HOH HOH A . 
C 3 HOH 139 248 211 HOH HOH A . 
C 3 HOH 140 249 212 HOH HOH A . 
C 3 HOH 141 250 213 HOH HOH A . 
C 3 HOH 142 251 214 HOH HOH A . 
C 3 HOH 143 252 215 HOH HOH A . 
C 3 HOH 144 253 216 HOH HOH A . 
C 3 HOH 145 254 217 HOH HOH A . 
C 3 HOH 146 255 218 HOH HOH A . 
C 3 HOH 147 256 219 HOH HOH A . 
C 3 HOH 148 257 220 HOH HOH A . 
C 3 HOH 149 258 221 HOH HOH A . 
C 3 HOH 150 259 222 HOH HOH A . 
C 3 HOH 151 260 223 HOH HOH A . 
C 3 HOH 152 261 224 HOH HOH A . 
C 3 HOH 153 262 225 HOH HOH A . 
C 3 HOH 154 263 226 HOH HOH A . 
C 3 HOH 155 264 227 HOH HOH A . 
C 3 HOH 156 265 228 HOH HOH A . 
C 3 HOH 157 266 229 HOH HOH A . 
C 3 HOH 158 267 230 HOH HOH A . 
C 3 HOH 159 268 231 HOH HOH A . 
C 3 HOH 160 269 232 HOH HOH A . 
C 3 HOH 161 270 233 HOH HOH A . 
# 
_pdbx_struct_assembly.id                   1 
_pdbx_struct_assembly.details              author_defined_assembly 
_pdbx_struct_assembly.method_details       ? 
_pdbx_struct_assembly.oligomeric_details   monomeric 
_pdbx_struct_assembly.oligomeric_count     1 
# 
_pdbx_struct_assembly_gen.assembly_id       1 
_pdbx_struct_assembly_gen.oper_expression   1 
_pdbx_struct_assembly_gen.asym_id_list      A,B,C 
# 
_pdbx_struct_oper_list.id                   1 
_pdbx_struct_oper_list.type                 'identity operation' 
_pdbx_struct_oper_list.name                 1_555 
_pdbx_struct_oper_list.symmetry_operation   x,y,z 
_pdbx_struct_oper_list.matrix[1][1]         1.0000000000 
_pdbx_struct_oper_list.matrix[1][2]         0.0000000000 
_pdbx_struct_oper_list.matrix[1][3]         0.0000000000 
_pdbx_struct_oper_list.vector[1]            0.0000000000 
_pdbx_struct_oper_list.matrix[2][1]         0.0000000000 
_pdbx_struct_oper_list.matrix[2][2]         1.0000000000 
_pdbx_struct_oper_list.matrix[2][3]         0.0000000000 
_pdbx_struct_oper_list.vector[2]            0.0000000000 
_pdbx_struct_oper_list.matrix[3][1]         0.0000000000 
_pdbx_struct_oper_list.matrix[3][2]         0.0000000000 
_pdbx_struct_oper_list.matrix[3][3]         1.0000000000 
_pdbx_struct_oper_list.vector[3]            0.0000000000 
# 
loop_
_pdbx_audit_revision_history.ordinal 
_pdbx_audit_revision_history.data_content_type 
_pdbx_audit_revision_history.major_revision 
_pdbx_audit_revision_history.minor_revision 
_pdbx_audit_revision_history.revision_date 
1 'Structure model' 1 0 2004-02-17 
2 'Structure model' 1 1 2008-04-26 
3 'Structure model' 1 2 2011-07-13 
4 'Structure model' 1 3 2023-08-16 
# 
_pdbx_audit_revision_details.ordinal             1 
_pdbx_audit_revision_details.revision_ordinal    1 
_pdbx_audit_revision_details.data_content_type   'Structure model' 
_pdbx_audit_revision_details.provider            repository 
_pdbx_audit_revision_details.type                'Initial release' 
_pdbx_audit_revision_details.description         ? 
_pdbx_audit_revision_details.details             ? 
# 
loop_
_pdbx_audit_revision_group.ordinal 
_pdbx_audit_revision_group.revision_ordinal 
_pdbx_audit_revision_group.data_content_type 
_pdbx_audit_revision_group.group 
1 2 'Structure model' 'Version format compliance' 
2 3 'Structure model' 'Version format compliance' 
3 4 'Structure model' 'Data collection'           
4 4 'Structure model' 'Database references'       
5 4 'Structure model' 'Derived calculations'      
6 4 'Structure model' 'Refinement description'    
# 
loop_
_pdbx_audit_revision_category.ordinal 
_pdbx_audit_revision_category.revision_ordinal 
_pdbx_audit_revision_category.data_content_type 
_pdbx_audit_revision_category.category 
1 4 'Structure model' chem_comp_atom                
2 4 'Structure model' chem_comp_bond                
3 4 'Structure model' database_2                    
4 4 'Structure model' pdbx_initial_refinement_model 
5 4 'Structure model' struct_site                   
# 
loop_
_pdbx_audit_revision_item.ordinal 
_pdbx_audit_revision_item.revision_ordinal 
_pdbx_audit_revision_item.data_content_type 
_pdbx_audit_revision_item.item 
1 4 'Structure model' '_database_2.pdbx_DOI'                
2 4 'Structure model' '_database_2.pdbx_database_accession' 
3 4 'Structure model' '_struct_site.pdbx_auth_asym_id'      
4 4 'Structure model' '_struct_site.pdbx_auth_comp_id'      
5 4 'Structure model' '_struct_site.pdbx_auth_seq_id'       
# 
loop_
_software.name 
_software.classification 
_software.version 
_software.citation_id 
_software.pdbx_ordinal 
XDS    'data scaling'   .     ? 1 
XDS    'data reduction' .     ? 2 
X-PLOR 'model building' 3.851 ? 3 
X-PLOR refinement       3.851 ? 4 
X-PLOR phasing          3.851 ? 5 
# 
loop_
_pdbx_validate_rmsd_bond.id 
_pdbx_validate_rmsd_bond.PDB_model_num 
_pdbx_validate_rmsd_bond.auth_atom_id_1 
_pdbx_validate_rmsd_bond.auth_asym_id_1 
_pdbx_validate_rmsd_bond.auth_comp_id_1 
_pdbx_validate_rmsd_bond.auth_seq_id_1 
_pdbx_validate_rmsd_bond.PDB_ins_code_1 
_pdbx_validate_rmsd_bond.label_alt_id_1 
_pdbx_validate_rmsd_bond.auth_atom_id_2 
_pdbx_validate_rmsd_bond.auth_asym_id_2 
_pdbx_validate_rmsd_bond.auth_comp_id_2 
_pdbx_validate_rmsd_bond.auth_seq_id_2 
_pdbx_validate_rmsd_bond.PDB_ins_code_2 
_pdbx_validate_rmsd_bond.label_alt_id_2 
_pdbx_validate_rmsd_bond.bond_value 
_pdbx_validate_rmsd_bond.bond_target_value 
_pdbx_validate_rmsd_bond.bond_deviation 
_pdbx_validate_rmsd_bond.bond_standard_deviation 
_pdbx_validate_rmsd_bond.linker_flag 
1 1 CG A GLN 3  ? ? CD  A GLN 3  ? ? 1.656 1.506 0.150  0.023 N 
2 1 CG A GLU 6  ? ? CD  A GLU 6  ? ? 1.618 1.515 0.103  0.015 N 
3 1 CD A GLU 6  ? ? OE1 A GLU 6  ? ? 1.350 1.252 0.098  0.011 N 
4 1 NE A ARG 28 ? ? CZ  A ARG 28 ? ? 1.404 1.326 0.078  0.013 N 
5 1 CB A LYS 40 ? ? CG  A LYS 40 ? ? 1.689 1.521 0.168  0.027 N 
6 1 CG A TYR 61 ? ? CD1 A TYR 61 ? ? 1.472 1.387 0.085  0.013 N 
7 1 CG A GLN 83 ? ? CD  A GLN 83 ? ? 1.652 1.506 0.146  0.023 N 
8 1 CB A TYR 88 ? ? CG  A TYR 88 ? ? 1.391 1.512 -0.121 0.015 N 
# 
loop_
_pdbx_validate_rmsd_angle.id 
_pdbx_validate_rmsd_angle.PDB_model_num 
_pdbx_validate_rmsd_angle.auth_atom_id_1 
_pdbx_validate_rmsd_angle.auth_asym_id_1 
_pdbx_validate_rmsd_angle.auth_comp_id_1 
_pdbx_validate_rmsd_angle.auth_seq_id_1 
_pdbx_validate_rmsd_angle.PDB_ins_code_1 
_pdbx_validate_rmsd_angle.label_alt_id_1 
_pdbx_validate_rmsd_angle.auth_atom_id_2 
_pdbx_validate_rmsd_angle.auth_asym_id_2 
_pdbx_validate_rmsd_angle.auth_comp_id_2 
_pdbx_validate_rmsd_angle.auth_seq_id_2 
_pdbx_validate_rmsd_angle.PDB_ins_code_2 
_pdbx_validate_rmsd_angle.label_alt_id_2 
_pdbx_validate_rmsd_angle.auth_atom_id_3 
_pdbx_validate_rmsd_angle.auth_asym_id_3 
_pdbx_validate_rmsd_angle.auth_comp_id_3 
_pdbx_validate_rmsd_angle.auth_seq_id_3 
_pdbx_validate_rmsd_angle.PDB_ins_code_3 
_pdbx_validate_rmsd_angle.label_alt_id_3 
_pdbx_validate_rmsd_angle.angle_value 
_pdbx_validate_rmsd_angle.angle_target_value 
_pdbx_validate_rmsd_angle.angle_deviation 
_pdbx_validate_rmsd_angle.angle_standard_deviation 
_pdbx_validate_rmsd_angle.linker_flag 
1 1 CD A LYS 11 ? ? CE A LYS 11 ? ? NZ  A LYS 11 ? ? 97.67  111.70 -14.03 2.30 N 
2 1 NE A ARG 14 ? ? CZ A ARG 14 ? ? NH1 A ARG 14 ? ? 114.73 120.30 -5.57  0.50 N 
3 1 NE A ARG 14 ? ? CZ A ARG 14 ? ? NH2 A ARG 14 ? ? 129.08 120.30 8.78   0.50 N 
4 1 NE A ARG 34 ? ? CZ A ARG 34 ? ? NH2 A ARG 34 ? ? 117.28 120.30 -3.02  0.50 N 
5 1 CB A ASP 49 ? ? CG A ASP 49 ? ? OD1 A ASP 49 ? ? 123.87 118.30 5.57   0.90 N 
6 1 CB A ASP 67 ? ? CG A ASP 67 ? ? OD2 A ASP 67 ? ? 110.76 118.30 -7.54  0.90 N 
7 1 CB A LEU 82 ? ? CG A LEU 82 ? ? CD2 A LEU 82 ? ? 100.67 111.00 -10.33 1.70 N 
8 1 NE A ARG 99 ? ? CZ A ARG 99 ? ? NH1 A ARG 99 ? ? 124.00 120.30 3.70   0.50 N 
9 1 NE A ARG 99 ? ? CZ A ARG 99 ? ? NH2 A ARG 99 ? ? 117.23 120.30 -3.07  0.50 N 
# 
loop_
_pdbx_validate_torsion.id 
_pdbx_validate_torsion.PDB_model_num 
_pdbx_validate_torsion.auth_comp_id 
_pdbx_validate_torsion.auth_asym_id 
_pdbx_validate_torsion.auth_seq_id 
_pdbx_validate_torsion.PDB_ins_code 
_pdbx_validate_torsion.label_alt_id 
_pdbx_validate_torsion.phi 
_pdbx_validate_torsion.psi 
1 1 ALA A 4   ? ? 75.01   -35.69  
2 1 LEU A 22  ? ? -79.05  43.89   
3 1 ASP A 94  ? ? 50.19   -125.95 
4 1 THR A 101 ? ? -115.38 -73.11  
# 
loop_
_pdbx_unobs_or_zero_occ_residues.id 
_pdbx_unobs_or_zero_occ_residues.PDB_model_num 
_pdbx_unobs_or_zero_occ_residues.polymer_flag 
_pdbx_unobs_or_zero_occ_residues.occupancy_flag 
_pdbx_unobs_or_zero_occ_residues.auth_asym_id 
_pdbx_unobs_or_zero_occ_residues.auth_comp_id 
_pdbx_unobs_or_zero_occ_residues.auth_seq_id 
_pdbx_unobs_or_zero_occ_residues.PDB_ins_code 
_pdbx_unobs_or_zero_occ_residues.label_asym_id 
_pdbx_unobs_or_zero_occ_residues.label_comp_id 
_pdbx_unobs_or_zero_occ_residues.label_seq_id 
1 1 Y 1 A SER 107 ? A SER 107 
2 1 Y 1 A LYS 108 ? A LYS 108 
# 
loop_
_chem_comp_atom.comp_id 
_chem_comp_atom.atom_id 
_chem_comp_atom.type_symbol 
_chem_comp_atom.pdbx_aromatic_flag 
_chem_comp_atom.pdbx_stereo_config 
_chem_comp_atom.pdbx_ordinal 
ALA N    N N N 1   
ALA CA   C N S 2   
ALA C    C N N 3   
ALA O    O N N 4   
ALA CB   C N N 5   
ALA OXT  O N N 6   
ALA H    H N N 7   
ALA H2   H N N 8   
ALA HA   H N N 9   
ALA HB1  H N N 10  
ALA HB2  H N N 11  
ALA HB3  H N N 12  
ALA HXT  H N N 13  
ARG N    N N N 14  
ARG CA   C N S 15  
ARG C    C N N 16  
ARG O    O N N 17  
ARG CB   C N N 18  
ARG CG   C N N 19  
ARG CD   C N N 20  
ARG NE   N N N 21  
ARG CZ   C N N 22  
ARG NH1  N N N 23  
ARG NH2  N N N 24  
ARG OXT  O N N 25  
ARG H    H N N 26  
ARG H2   H N N 27  
ARG HA   H N N 28  
ARG HB2  H N N 29  
ARG HB3  H N N 30  
ARG HG2  H N N 31  
ARG HG3  H N N 32  
ARG HD2  H N N 33  
ARG HD3  H N N 34  
ARG HE   H N N 35  
ARG HH11 H N N 36  
ARG HH12 H N N 37  
ARG HH21 H N N 38  
ARG HH22 H N N 39  
ARG HXT  H N N 40  
ASN N    N N N 41  
ASN CA   C N S 42  
ASN C    C N N 43  
ASN O    O N N 44  
ASN CB   C N N 45  
ASN CG   C N N 46  
ASN OD1  O N N 47  
ASN ND2  N N N 48  
ASN OXT  O N N 49  
ASN H    H N N 50  
ASN H2   H N N 51  
ASN HA   H N N 52  
ASN HB2  H N N 53  
ASN HB3  H N N 54  
ASN HD21 H N N 55  
ASN HD22 H N N 56  
ASN HXT  H N N 57  
ASP N    N N N 58  
ASP CA   C N S 59  
ASP C    C N N 60  
ASP O    O N N 61  
ASP CB   C N N 62  
ASP CG   C N N 63  
ASP OD1  O N N 64  
ASP OD2  O N N 65  
ASP OXT  O N N 66  
ASP H    H N N 67  
ASP H2   H N N 68  
ASP HA   H N N 69  
ASP HB2  H N N 70  
ASP HB3  H N N 71  
ASP HD2  H N N 72  
ASP HXT  H N N 73  
CYS N    N N N 74  
CYS CA   C N R 75  
CYS C    C N N 76  
CYS O    O N N 77  
CYS CB   C N N 78  
CYS SG   S N N 79  
CYS OXT  O N N 80  
CYS H    H N N 81  
CYS H2   H N N 82  
CYS HA   H N N 83  
CYS HB2  H N N 84  
CYS HB3  H N N 85  
CYS HG   H N N 86  
CYS HXT  H N N 87  
GLN N    N N N 88  
GLN CA   C N S 89  
GLN C    C N N 90  
GLN O    O N N 91  
GLN CB   C N N 92  
GLN CG   C N N 93  
GLN CD   C N N 94  
GLN OE1  O N N 95  
GLN NE2  N N N 96  
GLN OXT  O N N 97  
GLN H    H N N 98  
GLN H2   H N N 99  
GLN HA   H N N 100 
GLN HB2  H N N 101 
GLN HB3  H N N 102 
GLN HG2  H N N 103 
GLN HG3  H N N 104 
GLN HE21 H N N 105 
GLN HE22 H N N 106 
GLN HXT  H N N 107 
GLU N    N N N 108 
GLU CA   C N S 109 
GLU C    C N N 110 
GLU O    O N N 111 
GLU CB   C N N 112 
GLU CG   C N N 113 
GLU CD   C N N 114 
GLU OE1  O N N 115 
GLU OE2  O N N 116 
GLU OXT  O N N 117 
GLU H    H N N 118 
GLU H2   H N N 119 
GLU HA   H N N 120 
GLU HB2  H N N 121 
GLU HB3  H N N 122 
GLU HG2  H N N 123 
GLU HG3  H N N 124 
GLU HE2  H N N 125 
GLU HXT  H N N 126 
GLY N    N N N 127 
GLY CA   C N N 128 
GLY C    C N N 129 
GLY O    O N N 130 
GLY OXT  O N N 131 
GLY H    H N N 132 
GLY H2   H N N 133 
GLY HA2  H N N 134 
GLY HA3  H N N 135 
GLY HXT  H N N 136 
HIS N    N N N 137 
HIS CA   C N S 138 
HIS C    C N N 139 
HIS O    O N N 140 
HIS CB   C N N 141 
HIS CG   C Y N 142 
HIS ND1  N Y N 143 
HIS CD2  C Y N 144 
HIS CE1  C Y N 145 
HIS NE2  N Y N 146 
HIS OXT  O N N 147 
HIS H    H N N 148 
HIS H2   H N N 149 
HIS HA   H N N 150 
HIS HB2  H N N 151 
HIS HB3  H N N 152 
HIS HD1  H N N 153 
HIS HD2  H N N 154 
HIS HE1  H N N 155 
HIS HE2  H N N 156 
HIS HXT  H N N 157 
HOH O    O N N 158 
HOH H1   H N N 159 
HOH H2   H N N 160 
ILE N    N N N 161 
ILE CA   C N S 162 
ILE C    C N N 163 
ILE O    O N N 164 
ILE CB   C N S 165 
ILE CG1  C N N 166 
ILE CG2  C N N 167 
ILE CD1  C N N 168 
ILE OXT  O N N 169 
ILE H    H N N 170 
ILE H2   H N N 171 
ILE HA   H N N 172 
ILE HB   H N N 173 
ILE HG12 H N N 174 
ILE HG13 H N N 175 
ILE HG21 H N N 176 
ILE HG22 H N N 177 
ILE HG23 H N N 178 
ILE HD11 H N N 179 
ILE HD12 H N N 180 
ILE HD13 H N N 181 
ILE HXT  H N N 182 
LEU N    N N N 183 
LEU CA   C N S 184 
LEU C    C N N 185 
LEU O    O N N 186 
LEU CB   C N N 187 
LEU CG   C N N 188 
LEU CD1  C N N 189 
LEU CD2  C N N 190 
LEU OXT  O N N 191 
LEU H    H N N 192 
LEU H2   H N N 193 
LEU HA   H N N 194 
LEU HB2  H N N 195 
LEU HB3  H N N 196 
LEU HG   H N N 197 
LEU HD11 H N N 198 
LEU HD12 H N N 199 
LEU HD13 H N N 200 
LEU HD21 H N N 201 
LEU HD22 H N N 202 
LEU HD23 H N N 203 
LEU HXT  H N N 204 
LYS N    N N N 205 
LYS CA   C N S 206 
LYS C    C N N 207 
LYS O    O N N 208 
LYS CB   C N N 209 
LYS CG   C N N 210 
LYS CD   C N N 211 
LYS CE   C N N 212 
LYS NZ   N N N 213 
LYS OXT  O N N 214 
LYS H    H N N 215 
LYS H2   H N N 216 
LYS HA   H N N 217 
LYS HB2  H N N 218 
LYS HB3  H N N 219 
LYS HG2  H N N 220 
LYS HG3  H N N 221 
LYS HD2  H N N 222 
LYS HD3  H N N 223 
LYS HE2  H N N 224 
LYS HE3  H N N 225 
LYS HZ1  H N N 226 
LYS HZ2  H N N 227 
LYS HZ3  H N N 228 
LYS HXT  H N N 229 
OXD C1   C N N 230 
OXD C2   C N N 231 
OXD O3   O N N 232 
OXD O4   O N N 233 
OXD O5   O N N 234 
OXD O6   O N N 235 
OXD H5   H N N 236 
OXD H6   H N N 237 
PHE N    N N N 238 
PHE CA   C N S 239 
PHE C    C N N 240 
PHE O    O N N 241 
PHE CB   C N N 242 
PHE CG   C Y N 243 
PHE CD1  C Y N 244 
PHE CD2  C Y N 245 
PHE CE1  C Y N 246 
PHE CE2  C Y N 247 
PHE CZ   C Y N 248 
PHE OXT  O N N 249 
PHE H    H N N 250 
PHE H2   H N N 251 
PHE HA   H N N 252 
PHE HB2  H N N 253 
PHE HB3  H N N 254 
PHE HD1  H N N 255 
PHE HD2  H N N 256 
PHE HE1  H N N 257 
PHE HE2  H N N 258 
PHE HZ   H N N 259 
PHE HXT  H N N 260 
PRO N    N N N 261 
PRO CA   C N S 262 
PRO C    C N N 263 
PRO O    O N N 264 
PRO CB   C N N 265 
PRO CG   C N N 266 
PRO CD   C N N 267 
PRO OXT  O N N 268 
PRO H    H N N 269 
PRO HA   H N N 270 
PRO HB2  H N N 271 
PRO HB3  H N N 272 
PRO HG2  H N N 273 
PRO HG3  H N N 274 
PRO HD2  H N N 275 
PRO HD3  H N N 276 
PRO HXT  H N N 277 
SER N    N N N 278 
SER CA   C N S 279 
SER C    C N N 280 
SER O    O N N 281 
SER CB   C N N 282 
SER OG   O N N 283 
SER OXT  O N N 284 
SER H    H N N 285 
SER H2   H N N 286 
SER HA   H N N 287 
SER HB2  H N N 288 
SER HB3  H N N 289 
SER HG   H N N 290 
SER HXT  H N N 291 
THR N    N N N 292 
THR CA   C N S 293 
THR C    C N N 294 
THR O    O N N 295 
THR CB   C N R 296 
THR OG1  O N N 297 
THR CG2  C N N 298 
THR OXT  O N N 299 
THR H    H N N 300 
THR H2   H N N 301 
THR HA   H N N 302 
THR HB   H N N 303 
THR HG1  H N N 304 
THR HG21 H N N 305 
THR HG22 H N N 306 
THR HG23 H N N 307 
THR HXT  H N N 308 
TRP N    N N N 309 
TRP CA   C N S 310 
TRP C    C N N 311 
TRP O    O N N 312 
TRP CB   C N N 313 
TRP CG   C Y N 314 
TRP CD1  C Y N 315 
TRP CD2  C Y N 316 
TRP NE1  N Y N 317 
TRP CE2  C Y N 318 
TRP CE3  C Y N 319 
TRP CZ2  C Y N 320 
TRP CZ3  C Y N 321 
TRP CH2  C Y N 322 
TRP OXT  O N N 323 
TRP H    H N N 324 
TRP H2   H N N 325 
TRP HA   H N N 326 
TRP HB2  H N N 327 
TRP HB3  H N N 328 
TRP HD1  H N N 329 
TRP HE1  H N N 330 
TRP HE3  H N N 331 
TRP HZ2  H N N 332 
TRP HZ3  H N N 333 
TRP HH2  H N N 334 
TRP HXT  H N N 335 
TYR N    N N N 336 
TYR CA   C N S 337 
TYR C    C N N 338 
TYR O    O N N 339 
TYR CB   C N N 340 
TYR CG   C Y N 341 
TYR CD1  C Y N 342 
TYR CD2  C Y N 343 
TYR CE1  C Y N 344 
TYR CE2  C Y N 345 
TYR CZ   C Y N 346 
TYR OH   O N N 347 
TYR OXT  O N N 348 
TYR H    H N N 349 
TYR H2   H N N 350 
TYR HA   H N N 351 
TYR HB2  H N N 352 
TYR HB3  H N N 353 
TYR HD1  H N N 354 
TYR HD2  H N N 355 
TYR HE1  H N N 356 
TYR HE2  H N N 357 
TYR HH   H N N 358 
TYR HXT  H N N 359 
VAL N    N N N 360 
VAL CA   C N S 361 
VAL C    C N N 362 
VAL O    O N N 363 
VAL CB   C N N 364 
VAL CG1  C N N 365 
VAL CG2  C N N 366 
VAL OXT  O N N 367 
VAL H    H N N 368 
VAL H2   H N N 369 
VAL HA   H N N 370 
VAL HB   H N N 371 
VAL HG11 H N N 372 
VAL HG12 H N N 373 
VAL HG13 H N N 374 
VAL HG21 H N N 375 
VAL HG22 H N N 376 
VAL HG23 H N N 377 
VAL HXT  H N N 378 
# 
loop_
_chem_comp_bond.comp_id 
_chem_comp_bond.atom_id_1 
_chem_comp_bond.atom_id_2 
_chem_comp_bond.value_order 
_chem_comp_bond.pdbx_aromatic_flag 
_chem_comp_bond.pdbx_stereo_config 
_chem_comp_bond.pdbx_ordinal 
ALA N   CA   sing N N 1   
ALA N   H    sing N N 2   
ALA N   H2   sing N N 3   
ALA CA  C    sing N N 4   
ALA CA  CB   sing N N 5   
ALA CA  HA   sing N N 6   
ALA C   O    doub N N 7   
ALA C   OXT  sing N N 8   
ALA CB  HB1  sing N N 9   
ALA CB  HB2  sing N N 10  
ALA CB  HB3  sing N N 11  
ALA OXT HXT  sing N N 12  
ARG N   CA   sing N N 13  
ARG N   H    sing N N 14  
ARG N   H2   sing N N 15  
ARG CA  C    sing N N 16  
ARG CA  CB   sing N N 17  
ARG CA  HA   sing N N 18  
ARG C   O    doub N N 19  
ARG C   OXT  sing N N 20  
ARG CB  CG   sing N N 21  
ARG CB  HB2  sing N N 22  
ARG CB  HB3  sing N N 23  
ARG CG  CD   sing N N 24  
ARG CG  HG2  sing N N 25  
ARG CG  HG3  sing N N 26  
ARG CD  NE   sing N N 27  
ARG CD  HD2  sing N N 28  
ARG CD  HD3  sing N N 29  
ARG NE  CZ   sing N N 30  
ARG NE  HE   sing N N 31  
ARG CZ  NH1  sing N N 32  
ARG CZ  NH2  doub N N 33  
ARG NH1 HH11 sing N N 34  
ARG NH1 HH12 sing N N 35  
ARG NH2 HH21 sing N N 36  
ARG NH2 HH22 sing N N 37  
ARG OXT HXT  sing N N 38  
ASN N   CA   sing N N 39  
ASN N   H    sing N N 40  
ASN N   H2   sing N N 41  
ASN CA  C    sing N N 42  
ASN CA  CB   sing N N 43  
ASN CA  HA   sing N N 44  
ASN C   O    doub N N 45  
ASN C   OXT  sing N N 46  
ASN CB  CG   sing N N 47  
ASN CB  HB2  sing N N 48  
ASN CB  HB3  sing N N 49  
ASN CG  OD1  doub N N 50  
ASN CG  ND2  sing N N 51  
ASN ND2 HD21 sing N N 52  
ASN ND2 HD22 sing N N 53  
ASN OXT HXT  sing N N 54  
ASP N   CA   sing N N 55  
ASP N   H    sing N N 56  
ASP N   H2   sing N N 57  
ASP CA  C    sing N N 58  
ASP CA  CB   sing N N 59  
ASP CA  HA   sing N N 60  
ASP C   O    doub N N 61  
ASP C   OXT  sing N N 62  
ASP CB  CG   sing N N 63  
ASP CB  HB2  sing N N 64  
ASP CB  HB3  sing N N 65  
ASP CG  OD1  doub N N 66  
ASP CG  OD2  sing N N 67  
ASP OD2 HD2  sing N N 68  
ASP OXT HXT  sing N N 69  
CYS N   CA   sing N N 70  
CYS N   H    sing N N 71  
CYS N   H2   sing N N 72  
CYS CA  C    sing N N 73  
CYS CA  CB   sing N N 74  
CYS CA  HA   sing N N 75  
CYS C   O    doub N N 76  
CYS C   OXT  sing N N 77  
CYS CB  SG   sing N N 78  
CYS CB  HB2  sing N N 79  
CYS CB  HB3  sing N N 80  
CYS SG  HG   sing N N 81  
CYS OXT HXT  sing N N 82  
GLN N   CA   sing N N 83  
GLN N   H    sing N N 84  
GLN N   H2   sing N N 85  
GLN CA  C    sing N N 86  
GLN CA  CB   sing N N 87  
GLN CA  HA   sing N N 88  
GLN C   O    doub N N 89  
GLN C   OXT  sing N N 90  
GLN CB  CG   sing N N 91  
GLN CB  HB2  sing N N 92  
GLN CB  HB3  sing N N 93  
GLN CG  CD   sing N N 94  
GLN CG  HG2  sing N N 95  
GLN CG  HG3  sing N N 96  
GLN CD  OE1  doub N N 97  
GLN CD  NE2  sing N N 98  
GLN NE2 HE21 sing N N 99  
GLN NE2 HE22 sing N N 100 
GLN OXT HXT  sing N N 101 
GLU N   CA   sing N N 102 
GLU N   H    sing N N 103 
GLU N   H2   sing N N 104 
GLU CA  C    sing N N 105 
GLU CA  CB   sing N N 106 
GLU CA  HA   sing N N 107 
GLU C   O    doub N N 108 
GLU C   OXT  sing N N 109 
GLU CB  CG   sing N N 110 
GLU CB  HB2  sing N N 111 
GLU CB  HB3  sing N N 112 
GLU CG  CD   sing N N 113 
GLU CG  HG2  sing N N 114 
GLU CG  HG3  sing N N 115 
GLU CD  OE1  doub N N 116 
GLU CD  OE2  sing N N 117 
GLU OE2 HE2  sing N N 118 
GLU OXT HXT  sing N N 119 
GLY N   CA   sing N N 120 
GLY N   H    sing N N 121 
GLY N   H2   sing N N 122 
GLY CA  C    sing N N 123 
GLY CA  HA2  sing N N 124 
GLY CA  HA3  sing N N 125 
GLY C   O    doub N N 126 
GLY C   OXT  sing N N 127 
GLY OXT HXT  sing N N 128 
HIS N   CA   sing N N 129 
HIS N   H    sing N N 130 
HIS N   H2   sing N N 131 
HIS CA  C    sing N N 132 
HIS CA  CB   sing N N 133 
HIS CA  HA   sing N N 134 
HIS C   O    doub N N 135 
HIS C   OXT  sing N N 136 
HIS CB  CG   sing N N 137 
HIS CB  HB2  sing N N 138 
HIS CB  HB3  sing N N 139 
HIS CG  ND1  sing Y N 140 
HIS CG  CD2  doub Y N 141 
HIS ND1 CE1  doub Y N 142 
HIS ND1 HD1  sing N N 143 
HIS CD2 NE2  sing Y N 144 
HIS CD2 HD2  sing N N 145 
HIS CE1 NE2  sing Y N 146 
HIS CE1 HE1  sing N N 147 
HIS NE2 HE2  sing N N 148 
HIS OXT HXT  sing N N 149 
HOH O   H1   sing N N 150 
HOH O   H2   sing N N 151 
ILE N   CA   sing N N 152 
ILE N   H    sing N N 153 
ILE N   H2   sing N N 154 
ILE CA  C    sing N N 155 
ILE CA  CB   sing N N 156 
ILE CA  HA   sing N N 157 
ILE C   O    doub N N 158 
ILE C   OXT  sing N N 159 
ILE CB  CG1  sing N N 160 
ILE CB  CG2  sing N N 161 
ILE CB  HB   sing N N 162 
ILE CG1 CD1  sing N N 163 
ILE CG1 HG12 sing N N 164 
ILE CG1 HG13 sing N N 165 
ILE CG2 HG21 sing N N 166 
ILE CG2 HG22 sing N N 167 
ILE CG2 HG23 sing N N 168 
ILE CD1 HD11 sing N N 169 
ILE CD1 HD12 sing N N 170 
ILE CD1 HD13 sing N N 171 
ILE OXT HXT  sing N N 172 
LEU N   CA   sing N N 173 
LEU N   H    sing N N 174 
LEU N   H2   sing N N 175 
LEU CA  C    sing N N 176 
LEU CA  CB   sing N N 177 
LEU CA  HA   sing N N 178 
LEU C   O    doub N N 179 
LEU C   OXT  sing N N 180 
LEU CB  CG   sing N N 181 
LEU CB  HB2  sing N N 182 
LEU CB  HB3  sing N N 183 
LEU CG  CD1  sing N N 184 
LEU CG  CD2  sing N N 185 
LEU CG  HG   sing N N 186 
LEU CD1 HD11 sing N N 187 
LEU CD1 HD12 sing N N 188 
LEU CD1 HD13 sing N N 189 
LEU CD2 HD21 sing N N 190 
LEU CD2 HD22 sing N N 191 
LEU CD2 HD23 sing N N 192 
LEU OXT HXT  sing N N 193 
LYS N   CA   sing N N 194 
LYS N   H    sing N N 195 
LYS N   H2   sing N N 196 
LYS CA  C    sing N N 197 
LYS CA  CB   sing N N 198 
LYS CA  HA   sing N N 199 
LYS C   O    doub N N 200 
LYS C   OXT  sing N N 201 
LYS CB  CG   sing N N 202 
LYS CB  HB2  sing N N 203 
LYS CB  HB3  sing N N 204 
LYS CG  CD   sing N N 205 
LYS CG  HG2  sing N N 206 
LYS CG  HG3  sing N N 207 
LYS CD  CE   sing N N 208 
LYS CD  HD2  sing N N 209 
LYS CD  HD3  sing N N 210 
LYS CE  NZ   sing N N 211 
LYS CE  HE2  sing N N 212 
LYS CE  HE3  sing N N 213 
LYS NZ  HZ1  sing N N 214 
LYS NZ  HZ2  sing N N 215 
LYS NZ  HZ3  sing N N 216 
LYS OXT HXT  sing N N 217 
OXD C1  C2   sing N N 218 
OXD C1  O3   doub N N 219 
OXD C1  O5   sing N N 220 
OXD C2  O4   doub N N 221 
OXD C2  O6   sing N N 222 
OXD O5  H5   sing N N 223 
OXD O6  H6   sing N N 224 
PHE N   CA   sing N N 225 
PHE N   H    sing N N 226 
PHE N   H2   sing N N 227 
PHE CA  C    sing N N 228 
PHE CA  CB   sing N N 229 
PHE CA  HA   sing N N 230 
PHE C   O    doub N N 231 
PHE C   OXT  sing N N 232 
PHE CB  CG   sing N N 233 
PHE CB  HB2  sing N N 234 
PHE CB  HB3  sing N N 235 
PHE CG  CD1  doub Y N 236 
PHE CG  CD2  sing Y N 237 
PHE CD1 CE1  sing Y N 238 
PHE CD1 HD1  sing N N 239 
PHE CD2 CE2  doub Y N 240 
PHE CD2 HD2  sing N N 241 
PHE CE1 CZ   doub Y N 242 
PHE CE1 HE1  sing N N 243 
PHE CE2 CZ   sing Y N 244 
PHE CE2 HE2  sing N N 245 
PHE CZ  HZ   sing N N 246 
PHE OXT HXT  sing N N 247 
PRO N   CA   sing N N 248 
PRO N   CD   sing N N 249 
PRO N   H    sing N N 250 
PRO CA  C    sing N N 251 
PRO CA  CB   sing N N 252 
PRO CA  HA   sing N N 253 
PRO C   O    doub N N 254 
PRO C   OXT  sing N N 255 
PRO CB  CG   sing N N 256 
PRO CB  HB2  sing N N 257 
PRO CB  HB3  sing N N 258 
PRO CG  CD   sing N N 259 
PRO CG  HG2  sing N N 260 
PRO CG  HG3  sing N N 261 
PRO CD  HD2  sing N N 262 
PRO CD  HD3  sing N N 263 
PRO OXT HXT  sing N N 264 
SER N   CA   sing N N 265 
SER N   H    sing N N 266 
SER N   H2   sing N N 267 
SER CA  C    sing N N 268 
SER CA  CB   sing N N 269 
SER CA  HA   sing N N 270 
SER C   O    doub N N 271 
SER C   OXT  sing N N 272 
SER CB  OG   sing N N 273 
SER CB  HB2  sing N N 274 
SER CB  HB3  sing N N 275 
SER OG  HG   sing N N 276 
SER OXT HXT  sing N N 277 
THR N   CA   sing N N 278 
THR N   H    sing N N 279 
THR N   H2   sing N N 280 
THR CA  C    sing N N 281 
THR CA  CB   sing N N 282 
THR CA  HA   sing N N 283 
THR C   O    doub N N 284 
THR C   OXT  sing N N 285 
THR CB  OG1  sing N N 286 
THR CB  CG2  sing N N 287 
THR CB  HB   sing N N 288 
THR OG1 HG1  sing N N 289 
THR CG2 HG21 sing N N 290 
THR CG2 HG22 sing N N 291 
THR CG2 HG23 sing N N 292 
THR OXT HXT  sing N N 293 
TRP N   CA   sing N N 294 
TRP N   H    sing N N 295 
TRP N   H2   sing N N 296 
TRP CA  C    sing N N 297 
TRP CA  CB   sing N N 298 
TRP CA  HA   sing N N 299 
TRP C   O    doub N N 300 
TRP C   OXT  sing N N 301 
TRP CB  CG   sing N N 302 
TRP CB  HB2  sing N N 303 
TRP CB  HB3  sing N N 304 
TRP CG  CD1  doub Y N 305 
TRP CG  CD2  sing Y N 306 
TRP CD1 NE1  sing Y N 307 
TRP CD1 HD1  sing N N 308 
TRP CD2 CE2  doub Y N 309 
TRP CD2 CE3  sing Y N 310 
TRP NE1 CE2  sing Y N 311 
TRP NE1 HE1  sing N N 312 
TRP CE2 CZ2  sing Y N 313 
TRP CE3 CZ3  doub Y N 314 
TRP CE3 HE3  sing N N 315 
TRP CZ2 CH2  doub Y N 316 
TRP CZ2 HZ2  sing N N 317 
TRP CZ3 CH2  sing Y N 318 
TRP CZ3 HZ3  sing N N 319 
TRP CH2 HH2  sing N N 320 
TRP OXT HXT  sing N N 321 
TYR N   CA   sing N N 322 
TYR N   H    sing N N 323 
TYR N   H2   sing N N 324 
TYR CA  C    sing N N 325 
TYR CA  CB   sing N N 326 
TYR CA  HA   sing N N 327 
TYR C   O    doub N N 328 
TYR C   OXT  sing N N 329 
TYR CB  CG   sing N N 330 
TYR CB  HB2  sing N N 331 
TYR CB  HB3  sing N N 332 
TYR CG  CD1  doub Y N 333 
TYR CG  CD2  sing Y N 334 
TYR CD1 CE1  sing Y N 335 
TYR CD1 HD1  sing N N 336 
TYR CD2 CE2  doub Y N 337 
TYR CD2 HD2  sing N N 338 
TYR CE1 CZ   doub Y N 339 
TYR CE1 HE1  sing N N 340 
TYR CE2 CZ   sing Y N 341 
TYR CE2 HE2  sing N N 342 
TYR CZ  OH   sing N N 343 
TYR OH  HH   sing N N 344 
TYR OXT HXT  sing N N 345 
VAL N   CA   sing N N 346 
VAL N   H    sing N N 347 
VAL N   H2   sing N N 348 
VAL CA  C    sing N N 349 
VAL CA  CB   sing N N 350 
VAL CA  HA   sing N N 351 
VAL C   O    doub N N 352 
VAL C   OXT  sing N N 353 
VAL CB  CG1  sing N N 354 
VAL CB  CG2  sing N N 355 
VAL CB  HB   sing N N 356 
VAL CG1 HG11 sing N N 357 
VAL CG1 HG12 sing N N 358 
VAL CG1 HG13 sing N N 359 
VAL CG2 HG21 sing N N 360 
VAL CG2 HG22 sing N N 361 
VAL CG2 HG23 sing N N 362 
VAL OXT HXT  sing N N 363 
# 
loop_
_pdbx_entity_nonpoly.entity_id 
_pdbx_entity_nonpoly.name 
_pdbx_entity_nonpoly.comp_id 
2 'OXALIC ACID' OXD 
3 water         HOH 
# 
_pdbx_initial_refinement_model.id               1 
_pdbx_initial_refinement_model.entity_id_list   ? 
_pdbx_initial_refinement_model.type             'experimental model' 
_pdbx_initial_refinement_model.source_name      PDB 
_pdbx_initial_refinement_model.accession_code   1SHD 
_pdbx_initial_refinement_model.details          ? 
# 
